data_6B0J
#
_entry.id   6B0J
#
_cell.length_a   123.390
_cell.length_b   123.390
_cell.length_c   240.110
_cell.angle_alpha   90.000
_cell.angle_beta   90.000
_cell.angle_gamma   90.000
#
_symmetry.space_group_name_H-M   'P 43 21 2'
#
loop_
_entity.id
_entity.type
_entity.pdbx_description
1 polymer 'Iota-carrageenan sulfatase'
2 branched 4-O-sulfo-beta-D-galactopyranose-(1-4)-3,6-anhydro-2-O-sulfo-alpha-D-galactopyranose-(1-3)-4-O-sulfo-beta-D-galactopyranose
3 branched 3,6-anhydro-2-O-sulfo-alpha-D-galactopyranose-(1-3)-4-O-sulfo-beta-D-galactopyranose
4 non-polymer 'CALCIUM ION'
5 non-polymer 4-O-sulfo-beta-D-galactopyranose
6 non-polymer 3,6-anhydro-D-galactose
7 non-polymer 1,2-ETHANEDIOL
8 non-polymer 2-AMINO-2-HYDROXYMETHYL-PROPANE-1,3-DIOL
9 non-polymer ARGININE
10 water water
#
_entity_poly.entity_id   1
_entity_poly.type   'polypeptide(L)'
_entity_poly.pdbx_seq_one_letter_code
;QKPNIILIVADDLGYADVGFNGSKDIITPNIDDLAKSGTSFSDAYVAHPFSGPSRAALMTGRYPHKIGSQFNLPTRGSNV
GVPTDAKFISKLLNENNYFTGALGKWHMGDTPQHHPNKRGFDEYYGFLGGGHNYFPDQYQPQYKKQKAQGLKNIFEYITP
LEHNGKEVKETQYITDALSREAVNFVDKAVNKKHPFFLYLAYNAPHTPLQAKDEDMAMFPNIKNKDRKTYAGMVYAVDRG
VGKLVEALKKNNQYDNTLIVFMSDNGGKLSKGANNFPLKAGKGSTQEGGFRVPMLFHWPKHVPAGKRFSHPVSALDLYPT
FAALAGAKVEENQHLDGTNMWPAFIKNENPHKDEPIYALRHRKGYSDAAIRMNQWKALKVNQQPWQLFNIENDISEKHDV
SKSNKALLTDMVREMEKWSWDNQQPSWFHETTEGVNWRLDAMPRFDKTFKTT
;
_entity_poly.pdbx_strand_id   A,B,C
#
loop_
_chem_comp.id
_chem_comp.type
_chem_comp.name
_chem_comp.formula
9RN non-polymer 3,6-anhydro-D-galactose 'C6 H10 O5'
CA non-polymer 'CALCIUM ION' 'Ca 2'
DGS D-saccharide, alpha linking 3,6-anhydro-2-O-sulfo-alpha-D-galactopyranose 'C6 H10 O8 S'
EDO non-polymer 1,2-ETHANEDIOL 'C2 H6 O2'
G4S D-saccharide, beta linking 4-O-sulfo-beta-D-galactopyranose 'C6 H12 O9 S'
TRS non-polymer 2-AMINO-2-HYDROXYMETHYL-PROPANE-1,3-DIOL 'C4 H12 N O3 1'
#
# COMPACT_ATOMS: atom_id res chain seq x y z
N GLN A 1 -39.85 15.40 -5.66
CA GLN A 1 -39.03 16.35 -4.83
C GLN A 1 -38.13 15.57 -3.85
N LYS A 2 -36.82 15.58 -4.11
CA LYS A 2 -35.85 14.92 -3.24
C LYS A 2 -35.73 15.69 -1.91
N PRO A 3 -35.64 14.96 -0.78
CA PRO A 3 -35.61 15.63 0.51
C PRO A 3 -34.27 16.29 0.84
N ASN A 4 -34.32 17.36 1.63
CA ASN A 4 -33.11 17.91 2.23
C ASN A 4 -32.72 16.98 3.38
N ILE A 5 -31.44 17.00 3.76
CA ILE A 5 -30.93 16.14 4.82
C ILE A 5 -30.02 16.96 5.72
N ILE A 6 -30.21 16.84 7.04
CA ILE A 6 -29.35 17.52 8.02
C ILE A 6 -28.85 16.49 9.02
N LEU A 7 -27.53 16.35 9.13
CA LEU A 7 -26.90 15.47 10.10
C LEU A 7 -26.28 16.37 11.17
N ILE A 8 -26.90 16.36 12.36
CA ILE A 8 -26.38 17.12 13.49
C ILE A 8 -25.66 16.15 14.43
N VAL A 9 -24.38 16.40 14.65
CA VAL A 9 -23.55 15.54 15.51
C VAL A 9 -22.99 16.39 16.64
N ALA A 10 -23.30 15.99 17.88
CA ALA A 10 -22.67 16.56 19.06
C ALA A 10 -21.44 15.74 19.40
N ASP A 11 -20.55 16.31 20.22
CA ASP A 11 -19.22 15.76 20.46
C ASP A 11 -19.04 15.41 21.94
N ASP A 12 -18.94 14.12 22.24
CA ASP A 12 -18.88 13.58 23.61
C ASP A 12 -20.20 13.76 24.40
N LEU A 13 -21.33 13.84 23.69
CA LEU A 13 -22.63 13.93 24.35
C LEU A 13 -22.97 12.60 25.03
N GLY A 14 -23.17 12.65 26.35
CA GLY A 14 -23.52 11.46 27.12
C GLY A 14 -24.91 10.93 26.81
N TYR A 15 -25.10 9.64 27.10
CA TYR A 15 -26.32 8.91 26.73
C TYR A 15 -27.58 9.42 27.44
N ALA A 16 -27.42 9.96 28.64
CA ALA A 16 -28.53 10.46 29.45
C ALA A 16 -28.57 11.99 29.53
N ASP A 17 -28.01 12.67 28.53
CA ASP A 17 -27.80 14.12 28.60
C ASP A 17 -28.69 14.95 27.67
N VAL A 18 -29.68 14.28 27.09
CA VAL A 18 -30.78 14.92 26.38
C VAL A 18 -32.07 14.33 26.96
N GLY A 19 -33.11 15.18 27.06
CA GLY A 19 -34.36 14.80 27.71
C GLY A 19 -35.01 13.56 27.11
N PHE A 20 -35.05 13.48 25.79
CA PHE A 20 -35.66 12.35 25.08
C PHE A 20 -34.96 11.01 25.29
N ASN A 21 -33.69 11.03 25.73
CA ASN A 21 -32.97 9.79 26.09
C ASN A 21 -32.78 9.59 27.60
N GLY A 22 -33.62 10.25 28.41
CA GLY A 22 -33.72 9.98 29.85
C GLY A 22 -33.11 10.99 30.80
N SER A 23 -32.70 12.16 30.33
CA SER A 23 -32.09 13.17 31.20
C SER A 23 -33.12 13.72 32.20
N LYS A 24 -32.77 13.69 33.47
CA LYS A 24 -33.60 14.24 34.54
C LYS A 24 -33.14 15.64 34.99
N ASP A 25 -31.95 16.08 34.58
CA ASP A 25 -31.40 17.38 35.02
C ASP A 25 -31.08 18.37 33.89
N ILE A 26 -30.53 17.88 32.78
CA ILE A 26 -30.30 18.75 31.62
C ILE A 26 -31.60 18.79 30.81
N ILE A 27 -31.96 19.99 30.36
CA ILE A 27 -33.27 20.22 29.76
C ILE A 27 -33.00 20.64 28.33
N THR A 28 -33.60 19.91 27.38
CA THR A 28 -33.30 20.09 25.96
C THR A 28 -34.62 20.17 25.18
N PRO A 29 -35.36 21.28 25.33
CA PRO A 29 -36.72 21.33 24.77
C PRO A 29 -36.81 21.26 23.24
N ASN A 30 -35.95 22.00 22.53
CA ASN A 30 -35.98 22.00 21.05
C ASN A 30 -35.55 20.68 20.42
N ILE A 31 -34.54 20.03 21.02
CA ILE A 31 -34.12 18.71 20.58
C ILE A 31 -35.23 17.69 20.91
N ASP A 32 -35.80 17.80 22.11
CA ASP A 32 -36.94 16.96 22.50
C ASP A 32 -38.17 17.14 21.60
N ASP A 33 -38.41 18.35 21.07
CA ASP A 33 -39.50 18.57 20.11
C ASP A 33 -39.34 17.67 18.90
N LEU A 34 -38.12 17.63 18.36
CA LEU A 34 -37.81 16.79 17.21
C LEU A 34 -38.05 15.31 17.52
N ALA A 35 -37.70 14.88 18.73
CA ALA A 35 -37.97 13.51 19.18
C ALA A 35 -39.46 13.24 19.32
N LYS A 36 -40.17 14.10 20.06
CA LYS A 36 -41.61 13.92 20.31
C LYS A 36 -42.44 13.86 19.01
N SER A 37 -42.03 14.62 17.99
CA SER A 37 -42.67 14.57 16.66
C SER A 37 -41.89 13.75 15.60
N GLY A 38 -40.99 12.89 16.07
CA GLY A 38 -40.24 11.97 15.21
C GLY A 38 -39.99 10.65 15.93
N THR A 39 -38.93 9.95 15.52
CA THR A 39 -38.56 8.66 16.10
C THR A 39 -37.17 8.76 16.72
N SER A 40 -37.03 8.32 17.97
CA SER A 40 -35.72 8.14 18.60
C SER A 40 -35.32 6.66 18.57
N PHE A 41 -34.04 6.41 18.85
CA PHE A 41 -33.42 5.10 18.65
C PHE A 41 -32.74 4.64 19.93
N SER A 42 -33.23 3.56 20.52
CA SER A 42 -32.68 3.08 21.78
C SER A 42 -31.43 2.19 21.61
N ASP A 43 -31.17 1.73 20.38
CA ASP A 43 -30.04 0.84 20.12
C ASP A 43 -29.21 1.38 18.94
N ALA A 44 -28.81 2.64 19.02
CA ALA A 44 -28.04 3.30 17.96
C ALA A 44 -26.54 3.26 18.31
N TYR A 45 -25.72 2.80 17.37
CA TYR A 45 -24.31 2.59 17.59
C TYR A 45 -23.44 3.35 16.60
N VAL A 46 -22.41 4.02 17.09
CA VAL A 46 -21.39 4.60 16.20
C VAL A 46 -20.33 3.53 15.90
N ALA A 47 -19.55 3.78 14.85
CA ALA A 47 -18.60 2.79 14.34
C ALA A 47 -17.31 2.68 15.16
N HIS A 48 -17.09 3.63 16.08
CA HIS A 48 -15.90 3.65 16.94
C HIS A 48 -16.19 4.47 18.19
N PRO A 49 -15.61 4.10 19.34
CA PRO A 49 -15.93 4.83 20.57
C PRO A 49 -15.19 6.16 20.80
N PHE A 50 -14.61 6.74 19.74
CA PHE A 50 -14.14 8.13 19.80
C PHE A 50 -14.11 8.80 18.42
N SER A 51 -13.78 10.10 18.42
CA SER A 51 -14.17 11.06 17.37
C SER A 51 -13.77 10.80 15.93
N GLY A 52 -12.47 10.80 15.67
CA GLY A 52 -11.93 10.79 14.29
C GLY A 52 -12.41 9.60 13.48
N PRO A 53 -12.24 8.39 14.02
CA PRO A 53 -12.69 7.19 13.30
C PRO A 53 -14.21 7.10 13.16
N SER A 54 -14.95 7.54 14.18
CA SER A 54 -16.41 7.61 14.12
C SER A 54 -16.85 8.53 13.00
N ARG A 55 -16.23 9.71 12.93
CA ARG A 55 -16.58 10.70 11.90
C ARG A 55 -16.19 10.23 10.50
N ALA A 56 -15.05 9.56 10.38
CA ALA A 56 -14.64 8.95 9.12
C ALA A 56 -15.69 7.93 8.64
N ALA A 57 -16.19 7.15 9.58
CA ALA A 57 -17.22 6.15 9.29
C ALA A 57 -18.53 6.76 8.84
N LEU A 58 -18.95 7.84 9.51
CA LEU A 58 -20.16 8.58 9.11
C LEU A 58 -20.08 9.08 7.67
N MET A 59 -18.94 9.69 7.34
CA MET A 59 -18.73 10.28 6.03
C MET A 59 -18.55 9.25 4.93
N THR A 60 -17.83 8.16 5.20
CA THR A 60 -17.48 7.16 4.18
C THR A 60 -18.45 5.97 4.12
N GLY A 61 -19.19 5.74 5.19
CA GLY A 61 -20.02 4.54 5.30
C GLY A 61 -19.22 3.26 5.44
N ARG A 62 -17.99 3.35 5.90
CA ARG A 62 -17.16 2.19 6.11
C ARG A 62 -16.54 2.23 7.47
N TYR A 63 -16.34 1.05 8.04
CA TYR A 63 -15.62 0.95 9.30
C TYR A 63 -14.25 1.62 9.11
N PRO A 64 -13.83 2.48 10.06
CA PRO A 64 -12.56 3.20 9.88
C PRO A 64 -11.30 2.32 9.78
N HIS A 65 -11.40 1.08 10.24
CA HIS A 65 -10.32 0.10 10.16
C HIS A 65 -10.05 -0.31 8.72
N LYS A 66 -11.10 -0.29 7.90
CA LYS A 66 -10.97 -0.62 6.48
C LYS A 66 -10.18 0.40 5.68
N ILE A 67 -10.07 1.64 6.19
CA ILE A 67 -9.45 2.73 5.45
C ILE A 67 -8.34 3.39 6.27
N GLY A 68 -7.69 2.60 7.11
CA GLY A 68 -6.51 3.05 7.86
C GLY A 68 -6.72 4.22 8.81
N SER A 69 -7.96 4.41 9.28
CA SER A 69 -8.33 5.57 10.09
C SER A 69 -8.82 5.19 11.49
N GLN A 70 -8.17 4.20 12.12
CA GLN A 70 -8.58 3.67 13.43
C GLN A 70 -8.19 4.54 14.59
N PHE A 71 -7.37 5.56 14.36
CA PHE A 71 -6.91 6.46 15.42
C PHE A 71 -7.26 7.90 15.08
N ASN A 72 -7.34 8.75 16.10
CA ASN A 72 -7.45 10.19 15.88
C ASN A 72 -6.19 10.69 15.19
N LEU A 73 -6.34 11.74 14.38
CA LEU A 73 -5.21 12.36 13.72
C LEU A 73 -4.25 12.96 14.75
N PRO A 74 -2.96 13.11 14.39
CA PRO A 74 -1.97 13.72 15.29
C PRO A 74 -2.45 15.02 15.95
N THR A 75 -2.36 15.09 17.27
CA THR A 75 -2.92 16.20 18.05
C THR A 75 -2.30 17.56 17.71
N ARG A 76 -1.01 17.58 17.37
CA ARG A 76 -0.29 18.82 16.98
C ARG A 76 -0.20 19.07 15.47
N GLY A 77 -1.07 18.41 14.68
CA GLY A 77 -1.16 18.66 13.25
C GLY A 77 -0.40 17.64 12.40
N SER A 78 -0.83 17.52 11.15
CA SER A 78 -0.28 16.54 10.22
C SER A 78 -0.68 16.88 8.79
N ASN A 79 -0.05 16.19 7.84
CA ASN A 79 -0.35 16.31 6.41
C ASN A 79 -1.10 15.07 5.90
N VAL A 80 -1.83 14.39 6.78
CA VAL A 80 -2.58 13.18 6.42
C VAL A 80 -4.06 13.34 6.75
N GLY A 81 -4.88 12.41 6.26
CA GLY A 81 -6.30 12.42 6.52
C GLY A 81 -7.04 11.20 5.97
N VAL A 82 -8.34 11.19 6.18
CA VAL A 82 -9.21 10.10 5.72
C VAL A 82 -8.99 9.98 4.22
N PRO A 83 -8.65 8.77 3.73
CA PRO A 83 -8.18 8.68 2.34
C PRO A 83 -9.16 9.23 1.30
N THR A 84 -8.60 9.90 0.29
CA THR A 84 -9.39 10.55 -0.77
C THR A 84 -10.15 9.60 -1.69
N ASP A 85 -9.71 8.35 -1.78
CA ASP A 85 -10.38 7.35 -2.64
C ASP A 85 -11.69 6.77 -2.06
N ALA A 86 -12.01 7.11 -0.80
CA ALA A 86 -13.30 6.75 -0.20
C ALA A 86 -14.27 7.93 -0.28
N LYS A 87 -15.18 7.87 -1.25
CA LYS A 87 -16.09 8.97 -1.54
C LYS A 87 -16.99 9.31 -0.34
N PHE A 88 -16.92 10.56 0.14
CA PHE A 88 -17.77 11.04 1.24
C PHE A 88 -19.23 11.15 0.81
N ILE A 89 -20.15 10.90 1.75
CA ILE A 89 -21.60 11.05 1.50
C ILE A 89 -21.94 12.41 0.91
N SER A 90 -21.23 13.45 1.35
CA SER A 90 -21.38 14.80 0.82
C SER A 90 -21.05 14.91 -0.65
N LYS A 91 -19.95 14.30 -1.10
CA LYS A 91 -19.58 14.32 -2.52
C LYS A 91 -20.62 13.57 -3.36
N LEU A 92 -21.09 12.43 -2.88
CA LEU A 92 -22.10 11.65 -3.61
C LEU A 92 -23.36 12.47 -3.80
N LEU A 93 -23.81 13.13 -2.73
CA LEU A 93 -25.00 13.98 -2.82
C LEU A 93 -24.75 15.19 -3.72
N ASN A 94 -23.58 15.81 -3.61
CA ASN A 94 -23.19 16.94 -4.48
C ASN A 94 -23.24 16.55 -5.98
N GLU A 95 -22.79 15.33 -6.28
CA GLU A 95 -22.83 14.79 -7.65
C GLU A 95 -24.25 14.48 -8.14
N ASN A 96 -25.18 14.29 -7.21
CA ASN A 96 -26.61 14.13 -7.52
C ASN A 96 -27.39 15.41 -7.18
N ASN A 97 -26.80 16.56 -7.49
CA ASN A 97 -27.48 17.87 -7.48
C ASN A 97 -27.71 18.56 -6.12
N TYR A 98 -27.16 18.04 -5.02
CA TYR A 98 -27.34 18.68 -3.70
C TYR A 98 -26.40 19.87 -3.47
N PHE A 99 -26.95 20.95 -2.91
CA PHE A 99 -26.16 22.03 -2.31
C PHE A 99 -25.66 21.55 -0.95
N THR A 100 -24.34 21.62 -0.70
CA THR A 100 -23.74 20.95 0.46
C THR A 100 -22.98 21.89 1.38
N GLY A 101 -23.22 21.76 2.69
CA GLY A 101 -22.52 22.56 3.69
C GLY A 101 -22.02 21.71 4.85
N ALA A 102 -20.88 22.10 5.42
CA ALA A 102 -20.36 21.47 6.62
C ALA A 102 -19.98 22.54 7.60
N LEU A 103 -20.33 22.37 8.87
CA LEU A 103 -20.09 23.39 9.87
C LEU A 103 -19.43 22.80 11.11
N GLY A 104 -18.45 23.53 11.63
CA GLY A 104 -17.83 23.21 12.91
C GLY A 104 -16.65 22.27 12.79
N LYS A 105 -16.67 21.22 13.62
CA LYS A 105 -15.57 20.28 13.74
C LYS A 105 -15.43 19.39 12.52
N TRP A 106 -14.20 19.24 12.03
CA TRP A 106 -13.88 18.37 10.90
C TRP A 106 -13.20 17.11 11.43
N HIS A 107 -11.93 17.23 11.85
CA HIS A 107 -11.17 16.10 12.43
C HIS A 107 -10.95 14.95 11.44
N MET A 108 -10.86 15.27 10.15
CA MET A 108 -10.65 14.28 9.09
C MET A 108 -9.56 14.69 8.06
N GLY A 109 -8.76 15.72 8.36
CA GLY A 109 -7.61 16.11 7.55
C GLY A 109 -7.51 17.60 7.22
N ASP A 110 -6.34 18.20 7.50
CA ASP A 110 -6.07 19.64 7.32
C ASP A 110 -5.72 20.04 5.87
N THR A 111 -5.13 19.12 5.11
CA THR A 111 -4.48 19.49 3.83
C THR A 111 -5.50 19.80 2.71
N PRO A 112 -5.05 20.47 1.62
CA PRO A 112 -5.96 20.82 0.53
C PRO A 112 -6.87 19.70 0.03
N GLN A 113 -6.30 18.53 -0.27
CA GLN A 113 -7.09 17.40 -0.79
C GLN A 113 -8.02 16.74 0.26
N HIS A 114 -7.70 16.91 1.56
CA HIS A 114 -8.56 16.43 2.66
C HIS A 114 -9.56 17.46 3.20
N HIS A 115 -9.49 18.70 2.70
CA HIS A 115 -10.31 19.81 3.15
C HIS A 115 -11.78 19.59 2.77
N PRO A 116 -12.74 20.06 3.60
CA PRO A 116 -14.16 19.93 3.29
C PRO A 116 -14.58 20.30 1.86
N ASN A 117 -13.99 21.36 1.30
CA ASN A 117 -14.30 21.81 -0.06
C ASN A 117 -13.86 20.83 -1.17
N LYS A 118 -12.88 19.97 -0.88
CA LYS A 118 -12.49 18.91 -1.80
C LYS A 118 -13.12 17.56 -1.44
N ARG A 119 -13.78 17.48 -0.28
CA ARG A 119 -14.61 16.30 0.08
C ARG A 119 -16.11 16.55 -0.14
N GLY A 120 -16.45 17.42 -1.08
CA GLY A 120 -17.84 17.54 -1.58
C GLY A 120 -18.77 18.50 -0.85
N PHE A 121 -18.21 19.43 -0.09
CA PHE A 121 -19.00 20.47 0.60
C PHE A 121 -18.78 21.80 -0.10
N ASP A 122 -19.85 22.38 -0.65
CA ASP A 122 -19.78 23.70 -1.27
C ASP A 122 -19.39 24.75 -0.21
N GLU A 123 -19.99 24.64 0.98
CA GLU A 123 -19.70 25.56 2.09
C GLU A 123 -19.03 24.85 3.26
N TYR A 124 -18.08 25.53 3.89
CA TYR A 124 -17.53 25.09 5.16
C TYR A 124 -17.23 26.31 6.01
N TYR A 125 -17.70 26.29 7.26
CA TYR A 125 -17.34 27.30 8.25
C TYR A 125 -17.04 26.57 9.55
N GLY A 126 -15.81 26.65 10.02
CA GLY A 126 -15.45 25.96 11.25
C GLY A 126 -13.97 25.88 11.52
N PHE A 127 -13.59 24.84 12.26
CA PHE A 127 -12.21 24.59 12.68
C PHE A 127 -11.90 23.13 12.30
N LEU A 128 -10.71 22.92 11.73
CA LEU A 128 -10.39 21.64 11.09
C LEU A 128 -9.90 20.52 12.04
N GLY A 129 -9.49 20.89 13.26
CA GLY A 129 -8.96 19.91 14.23
C GLY A 129 -9.97 19.17 15.10
N GLY A 130 -9.49 18.69 16.25
CA GLY A 130 -10.27 17.86 17.17
C GLY A 130 -11.21 18.59 18.10
N GLY A 131 -11.09 19.92 18.14
CA GLY A 131 -11.96 20.75 18.96
C GLY A 131 -11.51 22.19 18.91
N HIS A 132 -12.11 22.99 19.79
CA HIS A 132 -11.80 24.41 19.85
C HIS A 132 -12.23 25.04 21.16
N ASN A 133 -11.49 26.04 21.61
CA ASN A 133 -11.91 26.90 22.71
C ASN A 133 -13.16 27.66 22.26
N TYR A 134 -14.07 27.91 23.21
CA TYR A 134 -15.42 28.38 22.88
C TYR A 134 -15.58 29.91 22.86
N PHE A 135 -14.67 30.65 23.50
CA PHE A 135 -14.80 32.10 23.63
C PHE A 135 -13.71 32.86 22.85
N PRO A 136 -14.08 33.50 21.73
CA PRO A 136 -13.14 34.32 20.97
C PRO A 136 -12.35 35.37 21.77
N ASP A 137 -13.01 36.05 22.72
CA ASP A 137 -12.29 36.98 23.61
C ASP A 137 -11.20 36.31 24.47
N GLN A 138 -11.33 35.01 24.73
CA GLN A 138 -10.27 34.25 25.43
C GLN A 138 -9.20 33.77 24.46
N TYR A 139 -9.58 33.12 23.36
CA TYR A 139 -8.59 32.44 22.50
C TYR A 139 -7.83 33.34 21.51
N GLN A 140 -8.48 34.37 20.98
CA GLN A 140 -7.84 35.25 19.99
C GLN A 140 -6.59 36.00 20.52
N PRO A 141 -6.63 36.52 21.76
CA PRO A 141 -5.41 37.12 22.33
C PRO A 141 -4.25 36.14 22.52
N GLN A 142 -4.55 34.92 22.97
CA GLN A 142 -3.53 33.86 23.10
C GLN A 142 -2.86 33.56 21.75
N TYR A 143 -3.67 33.44 20.69
CA TYR A 143 -3.18 33.15 19.34
C TYR A 143 -2.33 34.30 18.77
N LYS A 144 -2.83 35.53 18.95
CA LYS A 144 -2.14 36.76 18.52
C LYS A 144 -0.75 36.84 19.15
N LYS A 145 -0.67 36.59 20.45
CA LYS A 145 0.60 36.59 21.22
C LYS A 145 1.60 35.57 20.66
N GLN A 146 1.13 34.35 20.42
CA GLN A 146 1.99 33.27 19.93
C GLN A 146 2.41 33.48 18.46
N LYS A 147 1.51 33.94 17.61
CA LYS A 147 1.86 34.27 16.22
C LYS A 147 2.94 35.38 16.17
N ALA A 148 2.78 36.43 16.97
CA ALA A 148 3.77 37.52 17.04
C ALA A 148 5.14 37.08 17.58
N GLN A 149 5.17 36.03 18.40
CA GLN A 149 6.41 35.40 18.86
C GLN A 149 7.12 34.53 17.80
N GLY A 150 6.49 34.33 16.64
CA GLY A 150 7.06 33.56 15.54
C GLY A 150 6.79 32.06 15.57
N LEU A 151 5.96 31.62 16.53
CA LEU A 151 5.64 30.19 16.69
C LEU A 151 4.70 29.78 15.55
N LYS A 152 5.02 28.64 14.94
CA LYS A 152 4.25 28.09 13.83
C LYS A 152 3.37 26.89 14.22
N ASN A 153 3.72 26.19 15.30
CA ASN A 153 2.96 25.03 15.78
C ASN A 153 2.13 25.44 16.98
N ILE A 154 0.96 26.00 16.70
CA ILE A 154 0.10 26.54 17.74
C ILE A 154 -1.06 25.56 17.97
N PHE A 155 -1.36 25.32 19.24
CA PHE A 155 -2.45 24.47 19.66
C PHE A 155 -3.71 24.80 18.86
N GLU A 156 -4.24 23.80 18.15
CA GLU A 156 -5.32 24.02 17.15
C GLU A 156 -6.62 24.56 17.75
N TYR A 157 -6.79 24.43 19.06
CA TYR A 157 -7.97 24.94 19.77
C TYR A 157 -8.08 26.48 19.88
N ILE A 158 -6.96 27.20 19.70
CA ILE A 158 -6.97 28.66 19.71
C ILE A 158 -6.80 29.29 18.32
N THR A 159 -6.62 28.48 17.28
CA THR A 159 -6.39 29.01 15.95
C THR A 159 -7.69 29.57 15.35
N PRO A 160 -7.58 30.54 14.42
CA PRO A 160 -8.78 31.13 13.83
C PRO A 160 -9.64 30.10 13.13
N LEU A 161 -10.95 30.30 13.20
CA LEU A 161 -11.88 29.55 12.37
C LEU A 161 -11.74 30.02 10.94
N GLU A 162 -12.30 29.27 10.01
CA GLU A 162 -12.21 29.61 8.59
C GLU A 162 -13.53 29.44 7.91
N HIS A 163 -13.66 30.09 6.76
CA HIS A 163 -14.79 29.93 5.86
C HIS A 163 -14.21 29.65 4.48
N ASN A 164 -14.46 28.45 3.95
CA ASN A 164 -13.96 28.03 2.64
C ASN A 164 -12.48 28.37 2.40
N GLY A 165 -11.63 28.02 3.36
CA GLY A 165 -10.19 28.23 3.25
C GLY A 165 -9.64 29.59 3.70
N LYS A 166 -10.50 30.60 3.84
CA LYS A 166 -10.09 31.94 4.29
C LYS A 166 -10.39 32.11 5.77
N GLU A 167 -9.38 32.54 6.54
CA GLU A 167 -9.52 32.77 7.98
C GLU A 167 -10.55 33.87 8.29
N VAL A 168 -11.26 33.72 9.41
CA VAL A 168 -12.21 34.74 9.86
C VAL A 168 -11.83 35.17 11.28
N LYS A 169 -12.48 36.21 11.77
CA LYS A 169 -12.40 36.60 13.17
C LYS A 169 -13.81 36.46 13.76
N GLU A 170 -14.03 35.33 14.41
CA GLU A 170 -15.33 35.03 15.03
C GLU A 170 -15.56 35.92 16.24
N THR A 171 -16.81 36.33 16.45
CA THR A 171 -17.18 37.23 17.56
C THR A 171 -17.98 36.56 18.68
N GLN A 172 -18.70 35.49 18.36
CA GLN A 172 -19.62 34.84 19.30
C GLN A 172 -19.08 33.54 19.90
N TYR A 173 -19.72 33.13 21.00
CA TYR A 173 -19.56 31.80 21.60
C TYR A 173 -19.75 30.76 20.50
N ILE A 174 -18.79 29.84 20.39
CA ILE A 174 -18.66 28.99 19.19
C ILE A 174 -19.94 28.19 18.87
N THR A 175 -20.56 27.58 19.86
CA THR A 175 -21.84 26.91 19.64
C THR A 175 -22.86 27.84 18.96
N ASP A 176 -22.95 29.08 19.42
CA ASP A 176 -23.88 30.08 18.84
C ASP A 176 -23.43 30.48 17.44
N ALA A 177 -22.12 30.66 17.26
CA ALA A 177 -21.56 30.97 15.95
C ALA A 177 -21.94 29.91 14.90
N LEU A 178 -21.78 28.65 15.27
CA LEU A 178 -22.08 27.56 14.36
C LEU A 178 -23.57 27.46 14.08
N SER A 179 -24.38 27.76 15.09
CA SER A 179 -25.83 27.79 14.91
C SER A 179 -26.27 28.92 13.93
N ARG A 180 -25.62 30.07 14.02
CA ARG A 180 -25.88 31.19 13.16
C ARG A 180 -25.56 30.82 11.72
N GLU A 181 -24.44 30.14 11.51
CA GLU A 181 -24.04 29.72 10.18
C GLU A 181 -24.92 28.60 9.61
N ALA A 182 -25.54 27.81 10.49
CA ALA A 182 -26.56 26.84 10.04
C ALA A 182 -27.79 27.56 9.46
N VAL A 183 -28.20 28.62 10.14
CA VAL A 183 -29.27 29.49 9.64
C VAL A 183 -28.86 30.13 8.31
N ASN A 184 -27.66 30.69 8.24
CA ASN A 184 -27.14 31.28 7.00
C ASN A 184 -27.14 30.29 5.84
N PHE A 185 -26.73 29.05 6.13
CA PHE A 185 -26.66 28.03 5.09
C PHE A 185 -28.04 27.68 4.52
N VAL A 186 -29.00 27.38 5.39
CA VAL A 186 -30.34 27.01 4.93
C VAL A 186 -31.06 28.22 4.31
N ASP A 187 -30.69 29.43 4.71
CA ASP A 187 -31.17 30.66 4.05
C ASP A 187 -30.62 30.78 2.63
N LYS A 188 -29.32 30.54 2.45
CA LYS A 188 -28.70 30.51 1.11
C LYS A 188 -29.34 29.44 0.21
N ALA A 189 -29.73 28.32 0.83
CA ALA A 189 -30.30 27.18 0.10
C ALA A 189 -31.67 27.45 -0.51
N VAL A 190 -32.42 28.42 0.03
CA VAL A 190 -33.72 28.83 -0.52
C VAL A 190 -33.59 29.27 -1.99
N ASN A 191 -32.59 30.10 -2.27
CA ASN A 191 -32.37 30.66 -3.61
C ASN A 191 -31.89 29.64 -4.66
N LYS A 192 -31.27 28.54 -4.21
CA LYS A 192 -30.85 27.45 -5.11
C LYS A 192 -32.08 26.60 -5.45
N LYS A 193 -32.22 26.17 -6.69
CA LYS A 193 -33.33 25.29 -7.06
C LYS A 193 -32.95 23.82 -6.86
N HIS A 194 -32.37 23.51 -5.69
CA HIS A 194 -31.75 22.21 -5.39
C HIS A 194 -32.07 21.82 -3.94
N PRO A 195 -32.14 20.51 -3.65
CA PRO A 195 -32.16 20.12 -2.24
C PRO A 195 -30.79 20.33 -1.59
N PHE A 196 -30.73 20.35 -0.27
CA PHE A 196 -29.46 20.60 0.45
C PHE A 196 -29.13 19.50 1.45
N PHE A 197 -27.83 19.33 1.67
CA PHE A 197 -27.30 18.47 2.72
C PHE A 197 -26.44 19.34 3.63
N LEU A 198 -26.72 19.29 4.93
CA LEU A 198 -25.95 20.06 5.92
C LEU A 198 -25.40 19.12 6.99
N TYR A 199 -24.08 19.18 7.18
CA TYR A 199 -23.40 18.42 8.24
C TYR A 199 -23.02 19.42 9.34
N LEU A 200 -23.78 19.41 10.43
CA LEU A 200 -23.57 20.35 11.54
C LEU A 200 -22.88 19.63 12.69
N ALA A 201 -21.58 19.88 12.82
CA ALA A 201 -20.72 19.17 13.76
C ALA A 201 -20.33 20.09 14.91
N TYR A 202 -21.14 20.10 15.95
CA TYR A 202 -20.85 20.92 17.15
C TYR A 202 -19.70 20.32 17.91
N ASN A 203 -18.80 21.17 18.44
CA ASN A 203 -17.78 20.66 19.39
C ASN A 203 -18.30 20.49 20.81
N ALA A 204 -19.43 21.13 21.15
CA ALA A 204 -20.06 20.92 22.45
C ALA A 204 -20.67 19.50 22.53
N PRO A 205 -20.60 18.83 23.68
CA PRO A 205 -20.08 19.34 24.96
C PRO A 205 -18.65 18.88 25.28
N HIS A 206 -17.81 18.78 24.25
CA HIS A 206 -16.42 18.33 24.39
C HIS A 206 -15.61 19.38 25.14
N THR A 207 -14.55 18.92 25.82
CA THR A 207 -13.61 19.81 26.52
C THR A 207 -13.03 20.88 25.57
N PRO A 208 -12.61 22.05 26.07
CA PRO A 208 -12.68 22.42 27.48
C PRO A 208 -14.09 22.79 27.92
N LEU A 209 -14.41 22.50 29.17
CA LEU A 209 -15.72 22.81 29.72
C LEU A 209 -15.87 24.33 29.92
N GLN A 210 -16.47 24.96 28.90
CA GLN A 210 -16.65 26.40 28.83
C GLN A 210 -18.07 26.69 28.35
N ALA A 211 -18.89 27.23 29.24
CA ALA A 211 -20.26 27.62 28.94
C ALA A 211 -20.47 29.10 29.20
N LYS A 212 -21.54 29.62 28.60
CA LYS A 212 -21.97 30.98 28.88
C LYS A 212 -22.65 31.02 30.24
N ASP A 213 -22.40 32.08 31.01
CA ASP A 213 -23.11 32.28 32.30
C ASP A 213 -24.64 32.24 32.13
N GLU A 214 -25.13 32.74 31.01
CA GLU A 214 -26.57 32.78 30.71
C GLU A 214 -27.20 31.40 30.57
N ASP A 215 -26.45 30.45 30.04
CA ASP A 215 -26.90 29.04 29.93
C ASP A 215 -26.76 28.28 31.25
N MET A 216 -25.68 28.54 31.98
CA MET A 216 -25.46 27.95 33.32
C MET A 216 -26.49 28.42 34.35
N ALA A 217 -26.97 29.65 34.20
CA ALA A 217 -28.01 30.20 35.07
C ALA A 217 -29.34 29.42 35.01
N MET A 218 -29.58 28.72 33.91
CA MET A 218 -30.78 27.91 33.74
C MET A 218 -30.76 26.59 34.52
N PHE A 219 -29.65 26.26 35.17
CA PHE A 219 -29.54 25.02 35.96
C PHE A 219 -29.07 25.29 37.38
N PRO A 220 -29.86 26.09 38.13
CA PRO A 220 -29.47 26.49 39.48
C PRO A 220 -29.43 25.33 40.48
N ASN A 221 -30.22 24.28 40.26
CA ASN A 221 -30.22 23.11 41.16
C ASN A 221 -29.13 22.07 40.86
N ILE A 222 -28.32 22.29 39.82
CA ILE A 222 -27.13 21.46 39.57
C ILE A 222 -25.95 22.06 40.33
N LYS A 223 -25.53 21.36 41.38
CA LYS A 223 -24.53 21.83 42.34
C LYS A 223 -23.09 21.59 41.87
N ASN A 224 -22.83 20.43 41.23
CA ASN A 224 -21.51 20.09 40.69
C ASN A 224 -21.09 21.04 39.56
N LYS A 225 -19.92 21.67 39.73
CA LYS A 225 -19.43 22.75 38.85
C LYS A 225 -19.30 22.28 37.40
N ASP A 226 -18.66 21.13 37.22
CA ASP A 226 -18.47 20.55 35.87
C ASP A 226 -19.79 20.17 35.22
N ARG A 227 -20.68 19.58 36.01
CA ARG A 227 -21.99 19.17 35.50
C ARG A 227 -22.85 20.35 35.10
N LYS A 228 -22.73 21.46 35.83
CA LYS A 228 -23.46 22.70 35.52
C LYS A 228 -22.92 23.34 34.24
N THR A 229 -21.60 23.43 34.13
CA THR A 229 -20.95 23.93 32.91
C THR A 229 -21.34 23.06 31.72
N TYR A 230 -21.23 21.75 31.89
CA TYR A 230 -21.61 20.78 30.86
C TYR A 230 -23.08 20.93 30.45
N ALA A 231 -23.95 21.07 31.44
CA ALA A 231 -25.40 21.28 31.21
C ALA A 231 -25.65 22.54 30.38
N GLY A 232 -24.97 23.62 30.76
CA GLY A 232 -25.00 24.86 30.00
C GLY A 232 -24.57 24.68 28.55
N MET A 233 -23.47 23.96 28.35
CA MET A 233 -22.94 23.72 27.00
C MET A 233 -23.95 22.99 26.12
N VAL A 234 -24.61 21.99 26.70
CA VAL A 234 -25.64 21.21 26.02
C VAL A 234 -26.87 22.08 25.73
N TYR A 235 -27.25 22.93 26.69
CA TYR A 235 -28.37 23.86 26.49
C TYR A 235 -28.10 24.79 25.32
N ALA A 236 -26.86 25.22 25.14
CA ALA A 236 -26.48 26.05 23.99
C ALA A 236 -26.74 25.33 22.67
N VAL A 237 -26.44 24.03 22.62
CA VAL A 237 -26.71 23.22 21.43
C VAL A 237 -28.22 23.16 21.19
N ASP A 238 -28.99 22.95 22.26
CA ASP A 238 -30.45 22.95 22.15
C ASP A 238 -31.00 24.26 21.60
N ARG A 239 -30.51 25.39 22.10
CA ARG A 239 -30.90 26.71 21.56
C ARG A 239 -30.60 26.80 20.07
N GLY A 240 -29.42 26.33 19.68
CA GLY A 240 -28.99 26.28 18.27
C GLY A 240 -29.88 25.45 17.38
N VAL A 241 -30.29 24.28 17.86
CA VAL A 241 -31.22 23.41 17.13
C VAL A 241 -32.55 24.13 16.93
N GLY A 242 -33.03 24.79 17.98
CA GLY A 242 -34.24 25.62 17.90
C GLY A 242 -34.16 26.70 16.84
N LYS A 243 -33.05 27.41 16.83
CA LYS A 243 -32.81 28.49 15.84
C LYS A 243 -32.80 27.93 14.41
N LEU A 244 -32.14 26.79 14.21
CA LEU A 244 -32.12 26.12 12.90
C LEU A 244 -33.52 25.67 12.48
N VAL A 245 -34.24 25.01 13.39
CA VAL A 245 -35.61 24.53 13.14
C VAL A 245 -36.54 25.69 12.75
N GLU A 246 -36.46 26.80 13.49
CA GLU A 246 -37.21 28.02 13.17
C GLU A 246 -36.93 28.53 11.77
N ALA A 247 -35.67 28.56 11.38
CA ALA A 247 -35.29 28.98 10.01
C ALA A 247 -35.87 28.03 8.96
N LEU A 248 -35.84 26.72 9.23
CA LEU A 248 -36.41 25.73 8.31
C LEU A 248 -37.91 25.96 8.10
N LYS A 249 -38.62 26.30 9.17
CA LYS A 249 -40.07 26.56 9.12
C LYS A 249 -40.38 27.83 8.31
N LYS A 250 -39.68 28.91 8.63
CA LYS A 250 -39.81 30.19 7.91
C LYS A 250 -39.55 30.01 6.41
N ASN A 251 -38.55 29.19 6.07
CA ASN A 251 -38.19 28.93 4.68
C ASN A 251 -39.05 27.86 3.98
N ASN A 252 -40.00 27.25 4.68
CA ASN A 252 -40.79 26.12 4.15
C ASN A 252 -39.91 24.94 3.71
N GLN A 253 -38.83 24.71 4.46
CA GLN A 253 -37.90 23.59 4.25
C GLN A 253 -38.15 22.44 5.22
N TYR A 254 -38.70 22.77 6.39
CA TYR A 254 -38.89 21.86 7.53
C TYR A 254 -39.59 20.56 7.20
N ASP A 255 -40.72 20.64 6.49
CA ASP A 255 -41.51 19.44 6.17
C ASP A 255 -40.85 18.47 5.19
N ASN A 256 -39.94 18.97 4.36
CA ASN A 256 -39.21 18.13 3.42
C ASN A 256 -37.72 18.00 3.79
N THR A 257 -37.43 17.98 5.10
CA THR A 257 -36.06 17.81 5.58
C THR A 257 -36.03 16.68 6.60
N LEU A 258 -35.17 15.69 6.33
CA LEU A 258 -34.83 14.66 7.31
C LEU A 258 -33.72 15.20 8.18
N ILE A 259 -34.02 15.38 9.45
CA ILE A 259 -33.03 15.80 10.44
C ILE A 259 -32.62 14.57 11.24
N VAL A 260 -31.31 14.37 11.36
CA VAL A 260 -30.73 13.35 12.23
C VAL A 260 -29.95 14.10 13.29
N PHE A 261 -30.15 13.72 14.55
CA PHE A 261 -29.37 14.26 15.65
C PHE A 261 -28.72 13.11 16.39
N MET A 262 -27.42 13.22 16.68
CA MET A 262 -26.70 12.16 17.38
C MET A 262 -25.42 12.66 18.04
N SER A 263 -24.75 11.76 18.76
CA SER A 263 -23.40 12.01 19.26
C SER A 263 -22.39 11.20 18.45
N ASP A 264 -21.14 11.69 18.42
CA ASP A 264 -20.06 10.97 17.73
C ASP A 264 -19.58 9.77 18.54
N ASN A 265 -19.69 9.87 19.87
CA ASN A 265 -19.33 8.78 20.75
C ASN A 265 -19.99 8.99 22.12
N GLY A 266 -19.74 8.04 23.03
CA GLY A 266 -20.25 8.11 24.37
C GLY A 266 -19.65 9.24 25.17
N GLY A 267 -20.34 9.61 26.24
CA GLY A 267 -19.93 10.73 27.07
C GLY A 267 -18.77 10.36 27.95
N LYS A 268 -17.97 11.36 28.31
CA LYS A 268 -16.83 11.16 29.19
C LYS A 268 -17.24 11.54 30.61
N LEU A 269 -17.27 10.54 31.50
CA LEU A 269 -17.80 10.72 32.84
C LEU A 269 -17.00 11.70 33.70
N SER A 270 -15.69 11.74 33.50
CA SER A 270 -14.81 12.68 34.19
C SER A 270 -14.89 14.12 33.66
N LYS A 271 -15.60 14.34 32.56
CA LYS A 271 -15.83 15.70 32.03
C LYS A 271 -17.32 16.06 31.93
N GLY A 272 -18.07 15.70 32.97
CA GLY A 272 -19.44 16.18 33.16
C GLY A 272 -20.58 15.34 32.57
N ALA A 273 -20.26 14.30 31.81
CA ALA A 273 -21.30 13.50 31.13
C ALA A 273 -21.93 12.46 32.03
N ASN A 274 -23.09 11.96 31.59
CA ASN A 274 -23.80 10.87 32.25
C ASN A 274 -24.31 9.92 31.16
N ASN A 275 -23.96 8.64 31.27
CA ASN A 275 -24.32 7.61 30.28
C ASN A 275 -25.36 6.59 30.78
N PHE A 276 -26.07 6.90 31.86
CA PHE A 276 -27.04 5.98 32.46
C PHE A 276 -28.04 5.51 31.38
N PRO A 277 -28.39 4.22 31.34
CA PRO A 277 -27.96 3.15 32.26
C PRO A 277 -26.74 2.33 31.77
N LEU A 278 -25.96 2.88 30.84
CA LEU A 278 -24.89 2.11 30.19
C LEU A 278 -23.64 2.12 31.05
N LYS A 279 -22.84 1.06 30.93
CA LYS A 279 -21.60 0.93 31.67
C LYS A 279 -20.51 1.75 30.96
N ALA A 280 -19.65 2.41 31.75
CA ALA A 280 -18.47 3.13 31.27
C ALA A 280 -18.83 4.31 30.35
N GLY A 281 -17.89 4.74 29.50
CA GLY A 281 -18.12 5.88 28.64
C GLY A 281 -17.14 5.98 27.49
N LYS A 282 -16.85 7.21 27.08
CA LYS A 282 -16.01 7.51 25.91
C LYS A 282 -14.78 6.59 25.79
N GLY A 283 -14.60 6.03 24.60
CA GLY A 283 -13.45 5.18 24.28
C GLY A 283 -13.60 3.70 24.59
N SER A 284 -14.65 3.31 25.31
CA SER A 284 -14.84 1.94 25.76
C SER A 284 -15.59 1.11 24.72
N THR A 285 -15.37 -0.21 24.74
CA THR A 285 -16.21 -1.14 23.98
C THR A 285 -17.37 -1.68 24.82
N GLN A 286 -17.45 -1.26 26.08
CA GLN A 286 -18.71 -1.34 26.84
C GLN A 286 -19.73 -0.46 26.11
N GLU A 287 -21.02 -0.68 26.33
CA GLU A 287 -22.08 0.08 25.65
C GLU A 287 -21.92 1.59 25.77
N GLY A 288 -21.45 2.05 26.93
CA GLY A 288 -21.30 3.48 27.15
C GLY A 288 -20.37 4.22 26.22
N GLY A 289 -19.45 3.51 25.56
CA GLY A 289 -18.51 4.13 24.65
C GLY A 289 -18.98 4.38 23.22
N PHE A 290 -19.83 3.50 22.69
CA PHE A 290 -20.25 3.62 21.30
C PHE A 290 -21.76 3.49 21.02
N ARG A 291 -22.57 3.35 22.06
CA ARG A 291 -24.03 3.44 21.96
C ARG A 291 -24.42 4.88 22.31
N VAL A 292 -25.12 5.54 21.40
CA VAL A 292 -25.36 6.99 21.50
C VAL A 292 -26.84 7.36 21.34
N PRO A 293 -27.23 8.58 21.77
CA PRO A 293 -28.56 9.07 21.44
C PRO A 293 -28.69 9.30 19.95
N MET A 294 -29.86 9.02 19.40
CA MET A 294 -30.13 9.32 18.00
C MET A 294 -31.63 9.51 17.80
N LEU A 295 -31.97 10.48 16.95
CA LEU A 295 -33.33 10.67 16.52
C LEU A 295 -33.37 11.01 15.05
N PHE A 296 -34.45 10.59 14.39
CA PHE A 296 -34.77 10.98 13.02
C PHE A 296 -36.01 11.89 13.11
N HIS A 297 -36.05 12.92 12.28
CA HIS A 297 -37.25 13.75 12.15
C HIS A 297 -37.49 14.11 10.68
N TRP A 298 -38.68 13.74 10.20
CA TRP A 298 -39.10 13.99 8.83
C TRP A 298 -40.61 13.78 8.77
N PRO A 299 -41.39 14.89 8.81
CA PRO A 299 -42.85 14.80 8.86
C PRO A 299 -43.48 14.01 7.72
N LYS A 300 -44.45 13.16 8.06
CA LYS A 300 -45.15 12.29 7.11
C LYS A 300 -44.28 11.16 6.51
N HIS A 301 -43.13 10.86 7.14
CA HIS A 301 -42.21 9.82 6.68
C HIS A 301 -41.62 9.05 7.84
N VAL A 302 -40.99 9.78 8.76
CA VAL A 302 -40.59 9.24 10.06
C VAL A 302 -41.81 9.35 10.96
N PRO A 303 -42.30 8.21 11.48
CA PRO A 303 -43.46 8.28 12.39
C PRO A 303 -43.22 9.19 13.61
N ALA A 304 -44.24 9.91 14.03
CA ALA A 304 -44.14 10.81 15.18
C ALA A 304 -44.36 10.06 16.48
N GLY A 305 -43.60 10.41 17.50
CA GLY A 305 -43.78 9.89 18.86
C GLY A 305 -43.34 8.47 19.12
N LYS A 306 -42.48 7.91 18.26
CA LYS A 306 -42.07 6.50 18.37
C LYS A 306 -40.65 6.30 18.89
N ARG A 307 -40.37 5.07 19.27
CA ARG A 307 -39.10 4.66 19.88
C ARG A 307 -38.67 3.33 19.22
N PHE A 308 -37.66 3.42 18.35
CA PHE A 308 -37.19 2.27 17.55
C PHE A 308 -36.19 1.43 18.33
N SER A 309 -36.52 0.16 18.57
CA SER A 309 -35.79 -0.70 19.50
C SER A 309 -34.76 -1.66 18.88
N HIS A 310 -34.64 -1.67 17.56
CA HIS A 310 -33.67 -2.54 16.87
C HIS A 310 -32.35 -1.84 16.59
N PRO A 311 -31.22 -2.61 16.55
CA PRO A 311 -29.91 -2.02 16.29
C PRO A 311 -29.84 -1.22 15.01
N VAL A 312 -29.15 -0.09 15.07
CA VAL A 312 -28.87 0.76 13.91
C VAL A 312 -27.44 1.27 14.06
N SER A 313 -26.72 1.32 12.93
CA SER A 313 -25.32 1.73 12.91
C SER A 313 -25.19 3.08 12.23
N ALA A 314 -24.23 3.88 12.68
CA ALA A 314 -23.87 5.12 11.98
C ALA A 314 -23.50 4.87 10.53
N LEU A 315 -22.96 3.68 10.26
CA LEU A 315 -22.61 3.25 8.90
C LEU A 315 -23.80 3.20 7.95
N ASP A 316 -25.00 2.97 8.52
CA ASP A 316 -26.24 2.92 7.74
C ASP A 316 -26.66 4.26 7.12
N LEU A 317 -26.20 5.38 7.69
CA LEU A 317 -26.63 6.69 7.21
C LEU A 317 -26.17 6.98 5.78
N TYR A 318 -25.00 6.48 5.39
CA TYR A 318 -24.50 6.67 4.01
C TYR A 318 -25.43 6.07 2.96
N PRO A 319 -25.69 4.75 2.99
CA PRO A 319 -26.62 4.19 1.99
C PRO A 319 -28.09 4.58 2.18
N THR A 320 -28.49 4.88 3.41
CA THR A 320 -29.87 5.32 3.68
C THR A 320 -30.10 6.72 3.10
N PHE A 321 -29.18 7.65 3.35
CA PHE A 321 -29.25 8.98 2.73
C PHE A 321 -29.22 8.88 1.21
N ALA A 322 -28.34 8.04 0.67
CA ALA A 322 -28.21 7.88 -0.78
C ALA A 322 -29.50 7.38 -1.43
N ALA A 323 -30.13 6.37 -0.83
CA ALA A 323 -31.40 5.83 -1.36
C ALA A 323 -32.52 6.89 -1.39
N LEU A 324 -32.68 7.63 -0.29
CA LEU A 324 -33.66 8.72 -0.21
C LEU A 324 -33.38 9.87 -1.19
N ALA A 325 -32.09 10.12 -1.47
CA ALA A 325 -31.69 11.16 -2.42
C ALA A 325 -31.71 10.70 -3.86
N GLY A 326 -32.00 9.42 -4.10
CA GLY A 326 -31.97 8.83 -5.44
C GLY A 326 -30.58 8.76 -6.05
N ALA A 327 -29.56 8.67 -5.20
CA ALA A 327 -28.17 8.61 -5.64
C ALA A 327 -27.74 7.15 -5.70
N LYS A 328 -27.16 6.74 -6.83
CA LYS A 328 -26.73 5.36 -7.02
C LYS A 328 -25.44 5.09 -6.23
N VAL A 329 -25.39 3.91 -5.62
CA VAL A 329 -24.21 3.42 -4.92
C VAL A 329 -23.55 2.35 -5.78
N GLU A 330 -22.27 2.54 -6.13
CA GLU A 330 -21.48 1.52 -6.85
C GLU A 330 -20.93 0.47 -5.87
N GLU A 331 -20.83 -0.78 -6.31
CA GLU A 331 -20.33 -1.90 -5.46
C GLU A 331 -18.85 -1.78 -5.09
N ASN A 332 -18.07 -1.08 -5.92
CA ASN A 332 -16.65 -0.83 -5.61
C ASN A 332 -16.40 0.18 -4.47
N GLN A 333 -17.46 0.81 -3.93
CA GLN A 333 -17.36 1.65 -2.73
C GLN A 333 -17.20 0.88 -1.41
N HIS A 334 -17.56 -0.42 -1.39
CA HIS A 334 -17.39 -1.33 -0.25
C HIS A 334 -18.09 -0.89 1.04
N LEU A 335 -19.30 -0.36 0.91
CA LEU A 335 -20.06 0.15 2.07
C LEU A 335 -20.31 -0.95 3.10
N ASP A 336 -20.12 -0.62 4.38
CA ASP A 336 -20.23 -1.60 5.47
C ASP A 336 -21.56 -1.56 6.24
N GLY A 337 -22.39 -0.55 5.99
CA GLY A 337 -23.71 -0.45 6.56
C GLY A 337 -24.76 -0.88 5.55
N THR A 338 -26.01 -0.65 5.90
CA THR A 338 -27.14 -0.99 5.05
C THR A 338 -28.13 0.17 4.97
N ASN A 339 -28.86 0.24 3.86
CA ASN A 339 -30.04 1.09 3.74
C ASN A 339 -31.09 0.56 4.71
N MET A 340 -31.27 1.24 5.84
CA MET A 340 -32.12 0.74 6.93
C MET A 340 -33.59 1.11 6.77
N TRP A 341 -33.94 1.89 5.76
CA TRP A 341 -35.27 2.44 5.61
C TRP A 341 -36.38 1.39 5.41
N PRO A 342 -36.17 0.42 4.49
CA PRO A 342 -37.21 -0.62 4.34
C PRO A 342 -37.56 -1.32 5.66
N ALA A 343 -36.53 -1.81 6.36
CA ALA A 343 -36.72 -2.47 7.65
C ALA A 343 -37.26 -1.51 8.72
N PHE A 344 -36.78 -0.26 8.70
CA PHE A 344 -37.26 0.78 9.62
C PHE A 344 -38.77 0.98 9.51
N ILE A 345 -39.26 1.08 8.28
CA ILE A 345 -40.67 1.32 8.01
C ILE A 345 -41.55 0.15 8.46
N LYS A 346 -41.07 -1.09 8.32
CA LYS A 346 -41.79 -2.28 8.80
C LYS A 346 -41.60 -2.57 10.31
N ASN A 347 -40.87 -1.70 11.03
CA ASN A 347 -40.48 -1.91 12.43
C ASN A 347 -39.69 -3.22 12.68
N GLU A 348 -38.84 -3.56 11.72
CA GLU A 348 -38.00 -4.76 11.79
C GLU A 348 -36.53 -4.39 12.00
N ASN A 349 -35.73 -5.37 12.41
CA ASN A 349 -34.30 -5.22 12.64
C ASN A 349 -33.55 -5.10 11.30
N PRO A 350 -32.96 -3.91 11.00
CA PRO A 350 -32.19 -3.80 9.75
C PRO A 350 -30.87 -4.58 9.74
N HIS A 351 -30.45 -5.08 10.90
CA HIS A 351 -29.29 -5.95 11.04
C HIS A 351 -29.70 -7.28 11.66
N LYS A 352 -30.85 -7.83 11.24
CA LYS A 352 -31.32 -9.15 11.67
C LYS A 352 -30.26 -10.19 11.28
N ASP A 353 -29.76 -10.91 12.28
CA ASP A 353 -28.73 -11.95 12.10
C ASP A 353 -27.39 -11.43 11.49
N GLU A 354 -27.09 -10.14 11.69
CA GLU A 354 -25.88 -9.52 11.18
C GLU A 354 -25.20 -8.72 12.29
N PRO A 355 -23.88 -8.86 12.45
CA PRO A 355 -23.23 -8.19 13.57
C PRO A 355 -22.94 -6.70 13.32
N ILE A 356 -22.85 -5.95 14.41
CA ILE A 356 -22.33 -4.59 14.43
C ILE A 356 -21.09 -4.67 15.32
N TYR A 357 -20.01 -4.01 14.91
CA TYR A 357 -18.70 -4.18 15.57
C TYR A 357 -18.18 -2.87 16.17
N ALA A 358 -17.38 -3.00 17.20
CA ALA A 358 -16.47 -1.94 17.64
C ALA A 358 -15.13 -2.57 17.96
N LEU A 359 -14.05 -1.94 17.52
CA LEU A 359 -12.69 -2.43 17.76
C LEU A 359 -11.80 -1.22 18.01
N ARG A 360 -11.39 -1.04 19.27
CA ARG A 360 -10.62 0.11 19.72
C ARG A 360 -9.28 -0.38 20.22
N HIS A 361 -8.20 0.16 19.67
CA HIS A 361 -6.86 -0.29 20.01
C HIS A 361 -6.31 0.40 21.26
N ARG A 362 -5.44 -0.34 21.96
CA ARG A 362 -4.76 0.13 23.15
C ARG A 362 -3.28 -0.30 23.06
N LYS A 363 -2.52 -0.16 24.14
CA LYS A 363 -1.08 -0.45 24.13
C LYS A 363 -0.86 -1.97 24.20
N GLY A 364 -0.56 -2.55 23.05
CA GLY A 364 -0.21 -3.97 22.97
C GLY A 364 -1.38 -4.91 22.88
N TYR A 365 -2.61 -4.38 22.86
CA TYR A 365 -3.82 -5.20 22.74
C TYR A 365 -4.99 -4.37 22.21
N SER A 366 -6.12 -5.04 21.96
CA SER A 366 -7.32 -4.37 21.47
C SER A 366 -8.52 -4.80 22.30
N ASP A 367 -9.43 -3.84 22.55
CA ASP A 367 -10.75 -4.10 23.10
C ASP A 367 -11.72 -4.17 21.95
N ALA A 368 -12.79 -4.95 22.12
CA ALA A 368 -13.74 -5.20 21.05
C ALA A 368 -15.17 -5.37 21.56
N ALA A 369 -16.11 -5.22 20.65
CA ALA A 369 -17.53 -5.39 20.92
C ALA A 369 -18.23 -6.01 19.70
N ILE A 370 -19.20 -6.88 19.94
CA ILE A 370 -20.07 -7.41 18.88
C ILE A 370 -21.51 -7.32 19.36
N ARG A 371 -22.36 -6.66 18.58
CA ARG A 371 -23.79 -6.59 18.83
C ARG A 371 -24.51 -7.32 17.71
N MET A 372 -25.30 -8.32 18.09
CA MET A 372 -25.94 -9.23 17.15
C MET A 372 -27.25 -9.66 17.78
N ASN A 373 -28.37 -9.25 17.19
CA ASN A 373 -29.71 -9.53 17.72
C ASN A 373 -29.80 -9.11 19.21
N GLN A 374 -30.04 -10.05 20.12
CA GLN A 374 -30.13 -9.74 21.55
C GLN A 374 -28.79 -9.83 22.27
N TRP A 375 -27.75 -10.24 21.54
CA TRP A 375 -26.46 -10.58 22.14
C TRP A 375 -25.44 -9.47 22.02
N LYS A 376 -24.71 -9.24 23.11
CA LYS A 376 -23.55 -8.34 23.15
C LYS A 376 -22.35 -9.17 23.59
N ALA A 377 -21.41 -9.39 22.67
CA ALA A 377 -20.13 -10.00 23.02
C ALA A 377 -19.12 -8.90 23.31
N LEU A 378 -18.34 -9.09 24.37
CA LEU A 378 -17.47 -8.03 24.90
C LEU A 378 -16.09 -8.55 25.21
N LYS A 379 -15.08 -7.85 24.70
CA LYS A 379 -13.68 -8.13 24.99
C LYS A 379 -13.06 -6.85 25.57
N VAL A 380 -12.67 -6.90 26.83
CA VAL A 380 -12.13 -5.72 27.52
C VAL A 380 -10.99 -6.07 28.47
N ASN A 381 -10.01 -5.16 28.58
CA ASN A 381 -8.94 -5.22 29.57
C ASN A 381 -8.16 -6.54 29.56
N GLN A 382 -8.00 -7.11 28.37
CA GLN A 382 -7.28 -8.38 28.16
C GLN A 382 -7.91 -9.59 28.85
N GLN A 383 -9.16 -9.48 29.31
CA GLN A 383 -9.85 -10.58 29.99
C GLN A 383 -10.50 -11.43 28.89
N PRO A 384 -10.94 -12.67 29.23
CA PRO A 384 -11.64 -13.49 28.24
C PRO A 384 -12.95 -12.88 27.76
N TRP A 385 -13.40 -13.30 26.58
CA TRP A 385 -14.63 -12.80 25.97
C TRP A 385 -15.81 -13.01 26.92
N GLN A 386 -16.65 -11.99 27.04
CA GLN A 386 -17.87 -12.04 27.83
C GLN A 386 -19.07 -11.94 26.91
N LEU A 387 -20.20 -12.51 27.36
CA LEU A 387 -21.45 -12.44 26.60
C LEU A 387 -22.58 -11.97 27.49
N PHE A 388 -23.38 -11.05 26.97
CA PHE A 388 -24.54 -10.53 27.69
C PHE A 388 -25.74 -10.60 26.77
N ASN A 389 -26.90 -10.87 27.36
CA ASN A 389 -28.16 -10.64 26.67
C ASN A 389 -28.47 -9.17 26.91
N ILE A 390 -28.12 -8.32 25.95
CA ILE A 390 -28.16 -6.88 26.16
C ILE A 390 -29.58 -6.33 26.26
N GLU A 391 -30.54 -7.04 25.67
CA GLU A 391 -31.96 -6.70 25.83
C GLU A 391 -32.49 -6.86 27.26
N ASN A 392 -31.98 -7.84 28.01
CA ASN A 392 -32.34 -8.03 29.44
C ASN A 392 -31.32 -7.45 30.42
N ASP A 393 -30.15 -7.06 29.92
CA ASP A 393 -28.99 -6.73 30.75
C ASP A 393 -28.21 -5.59 30.09
N ILE A 394 -28.90 -4.46 29.92
CA ILE A 394 -28.34 -3.27 29.26
C ILE A 394 -27.07 -2.72 29.93
N SER A 395 -26.96 -2.89 31.24
CA SER A 395 -25.78 -2.46 32.01
C SER A 395 -24.64 -3.50 32.07
N GLU A 396 -24.75 -4.58 31.31
CA GLU A 396 -23.66 -5.57 31.15
C GLU A 396 -23.15 -6.14 32.49
N LYS A 397 -24.11 -6.55 33.32
CA LYS A 397 -23.84 -7.09 34.67
C LYS A 397 -23.65 -8.61 34.74
N HIS A 398 -24.24 -9.36 33.83
CA HIS A 398 -24.35 -10.83 33.96
C HIS A 398 -23.76 -11.56 32.76
N ASP A 399 -22.50 -11.97 32.88
CA ASP A 399 -21.79 -12.71 31.84
C ASP A 399 -22.34 -14.12 31.72
N VAL A 400 -22.92 -14.44 30.56
CA VAL A 400 -23.55 -15.75 30.33
C VAL A 400 -22.81 -16.54 29.24
N SER A 401 -21.50 -16.33 29.15
CA SER A 401 -20.66 -17.03 28.17
C SER A 401 -20.55 -18.52 28.47
N LYS A 402 -20.55 -18.90 29.74
CA LYS A 402 -20.48 -20.31 30.15
C LYS A 402 -21.66 -21.17 29.61
N SER A 403 -22.85 -20.57 29.49
CA SER A 403 -24.04 -21.25 28.96
C SER A 403 -24.22 -21.15 27.44
N ASN A 404 -23.34 -20.42 26.74
CA ASN A 404 -23.49 -20.18 25.30
C ASN A 404 -22.14 -20.22 24.59
N LYS A 405 -21.30 -21.21 24.94
CA LYS A 405 -19.91 -21.26 24.43
C LYS A 405 -19.84 -21.24 22.90
N ALA A 406 -20.65 -22.07 22.25
CA ALA A 406 -20.63 -22.19 20.78
C ALA A 406 -21.02 -20.90 20.07
N LEU A 407 -22.08 -20.26 20.57
CA LEU A 407 -22.55 -18.97 20.04
C LEU A 407 -21.49 -17.86 20.11
N LEU A 408 -20.84 -17.73 21.26
CA LEU A 408 -19.83 -16.70 21.45
C LEU A 408 -18.64 -16.95 20.54
N THR A 409 -18.12 -18.17 20.58
CA THR A 409 -17.03 -18.61 19.70
C THR A 409 -17.35 -18.30 18.23
N ASP A 410 -18.57 -18.61 17.81
CA ASP A 410 -19.04 -18.28 16.46
C ASP A 410 -19.01 -16.78 16.16
N MET A 411 -19.50 -15.97 17.10
CA MET A 411 -19.50 -14.51 16.94
C MET A 411 -18.07 -13.95 16.80
N VAL A 412 -17.15 -14.46 17.62
CA VAL A 412 -15.76 -14.02 17.59
C VAL A 412 -15.05 -14.46 16.31
N ARG A 413 -15.28 -15.71 15.88
CA ARG A 413 -14.72 -16.20 14.61
C ARG A 413 -15.19 -15.40 13.40
N GLU A 414 -16.46 -14.98 13.42
CA GLU A 414 -16.98 -14.09 12.38
C GLU A 414 -16.28 -12.72 12.39
N MET A 415 -15.97 -12.21 13.57
CA MET A 415 -15.21 -10.95 13.70
C MET A 415 -13.76 -11.10 13.22
N GLU A 416 -13.15 -12.23 13.56
CA GLU A 416 -11.82 -12.58 13.05
C GLU A 416 -11.86 -12.63 11.53
N LYS A 417 -12.90 -13.25 10.97
CA LYS A 417 -13.07 -13.31 9.51
C LYS A 417 -13.19 -11.89 8.92
N TRP A 418 -14.02 -11.07 9.55
CA TRP A 418 -14.18 -9.66 9.18
C TRP A 418 -12.89 -8.84 9.26
N SER A 419 -11.98 -9.18 10.17
CA SER A 419 -10.78 -8.35 10.42
C SER A 419 -9.71 -8.39 9.33
N TRP A 420 -9.71 -9.39 8.45
CA TRP A 420 -8.60 -9.58 7.50
C TRP A 420 -8.36 -8.44 6.51
N ASP A 421 -9.42 -7.71 6.15
CA ASP A 421 -9.27 -6.52 5.29
C ASP A 421 -9.17 -5.19 6.05
N ASN A 422 -8.96 -5.26 7.37
CA ASN A 422 -8.56 -4.08 8.14
C ASN A 422 -7.15 -3.70 7.68
N GLN A 423 -6.95 -2.42 7.35
CA GLN A 423 -5.66 -1.92 6.91
C GLN A 423 -4.83 -1.55 8.11
N GLN A 424 -3.51 -1.60 7.94
CA GLN A 424 -2.59 -1.04 8.94
C GLN A 424 -2.94 0.45 9.06
N PRO A 425 -2.90 1.00 10.29
CA PRO A 425 -3.19 2.43 10.45
C PRO A 425 -2.25 3.31 9.62
N SER A 426 -2.80 4.33 8.98
CA SER A 426 -2.01 5.29 8.22
C SER A 426 -1.38 6.38 9.10
N TRP A 427 -1.83 6.50 10.33
CA TRP A 427 -1.29 7.46 11.29
C TRP A 427 -1.73 7.06 12.69
N PHE A 428 -1.24 7.80 13.67
CA PHE A 428 -1.64 7.66 15.09
C PHE A 428 -1.81 9.07 15.66
N HIS A 429 -2.44 9.20 16.83
CA HIS A 429 -2.68 10.54 17.43
C HIS A 429 -1.43 11.12 18.11
N GLU A 430 -0.48 10.26 18.45
CA GLU A 430 0.81 10.67 18.99
C GLU A 430 1.92 9.75 18.44
N THR A 431 3.12 10.28 18.35
CA THR A 431 4.28 9.57 17.82
C THR A 431 4.58 8.28 18.61
N THR A 432 4.57 8.36 19.93
CA THR A 432 4.88 7.20 20.79
C THR A 432 3.86 6.07 20.64
N GLU A 433 2.60 6.43 20.35
CA GLU A 433 1.56 5.45 20.06
C GLU A 433 1.91 4.59 18.82
N GLY A 434 2.39 5.25 17.77
CA GLY A 434 2.80 4.55 16.56
C GLY A 434 4.05 3.71 16.75
N VAL A 435 4.99 4.22 17.55
CA VAL A 435 6.19 3.46 17.88
C VAL A 435 5.81 2.19 18.63
N ASN A 436 4.93 2.33 19.63
CA ASN A 436 4.46 1.18 20.43
C ASN A 436 3.70 0.15 19.60
N TRP A 437 2.89 0.63 18.65
CA TRP A 437 2.23 -0.24 17.68
C TRP A 437 3.23 -1.16 16.98
N ARG A 438 4.30 -0.57 16.46
CA ARG A 438 5.35 -1.34 15.75
C ARG A 438 6.13 -2.24 16.70
N LEU A 439 6.50 -1.72 17.88
CA LEU A 439 7.23 -2.51 18.89
C LEU A 439 6.46 -3.75 19.33
N ASP A 440 5.13 -3.63 19.44
CA ASP A 440 4.28 -4.70 19.94
C ASP A 440 3.70 -5.60 18.85
N ALA A 441 4.12 -5.42 17.60
CA ALA A 441 3.72 -6.27 16.46
C ALA A 441 2.23 -6.21 16.17
N MET A 442 1.63 -5.06 16.44
CA MET A 442 0.18 -4.91 16.34
C MET A 442 -0.32 -4.99 14.90
N PRO A 443 -1.54 -5.48 14.67
CA PRO A 443 -2.51 -5.86 15.71
C PRO A 443 -2.24 -7.23 16.32
N ARG A 444 -2.35 -7.34 17.65
CA ARG A 444 -2.22 -8.62 18.33
C ARG A 444 -3.56 -9.35 18.35
N PHE A 445 -4.04 -9.69 17.16
CA PHE A 445 -5.33 -10.34 16.99
C PHE A 445 -5.32 -11.80 17.43
N ASP A 446 -4.14 -12.37 17.63
CA ASP A 446 -4.04 -13.67 18.29
C ASP A 446 -4.62 -13.63 19.71
N LYS A 447 -4.47 -12.50 20.40
CA LYS A 447 -5.08 -12.31 21.72
C LYS A 447 -6.53 -11.88 21.61
N THR A 448 -6.83 -11.01 20.65
CA THR A 448 -8.16 -10.45 20.49
C THR A 448 -9.22 -11.50 20.16
N PHE A 449 -8.88 -12.44 19.29
CA PHE A 449 -9.85 -13.45 18.81
C PHE A 449 -9.62 -14.86 19.35
N LYS A 450 -8.91 -14.98 20.48
CA LYS A 450 -8.75 -16.25 21.19
C LYS A 450 -10.10 -16.66 21.83
N THR A 451 -10.59 -17.85 21.54
CA THR A 451 -11.89 -18.31 22.03
C THR A 451 -11.79 -19.45 23.05
N THR A 452 -12.78 -19.49 23.95
CA THR A 452 -12.89 -20.40 25.12
C THR A 452 -11.59 -20.64 25.87
N GLN B 1 8.90 31.96 -27.32
CA GLN B 1 9.93 30.87 -27.25
C GLN B 1 10.11 30.39 -25.80
N LYS B 2 9.67 29.16 -25.52
CA LYS B 2 9.94 28.51 -24.23
C LYS B 2 11.44 28.18 -24.12
N PRO B 3 12.05 28.37 -22.95
CA PRO B 3 13.49 28.15 -22.82
C PRO B 3 13.90 26.69 -22.77
N ASN B 4 15.11 26.40 -23.23
CA ASN B 4 15.72 25.08 -23.00
C ASN B 4 16.19 25.06 -21.55
N ILE B 5 16.35 23.87 -20.99
CA ILE B 5 16.74 23.72 -19.59
C ILE B 5 17.78 22.61 -19.51
N ILE B 6 18.88 22.87 -18.81
CA ILE B 6 19.93 21.86 -18.58
C ILE B 6 20.21 21.76 -17.09
N LEU B 7 20.04 20.57 -16.53
CA LEU B 7 20.36 20.31 -15.13
C LEU B 7 21.61 19.44 -15.12
N ILE B 8 22.72 20.04 -14.69
CA ILE B 8 24.00 19.33 -14.57
C ILE B 8 24.22 18.99 -13.10
N VAL B 9 24.33 17.71 -12.79
CA VAL B 9 24.53 17.25 -11.41
C VAL B 9 25.83 16.46 -11.33
N ALA B 10 26.74 16.92 -10.49
CA ALA B 10 27.94 16.16 -10.14
C ALA B 10 27.64 15.29 -8.93
N ASP B 11 28.48 14.28 -8.70
CA ASP B 11 28.21 13.21 -7.74
C ASP B 11 29.28 13.20 -6.65
N ASP B 12 28.89 13.55 -5.43
CA ASP B 12 29.82 13.70 -4.27
C ASP B 12 30.77 14.90 -4.40
N LEU B 13 30.37 15.92 -5.16
CA LEU B 13 31.19 17.12 -5.29
C LEU B 13 31.17 17.92 -3.99
N GLY B 14 32.36 18.11 -3.41
CA GLY B 14 32.51 18.87 -2.17
C GLY B 14 32.20 20.35 -2.33
N TYR B 15 31.85 20.98 -1.21
CA TYR B 15 31.38 22.37 -1.17
C TYR B 15 32.43 23.39 -1.61
N ALA B 16 33.70 23.08 -1.36
CA ALA B 16 34.81 23.97 -1.69
C ALA B 16 35.64 23.47 -2.88
N ASP B 17 35.02 22.70 -3.77
CA ASP B 17 35.75 22.01 -4.84
C ASP B 17 35.45 22.56 -6.24
N VAL B 18 34.79 23.71 -6.28
CA VAL B 18 34.65 24.51 -7.49
C VAL B 18 35.07 25.93 -7.12
N GLY B 19 35.72 26.61 -8.07
CA GLY B 19 36.29 27.93 -7.83
C GLY B 19 35.28 28.95 -7.33
N PHE B 20 34.10 28.99 -7.95
CA PHE B 20 33.06 29.94 -7.60
C PHE B 20 32.48 29.76 -6.18
N ASN B 21 32.66 28.57 -5.60
CA ASN B 21 32.24 28.32 -4.21
C ASN B 21 33.42 28.24 -3.21
N GLY B 22 34.57 28.81 -3.58
CA GLY B 22 35.68 29.04 -2.66
C GLY B 22 36.91 28.16 -2.79
N SER B 23 36.99 27.34 -3.85
CA SER B 23 38.14 26.46 -4.03
C SER B 23 39.42 27.27 -4.27
N LYS B 24 40.45 26.99 -3.49
CA LYS B 24 41.76 27.61 -3.66
C LYS B 24 42.75 26.69 -4.39
N ASP B 25 42.43 25.40 -4.56
CA ASP B 25 43.36 24.46 -5.21
C ASP B 25 42.81 23.79 -6.49
N ILE B 26 41.55 23.41 -6.51
CA ILE B 26 40.93 22.88 -7.73
C ILE B 26 40.48 24.06 -8.58
N ILE B 27 40.74 23.99 -9.88
CA ILE B 27 40.47 25.09 -10.78
C ILE B 27 39.37 24.63 -11.73
N THR B 28 38.29 25.41 -11.81
CA THR B 28 37.14 25.08 -12.61
C THR B 28 36.72 26.28 -13.49
N PRO B 29 37.52 26.61 -14.51
CA PRO B 29 37.30 27.86 -15.26
C PRO B 29 35.97 27.94 -16.01
N ASN B 30 35.59 26.88 -16.72
CA ASN B 30 34.33 26.87 -17.50
C ASN B 30 33.08 26.91 -16.64
N ILE B 31 33.09 26.18 -15.52
CA ILE B 31 32.01 26.22 -14.54
C ILE B 31 31.97 27.61 -13.89
N ASP B 32 33.14 28.14 -13.53
CA ASP B 32 33.22 29.50 -12.99
C ASP B 32 32.73 30.58 -13.96
N ASP B 33 32.93 30.38 -15.28
CA ASP B 33 32.38 31.32 -16.27
C ASP B 33 30.88 31.44 -16.14
N LEU B 34 30.21 30.29 -16.02
CA LEU B 34 28.76 30.27 -15.85
C LEU B 34 28.33 31.00 -14.59
N ALA B 35 29.09 30.84 -13.50
CA ALA B 35 28.84 31.57 -12.26
C ALA B 35 29.06 33.07 -12.41
N LYS B 36 30.23 33.46 -12.94
CA LYS B 36 30.60 34.88 -13.10
C LYS B 36 29.58 35.65 -13.98
N SER B 37 29.02 34.99 -15.01
CA SER B 37 27.97 35.59 -15.84
C SER B 37 26.54 35.11 -15.51
N GLY B 38 26.36 34.57 -14.30
CA GLY B 38 25.06 34.15 -13.79
C GLY B 38 24.98 34.40 -12.29
N THR B 39 24.13 33.63 -11.61
CA THR B 39 23.96 33.73 -10.16
C THR B 39 24.31 32.40 -9.51
N SER B 40 25.18 32.46 -8.48
CA SER B 40 25.42 31.31 -7.61
C SER B 40 24.61 31.43 -6.32
N PHE B 41 24.54 30.32 -5.58
CA PHE B 41 23.63 30.19 -4.44
C PHE B 41 24.41 29.72 -3.22
N SER B 42 24.48 30.58 -2.19
CA SER B 42 25.25 30.24 -1.00
C SER B 42 24.50 29.38 0.01
N ASP B 43 23.17 29.25 -0.17
CA ASP B 43 22.34 28.51 0.77
C ASP B 43 21.45 27.52 -0.02
N ALA B 44 22.08 26.70 -0.86
CA ALA B 44 21.37 25.72 -1.69
C ALA B 44 21.42 24.35 -1.02
N TYR B 45 20.26 23.71 -0.87
CA TYR B 45 20.13 22.45 -0.15
C TYR B 45 19.52 21.36 -1.01
N VAL B 46 20.11 20.16 -0.99
CA VAL B 46 19.46 19.00 -1.59
C VAL B 46 18.52 18.36 -0.56
N ALA B 47 17.62 17.52 -1.06
CA ALA B 47 16.55 16.94 -0.23
C ALA B 47 17.01 15.78 0.67
N HIS B 48 18.23 15.27 0.43
CA HIS B 48 18.78 14.16 1.21
C HIS B 48 20.31 14.18 1.11
N PRO B 49 21.02 13.80 2.18
CA PRO B 49 22.48 13.87 2.12
C PRO B 49 23.20 12.73 1.39
N PHE B 50 22.49 11.95 0.57
CA PHE B 50 23.14 11.05 -0.39
C PHE B 50 22.28 10.75 -1.62
N SER B 51 22.86 10.01 -2.56
CA SER B 51 22.49 10.01 -3.99
C SER B 51 21.06 9.70 -4.39
N GLY B 52 20.63 8.47 -4.13
CA GLY B 52 19.36 7.94 -4.66
C GLY B 52 18.16 8.77 -4.27
N PRO B 53 18.01 9.03 -2.96
CA PRO B 53 16.90 9.86 -2.50
C PRO B 53 16.96 11.32 -2.96
N SER B 54 18.16 11.88 -3.02
CA SER B 54 18.38 13.23 -3.56
C SER B 54 17.92 13.29 -5.00
N ARG B 55 18.34 12.31 -5.80
CA ARG B 55 17.99 12.28 -7.22
C ARG B 55 16.51 12.05 -7.45
N ALA B 56 15.90 11.20 -6.62
CA ALA B 56 14.45 11.00 -6.67
C ALA B 56 13.72 12.31 -6.39
N ALA B 57 14.22 13.09 -5.44
CA ALA B 57 13.65 14.39 -5.10
C ALA B 57 13.76 15.39 -6.23
N LEU B 58 14.92 15.43 -6.88
CA LEU B 58 15.13 16.30 -8.05
C LEU B 58 14.12 16.02 -9.17
N MET B 59 13.96 14.73 -9.47
CA MET B 59 13.08 14.30 -10.55
C MET B 59 11.60 14.46 -10.23
N THR B 60 11.20 14.16 -8.99
CA THR B 60 9.79 14.16 -8.60
C THR B 60 9.30 15.46 -7.97
N GLY B 61 10.22 16.28 -7.47
CA GLY B 61 9.87 17.47 -6.70
C GLY B 61 9.25 17.16 -5.36
N ARG B 62 9.51 15.96 -4.84
CA ARG B 62 8.97 15.50 -3.57
C ARG B 62 10.05 14.97 -2.65
N TYR B 63 9.99 15.28 -1.38
CA TYR B 63 10.91 14.68 -0.42
C TYR B 63 10.86 13.16 -0.62
N PRO B 64 12.01 12.48 -0.71
CA PRO B 64 12.01 11.04 -1.01
C PRO B 64 11.29 10.16 0.04
N HIS B 65 11.12 10.69 1.25
CA HIS B 65 10.41 10.01 2.33
C HIS B 65 8.93 9.88 2.00
N LYS B 66 8.39 10.84 1.24
CA LYS B 66 7.00 10.82 0.84
C LYS B 66 6.67 9.71 -0.16
N ILE B 67 7.68 9.18 -0.85
CA ILE B 67 7.47 8.21 -1.92
C ILE B 67 8.30 6.94 -1.69
N GLY B 68 8.55 6.63 -0.41
CA GLY B 68 9.23 5.39 -0.04
C GLY B 68 10.65 5.19 -0.56
N SER B 69 11.33 6.30 -0.85
CA SER B 69 12.65 6.26 -1.51
C SER B 69 13.76 6.88 -0.64
N GLN B 70 13.71 6.64 0.68
CA GLN B 70 14.64 7.24 1.64
C GLN B 70 16.00 6.58 1.66
N PHE B 71 16.15 5.46 0.96
CA PHE B 71 17.42 4.72 0.91
C PHE B 71 17.89 4.57 -0.51
N ASN B 72 19.19 4.35 -0.68
CA ASN B 72 19.73 3.95 -1.99
C ASN B 72 19.18 2.58 -2.36
N LEU B 73 19.02 2.35 -3.67
CA LEU B 73 18.57 1.05 -4.16
C LEU B 73 19.59 -0.04 -3.83
N PRO B 74 19.14 -1.30 -3.74
CA PRO B 74 20.03 -2.44 -3.45
C PRO B 74 21.31 -2.42 -4.32
N THR B 75 22.46 -2.51 -3.66
CA THR B 75 23.76 -2.35 -4.33
C THR B 75 24.03 -3.39 -5.42
N ARG B 76 23.56 -4.63 -5.21
CA ARG B 76 23.71 -5.72 -6.19
C ARG B 76 22.51 -5.93 -7.14
N GLY B 77 21.65 -4.92 -7.26
CA GLY B 77 20.55 -4.94 -8.22
C GLY B 77 19.21 -5.31 -7.62
N SER B 78 18.14 -4.88 -8.29
CA SER B 78 16.78 -5.10 -7.82
C SER B 78 15.78 -4.85 -8.93
N ASN B 79 14.54 -5.24 -8.67
CA ASN B 79 13.39 -5.02 -9.57
C ASN B 79 12.47 -3.89 -9.06
N VAL B 80 13.02 -2.95 -8.28
CA VAL B 80 12.25 -1.83 -7.73
C VAL B 80 12.87 -0.49 -8.15
N GLY B 81 12.13 0.58 -7.91
CA GLY B 81 12.60 1.92 -8.21
C GLY B 81 11.64 3.01 -7.75
N VAL B 82 12.01 4.25 -8.04
CA VAL B 82 11.23 5.43 -7.65
C VAL B 82 9.84 5.22 -8.25
N PRO B 83 8.78 5.30 -7.43
CA PRO B 83 7.46 4.86 -7.92
C PRO B 83 7.00 5.55 -9.21
N THR B 84 6.37 4.77 -10.08
CA THR B 84 5.91 5.24 -11.39
C THR B 84 4.77 6.26 -11.32
N ASP B 85 4.01 6.29 -10.23
CA ASP B 85 2.89 7.23 -10.08
C ASP B 85 3.32 8.67 -9.73
N ALA B 86 4.61 8.90 -9.46
CA ALA B 86 5.15 10.25 -9.23
C ALA B 86 5.80 10.76 -10.52
N LYS B 87 5.08 11.61 -11.25
CA LYS B 87 5.52 12.08 -12.56
C LYS B 87 6.86 12.84 -12.49
N PHE B 88 7.86 12.36 -13.24
CA PHE B 88 9.17 13.01 -13.32
C PHE B 88 9.08 14.34 -14.08
N ILE B 89 9.90 15.32 -13.67
CA ILE B 89 9.98 16.62 -14.36
C ILE B 89 10.20 16.45 -15.88
N SER B 90 10.98 15.44 -16.26
CA SER B 90 11.22 15.10 -17.66
C SER B 90 9.95 14.72 -18.41
N LYS B 91 9.10 13.89 -17.80
CA LYS B 91 7.82 13.49 -18.42
C LYS B 91 6.90 14.68 -18.57
N LEU B 92 6.81 15.53 -17.55
CA LEU B 92 5.97 16.72 -17.60
C LEU B 92 6.39 17.62 -18.76
N LEU B 93 7.69 17.86 -18.88
CA LEU B 93 8.21 18.68 -19.96
C LEU B 93 8.00 18.00 -21.33
N ASN B 94 8.22 16.68 -21.40
CA ASN B 94 7.96 15.92 -22.64
C ASN B 94 6.50 16.06 -23.11
N GLU B 95 5.57 16.04 -22.15
CA GLU B 95 4.14 16.22 -22.43
C GLU B 95 3.78 17.64 -22.85
N ASN B 96 4.63 18.61 -22.51
CA ASN B 96 4.49 19.99 -22.98
C ASN B 96 5.53 20.30 -24.09
N ASN B 97 5.74 19.34 -24.99
CA ASN B 97 6.50 19.55 -26.24
C ASN B 97 8.04 19.56 -26.17
N TYR B 98 8.64 19.24 -25.02
CA TYR B 98 10.12 19.24 -24.91
C TYR B 98 10.77 17.95 -25.46
N PHE B 99 11.85 18.12 -26.21
CA PHE B 99 12.78 17.03 -26.53
C PHE B 99 13.65 16.76 -25.27
N THR B 100 13.69 15.52 -24.81
CA THR B 100 14.27 15.21 -23.50
C THR B 100 15.41 14.20 -23.55
N GLY B 101 16.50 14.49 -22.85
CA GLY B 101 17.65 13.60 -22.76
C GLY B 101 18.15 13.46 -21.34
N ALA B 102 18.66 12.27 -21.01
CA ALA B 102 19.31 12.02 -19.73
C ALA B 102 20.62 11.32 -19.99
N LEU B 103 21.67 11.74 -19.30
CA LEU B 103 22.99 11.19 -19.53
C LEU B 103 23.66 10.80 -18.22
N GLY B 104 24.33 9.64 -18.24
CA GLY B 104 25.16 9.20 -17.14
C GLY B 104 24.41 8.41 -16.08
N LYS B 105 24.60 8.81 -14.83
CA LYS B 105 24.08 8.09 -13.67
C LYS B 105 22.58 8.24 -13.54
N TRP B 106 21.90 7.10 -13.29
CA TRP B 106 20.46 7.08 -13.07
C TRP B 106 20.18 6.88 -11.58
N HIS B 107 20.40 5.66 -11.07
CA HIS B 107 20.22 5.35 -9.65
C HIS B 107 18.77 5.54 -9.15
N MET B 108 17.81 5.31 -10.05
CA MET B 108 16.39 5.42 -9.72
C MET B 108 15.53 4.24 -10.23
N GLY B 109 16.17 3.15 -10.67
CA GLY B 109 15.48 1.90 -11.05
C GLY B 109 15.92 1.29 -12.37
N ASP B 110 16.27 0.01 -12.35
CA ASP B 110 16.79 -0.75 -13.53
C ASP B 110 15.70 -1.27 -14.46
N THR B 111 14.49 -1.53 -13.94
CA THR B 111 13.47 -2.28 -14.71
C THR B 111 12.83 -1.46 -15.84
N PRO B 112 12.16 -2.13 -16.79
CA PRO B 112 11.53 -1.43 -17.93
C PRO B 112 10.70 -0.22 -17.57
N GLN B 113 9.77 -0.34 -16.62
CA GLN B 113 8.91 0.78 -16.23
C GLN B 113 9.61 1.89 -15.43
N HIS B 114 10.76 1.56 -14.80
CA HIS B 114 11.61 2.57 -14.10
C HIS B 114 12.73 3.17 -14.96
N HIS B 115 12.89 2.66 -16.19
CA HIS B 115 13.96 3.07 -17.10
C HIS B 115 13.74 4.51 -17.58
N PRO B 116 14.83 5.27 -17.82
CA PRO B 116 14.72 6.65 -18.31
C PRO B 116 13.73 6.87 -19.47
N ASN B 117 13.68 5.94 -20.41
CA ASN B 117 12.79 6.04 -21.58
C ASN B 117 11.29 5.92 -21.22
N LYS B 118 10.96 5.31 -20.09
CA LYS B 118 9.59 5.28 -19.58
CA LYS B 118 9.59 5.28 -19.58
C LYS B 118 9.34 6.34 -18.51
N ARG B 119 10.40 7.04 -18.06
CA ARG B 119 10.25 8.22 -17.17
C ARG B 119 10.41 9.54 -17.94
N GLY B 120 10.07 9.54 -19.24
CA GLY B 120 9.94 10.78 -20.01
C GLY B 120 11.18 11.34 -20.70
N PHE B 121 12.22 10.53 -20.88
CA PHE B 121 13.42 10.92 -21.59
C PHE B 121 13.45 10.25 -22.96
N ASP B 122 13.43 11.04 -24.02
CA ASP B 122 13.54 10.50 -25.39
C ASP B 122 14.90 9.82 -25.58
N GLU B 123 15.96 10.45 -25.07
CA GLU B 123 17.32 9.91 -25.16
C GLU B 123 17.87 9.54 -23.77
N TYR B 124 18.62 8.44 -23.71
CA TYR B 124 19.40 8.11 -22.53
C TYR B 124 20.67 7.43 -22.97
N TYR B 125 21.80 7.90 -22.46
CA TYR B 125 23.09 7.25 -22.67
C TYR B 125 23.82 7.24 -21.33
N GLY B 126 24.06 6.06 -20.77
CA GLY B 126 24.72 5.98 -19.47
C GLY B 126 24.66 4.62 -18.82
N PHE B 127 24.72 4.63 -17.49
CA PHE B 127 24.74 3.43 -16.66
C PHE B 127 23.66 3.64 -15.59
N LEU B 128 22.89 2.58 -15.34
CA LEU B 128 21.67 2.70 -14.53
C LEU B 128 21.86 2.64 -13.02
N GLY B 129 23.02 2.16 -12.54
CA GLY B 129 23.29 2.01 -11.11
C GLY B 129 23.82 3.23 -10.37
N GLY B 130 24.49 2.98 -9.24
CA GLY B 130 25.00 4.02 -8.35
C GLY B 130 26.32 4.67 -8.77
N GLY B 131 26.97 4.09 -9.78
CA GLY B 131 28.21 4.63 -10.29
C GLY B 131 28.81 3.74 -11.34
N HIS B 132 30.05 4.03 -11.71
CA HIS B 132 30.75 3.26 -12.73
C HIS B 132 32.24 3.49 -12.69
N ASN B 133 33.00 2.45 -13.04
CA ASN B 133 34.43 2.59 -13.30
C ASN B 133 34.61 3.51 -14.52
N TYR B 134 35.68 4.29 -14.52
CA TYR B 134 35.87 5.38 -15.48
C TYR B 134 36.62 5.02 -16.77
N PHE B 135 37.38 3.92 -16.75
CA PHE B 135 38.23 3.54 -17.89
C PHE B 135 37.75 2.26 -18.57
N PRO B 136 37.15 2.37 -19.76
CA PRO B 136 36.74 1.20 -20.54
C PRO B 136 37.80 0.11 -20.74
N ASP B 137 39.04 0.49 -21.01
CA ASP B 137 40.14 -0.48 -21.12
C ASP B 137 40.40 -1.26 -19.82
N GLN B 138 40.02 -0.70 -18.66
CA GLN B 138 40.08 -1.41 -17.39
C GLN B 138 38.85 -2.28 -17.15
N TYR B 139 37.65 -1.72 -17.29
CA TYR B 139 36.42 -2.43 -16.88
C TYR B 139 35.88 -3.47 -17.89
N GLN B 140 36.03 -3.21 -19.19
CA GLN B 140 35.49 -4.13 -20.21
C GLN B 140 36.10 -5.56 -20.16
N PRO B 141 37.43 -5.68 -19.97
CA PRO B 141 38.01 -7.03 -19.80
C PRO B 141 37.52 -7.77 -18.56
N GLN B 142 37.36 -7.07 -17.43
CA GLN B 142 36.80 -7.65 -16.20
C GLN B 142 35.39 -8.21 -16.45
N TYR B 143 34.55 -7.43 -17.12
CA TYR B 143 33.18 -7.83 -17.42
C TYR B 143 33.11 -9.02 -18.38
N LYS B 144 33.93 -8.96 -19.43
CA LYS B 144 34.03 -10.04 -20.42
C LYS B 144 34.39 -11.36 -19.76
N LYS B 145 35.40 -11.33 -18.88
CA LYS B 145 35.85 -12.51 -18.11
C LYS B 145 34.72 -13.11 -17.28
N GLN B 146 34.00 -12.26 -16.54
CA GLN B 146 32.92 -12.71 -15.66
C GLN B 146 31.69 -13.20 -16.43
N LYS B 147 31.32 -12.52 -17.51
CA LYS B 147 30.21 -12.99 -18.36
C LYS B 147 30.53 -14.38 -18.95
N ALA B 148 31.73 -14.57 -19.46
CA ALA B 148 32.16 -15.87 -20.01
C ALA B 148 32.21 -17.02 -18.98
N GLN B 149 32.41 -16.66 -17.71
CA GLN B 149 32.33 -17.61 -16.58
C GLN B 149 30.89 -18.00 -16.18
N GLY B 150 29.89 -17.37 -16.81
CA GLY B 150 28.48 -17.68 -16.56
C GLY B 150 27.81 -16.89 -15.44
N LEU B 151 28.55 -15.93 -14.85
CA LEU B 151 28.03 -15.14 -13.73
C LEU B 151 27.00 -14.16 -14.25
N LYS B 152 25.87 -14.09 -13.55
CA LYS B 152 24.76 -13.19 -13.90
C LYS B 152 24.66 -11.96 -12.99
N ASN B 153 25.19 -12.03 -11.77
CA ASN B 153 25.18 -10.90 -10.83
C ASN B 153 26.55 -10.23 -10.81
N ILE B 154 26.75 -9.32 -11.76
CA ILE B 154 28.04 -8.67 -11.92
C ILE B 154 27.95 -7.26 -11.38
N PHE B 155 28.98 -6.87 -10.62
CA PHE B 155 29.11 -5.54 -10.04
C PHE B 155 28.78 -4.49 -11.10
N GLU B 156 27.77 -3.65 -10.83
CA GLU B 156 27.21 -2.73 -11.84
C GLU B 156 28.20 -1.68 -12.36
N TYR B 157 29.30 -1.47 -11.64
CA TYR B 157 30.34 -0.51 -12.04
C TYR B 157 31.19 -0.95 -13.26
N ILE B 158 31.21 -2.24 -13.59
CA ILE B 158 31.93 -2.72 -14.77
C ILE B 158 31.02 -3.13 -15.93
N THR B 159 29.69 -3.03 -15.76
CA THR B 159 28.76 -3.44 -16.80
C THR B 159 28.75 -2.44 -17.95
N PRO B 160 28.41 -2.89 -19.18
CA PRO B 160 28.40 -1.98 -20.32
C PRO B 160 27.45 -0.82 -20.13
N LEU B 161 27.82 0.34 -20.65
CA LEU B 161 26.88 1.45 -20.73
C LEU B 161 25.85 1.13 -21.80
N GLU B 162 24.77 1.88 -21.83
CA GLU B 162 23.71 1.65 -22.79
C GLU B 162 23.25 2.95 -23.40
N HIS B 163 22.60 2.83 -24.55
CA HIS B 163 21.94 3.91 -25.24
C HIS B 163 20.53 3.42 -25.54
N ASN B 164 19.53 4.06 -24.93
CA ASN B 164 18.12 3.69 -25.10
C ASN B 164 17.85 2.17 -25.04
N GLY B 165 18.39 1.52 -24.01
CA GLY B 165 18.19 0.08 -23.82
C GLY B 165 19.12 -0.88 -24.55
N LYS B 166 19.87 -0.40 -25.54
CA LYS B 166 20.86 -1.23 -26.27
C LYS B 166 22.26 -0.97 -25.71
N GLU B 167 22.96 -2.04 -25.37
CA GLU B 167 24.35 -1.96 -24.88
C GLU B 167 25.30 -1.34 -25.90
N VAL B 168 26.29 -0.59 -25.42
CA VAL B 168 27.32 -0.02 -26.28
C VAL B 168 28.69 -0.48 -25.79
N LYS B 169 29.71 -0.20 -26.60
CA LYS B 169 31.09 -0.37 -26.19
C LYS B 169 31.76 1.00 -26.20
N GLU B 170 31.81 1.62 -25.02
CA GLU B 170 32.39 2.94 -24.84
C GLU B 170 33.91 2.86 -24.99
N THR B 171 34.50 3.89 -25.60
CA THR B 171 35.95 3.94 -25.84
C THR B 171 36.71 4.95 -24.97
N GLN B 172 36.03 5.99 -24.48
CA GLN B 172 36.67 7.10 -23.77
C GLN B 172 36.44 7.04 -22.27
N TYR B 173 37.30 7.79 -21.55
CA TYR B 173 37.12 8.11 -20.13
C TYR B 173 35.70 8.61 -19.92
N ILE B 174 35.00 8.03 -18.94
CA ILE B 174 33.54 8.17 -18.83
C ILE B 174 33.07 9.62 -18.74
N THR B 175 33.74 10.44 -17.93
CA THR B 175 33.42 11.87 -17.88
C THR B 175 33.45 12.50 -19.28
N ASP B 176 34.46 12.17 -20.07
CA ASP B 176 34.59 12.70 -21.44
C ASP B 176 33.52 12.11 -22.34
N ALA B 177 33.25 10.82 -22.19
CA ALA B 177 32.18 10.17 -22.95
C ALA B 177 30.82 10.86 -22.74
N LEU B 178 30.49 11.14 -21.48
CA LEU B 178 29.22 11.79 -21.15
C LEU B 178 29.18 13.21 -21.66
N SER B 179 30.32 13.89 -21.64
CA SER B 179 30.41 15.24 -22.20
C SER B 179 30.19 15.26 -23.72
N ARG B 180 30.74 14.28 -24.41
CA ARG B 180 30.56 14.14 -25.85
C ARG B 180 29.10 13.89 -26.18
N GLU B 181 28.43 13.06 -25.39
CA GLU B 181 27.01 12.80 -25.62
C GLU B 181 26.13 13.99 -25.28
N ALA B 182 26.57 14.86 -24.37
CA ALA B 182 25.88 16.14 -24.13
C ALA B 182 25.92 17.03 -25.38
N VAL B 183 27.08 17.09 -26.02
CA VAL B 183 27.25 17.78 -27.29
C VAL B 183 26.35 17.14 -28.37
N ASN B 184 26.40 15.81 -28.49
CA ASN B 184 25.54 15.08 -29.44
C ASN B 184 24.05 15.37 -29.22
N PHE B 185 23.62 15.43 -27.96
CA PHE B 185 22.22 15.66 -27.65
C PHE B 185 21.76 17.05 -28.08
N VAL B 186 22.51 18.09 -27.69
CA VAL B 186 22.13 19.46 -28.06
C VAL B 186 22.30 19.70 -29.56
N ASP B 187 23.18 18.95 -30.22
CA ASP B 187 23.30 18.96 -31.68
C ASP B 187 22.05 18.35 -32.35
N LYS B 188 21.59 17.20 -31.84
CA LYS B 188 20.34 16.58 -32.31
C LYS B 188 19.13 17.50 -32.10
N ALA B 189 19.16 18.29 -31.01
CA ALA B 189 18.06 19.19 -30.66
C ALA B 189 17.86 20.36 -31.61
N VAL B 190 18.91 20.74 -32.34
CA VAL B 190 18.84 21.80 -33.36
C VAL B 190 17.78 21.48 -34.42
N ASN B 191 17.78 20.24 -34.91
CA ASN B 191 16.89 19.79 -35.98
C ASN B 191 15.42 19.65 -35.55
N LYS B 192 15.17 19.47 -34.25
CA LYS B 192 13.79 19.40 -33.72
C LYS B 192 13.28 20.84 -33.58
N LYS B 193 12.02 21.08 -33.92
CA LYS B 193 11.44 22.42 -33.78
C LYS B 193 10.84 22.61 -32.39
N HIS B 194 11.59 22.23 -31.36
CA HIS B 194 11.11 22.13 -29.97
C HIS B 194 12.21 22.60 -29.00
N PRO B 195 11.81 23.13 -27.82
CA PRO B 195 12.82 23.31 -26.78
C PRO B 195 13.27 21.97 -26.20
N PHE B 196 14.40 21.94 -25.51
CA PHE B 196 14.95 20.70 -24.96
C PHE B 196 15.22 20.80 -23.47
N PHE B 197 15.13 19.63 -22.82
CA PHE B 197 15.55 19.45 -21.43
C PHE B 197 16.62 18.37 -21.40
N LEU B 198 17.77 18.69 -20.80
CA LEU B 198 18.87 17.73 -20.67
C LEU B 198 19.24 17.57 -19.19
N TYR B 199 19.24 16.32 -18.73
CA TYR B 199 19.66 15.95 -17.39
C TYR B 199 21.03 15.29 -17.52
N LEU B 200 22.09 16.03 -17.18
CA LEU B 200 23.47 15.53 -17.30
C LEU B 200 23.97 15.16 -15.91
N ALA B 201 24.01 13.85 -15.64
CA ALA B 201 24.34 13.31 -14.33
C ALA B 201 25.71 12.66 -14.38
N TYR B 202 26.75 13.45 -14.11
CA TYR B 202 28.13 12.92 -14.08
C TYR B 202 28.32 12.05 -12.84
N ASN B 203 29.03 10.93 -12.98
CA ASN B 203 29.44 10.16 -11.79
C ASN B 203 30.67 10.75 -11.08
N ALA B 204 31.45 11.59 -11.76
CA ALA B 204 32.56 12.29 -11.11
C ALA B 204 32.04 13.33 -10.12
N PRO B 205 32.69 13.53 -8.96
CA PRO B 205 33.95 12.88 -8.57
C PRO B 205 33.77 11.70 -7.60
N HIS B 206 32.71 10.92 -7.80
CA HIS B 206 32.39 9.77 -6.94
C HIS B 206 33.42 8.66 -7.15
N THR B 207 33.60 7.85 -6.13
CA THR B 207 34.48 6.68 -6.19
C THR B 207 34.09 5.73 -7.35
N PRO B 208 35.03 4.95 -7.90
CA PRO B 208 36.44 4.92 -7.50
C PRO B 208 37.21 6.13 -8.01
N LEU B 209 38.20 6.54 -7.24
CA LEU B 209 39.02 7.70 -7.61
C LEU B 209 39.95 7.32 -8.77
N GLN B 210 39.49 7.64 -9.97
CA GLN B 210 40.16 7.32 -11.22
C GLN B 210 40.14 8.56 -12.13
N ALA B 211 41.31 9.14 -12.36
CA ALA B 211 41.46 10.30 -13.24
C ALA B 211 42.47 10.02 -14.34
N LYS B 212 42.39 10.83 -15.38
CA LYS B 212 43.35 10.78 -16.48
C LYS B 212 44.64 11.45 -16.00
N ASP B 213 45.79 10.90 -16.38
CA ASP B 213 47.10 11.52 -16.09
C ASP B 213 47.19 12.98 -16.56
N GLU B 214 46.54 13.27 -17.69
CA GLU B 214 46.54 14.61 -18.28
C GLU B 214 45.82 15.65 -17.41
N ASP B 215 44.77 15.24 -16.71
CA ASP B 215 44.04 16.11 -15.77
C ASP B 215 44.76 16.24 -14.43
N MET B 216 45.35 15.15 -13.94
CA MET B 216 46.16 15.16 -12.72
C MET B 216 47.43 16.01 -12.84
N ALA B 217 47.99 16.05 -14.04
CA ALA B 217 49.18 16.88 -14.32
C ALA B 217 48.94 18.38 -14.11
N MET B 218 47.68 18.82 -14.21
CA MET B 218 47.33 20.22 -14.00
C MET B 218 47.35 20.65 -12.52
N PHE B 219 47.56 19.72 -11.59
CA PHE B 219 47.60 20.05 -10.17
C PHE B 219 48.87 19.53 -9.51
N PRO B 220 50.04 20.04 -9.97
CA PRO B 220 51.31 19.56 -9.44
C PRO B 220 51.57 19.95 -7.99
N ASN B 221 50.95 21.04 -7.51
CA ASN B 221 51.09 21.46 -6.11
C ASN B 221 50.15 20.76 -5.11
N ILE B 222 49.27 19.88 -5.59
CA ILE B 222 48.46 19.02 -4.72
C ILE B 222 49.24 17.73 -4.45
N LYS B 223 49.70 17.59 -3.21
CA LYS B 223 50.60 16.51 -2.79
C LYS B 223 49.86 15.21 -2.43
N ASN B 224 48.70 15.33 -1.79
CA ASN B 224 47.88 14.17 -1.40
C ASN B 224 47.33 13.44 -2.63
N LYS B 225 47.60 12.13 -2.71
CA LYS B 225 47.31 11.30 -3.89
C LYS B 225 45.81 11.31 -4.24
N ASP B 226 44.98 11.10 -3.23
CA ASP B 226 43.53 11.08 -3.41
C ASP B 226 42.99 12.43 -3.84
N ARG B 227 43.50 13.50 -3.21
CA ARG B 227 43.08 14.87 -3.52
C ARG B 227 43.47 15.26 -4.95
N LYS B 228 44.63 14.79 -5.41
CA LYS B 228 45.10 15.06 -6.78
C LYS B 228 44.25 14.32 -7.81
N THR B 229 44.00 13.04 -7.55
CA THR B 229 43.10 12.24 -8.39
C THR B 229 41.71 12.89 -8.45
N TYR B 230 41.18 13.22 -7.27
CA TYR B 230 39.88 13.90 -7.14
C TYR B 230 39.86 15.22 -7.93
N ALA B 231 40.91 16.02 -7.77
CA ALA B 231 41.03 17.30 -8.47
C ALA B 231 40.99 17.10 -9.99
N GLY B 232 41.74 16.11 -10.46
CA GLY B 232 41.71 15.71 -11.86
C GLY B 232 40.31 15.35 -12.35
N MET B 233 39.61 14.55 -11.55
CA MET B 233 38.26 14.11 -11.91
C MET B 233 37.31 15.29 -12.09
N VAL B 234 37.42 16.26 -11.17
CA VAL B 234 36.61 17.48 -11.20
C VAL B 234 36.98 18.35 -12.41
N TYR B 235 38.29 18.44 -12.69
CA TYR B 235 38.76 19.19 -13.87
C TYR B 235 38.17 18.61 -15.16
N ALA B 236 38.05 17.29 -15.24
CA ALA B 236 37.43 16.64 -16.41
C ALA B 236 35.97 17.09 -16.58
N VAL B 237 35.25 17.24 -15.46
CA VAL B 237 33.86 17.73 -15.51
C VAL B 237 33.85 19.17 -16.05
N ASP B 238 34.79 19.99 -15.55
CA ASP B 238 34.91 21.35 -16.03
C ASP B 238 35.17 21.43 -17.55
N ARG B 239 36.09 20.61 -18.04
CA ARG B 239 36.35 20.50 -19.50
C ARG B 239 35.04 20.19 -20.26
N GLY B 240 34.30 19.21 -19.74
CA GLY B 240 33.01 18.82 -20.29
C GLY B 240 31.97 19.91 -20.35
N VAL B 241 31.86 20.70 -19.28
CA VAL B 241 30.95 21.84 -19.24
C VAL B 241 31.33 22.87 -20.31
N GLY B 242 32.63 23.12 -20.44
CA GLY B 242 33.14 24.00 -21.50
C GLY B 242 32.74 23.54 -22.89
N LYS B 243 32.94 22.24 -23.15
CA LYS B 243 32.57 21.66 -24.44
C LYS B 243 31.07 21.80 -24.74
N LEU B 244 30.24 21.55 -23.74
CA LEU B 244 28.78 21.71 -23.84
C LEU B 244 28.39 23.15 -24.11
N VAL B 245 28.95 24.08 -23.33
CA VAL B 245 28.71 25.52 -23.50
C VAL B 245 29.06 26.01 -24.92
N GLU B 246 30.24 25.59 -25.40
CA GLU B 246 30.68 25.90 -26.76
C GLU B 246 29.68 25.40 -27.82
N ALA B 247 29.18 24.17 -27.66
CA ALA B 247 28.18 23.64 -28.56
C ALA B 247 26.87 24.47 -28.52
N LEU B 248 26.46 24.88 -27.33
CA LEU B 248 25.26 25.71 -27.17
C LEU B 248 25.38 27.04 -27.92
N LYS B 249 26.58 27.64 -27.86
CA LYS B 249 26.85 28.90 -28.56
C LYS B 249 26.81 28.75 -30.08
N LYS B 250 27.53 27.75 -30.58
CA LYS B 250 27.54 27.42 -32.01
C LYS B 250 26.13 27.16 -32.55
N ASN B 251 25.31 26.48 -31.76
CA ASN B 251 23.94 26.15 -32.14
C ASN B 251 22.92 27.26 -31.91
N ASN B 252 23.34 28.42 -31.37
CA ASN B 252 22.39 29.50 -31.02
C ASN B 252 21.35 29.06 -29.98
N GLN B 253 21.77 28.18 -29.07
CA GLN B 253 20.91 27.67 -27.97
C GLN B 253 21.23 28.37 -26.66
N TYR B 254 22.47 28.82 -26.50
CA TYR B 254 23.03 29.33 -25.25
C TYR B 254 22.21 30.44 -24.59
N ASP B 255 21.82 31.45 -25.37
CA ASP B 255 21.08 32.60 -24.81
C ASP B 255 19.67 32.27 -24.34
N ASN B 256 19.06 31.22 -24.89
CA ASN B 256 17.73 30.79 -24.46
C ASN B 256 17.77 29.44 -23.70
N THR B 257 18.84 29.22 -22.92
CA THR B 257 18.97 28.01 -22.12
C THR B 257 19.29 28.39 -20.68
N LEU B 258 18.45 27.92 -19.76
CA LEU B 258 18.74 27.97 -18.32
C LEU B 258 19.58 26.75 -17.99
N ILE B 259 20.82 27.00 -17.57
CA ILE B 259 21.72 25.96 -17.10
C ILE B 259 21.74 26.01 -15.57
N VAL B 260 21.57 24.85 -14.95
CA VAL B 260 21.75 24.67 -13.52
C VAL B 260 22.92 23.71 -13.35
N PHE B 261 23.85 24.07 -12.47
CA PHE B 261 24.94 23.16 -12.09
C PHE B 261 24.89 22.96 -10.58
N MET B 262 24.98 21.71 -10.13
CA MET B 262 24.98 21.41 -8.70
C MET B 262 25.59 20.06 -8.37
N SER B 263 25.66 19.75 -7.07
CA SER B 263 25.99 18.41 -6.59
C SER B 263 24.75 17.70 -6.06
N ASP B 264 24.76 16.37 -6.09
CA ASP B 264 23.65 15.59 -5.53
C ASP B 264 23.69 15.56 -4.00
N ASN B 265 24.89 15.66 -3.45
CA ASN B 265 25.09 15.72 -2.01
C ASN B 265 26.46 16.30 -1.67
N GLY B 266 26.74 16.40 -0.39
CA GLY B 266 28.02 16.87 0.11
C GLY B 266 29.15 15.94 -0.23
N GLY B 267 30.36 16.47 -0.18
CA GLY B 267 31.56 15.73 -0.53
C GLY B 267 31.95 14.78 0.57
N LYS B 268 32.62 13.69 0.21
CA LYS B 268 33.10 12.72 1.17
C LYS B 268 34.57 13.00 1.48
N LEU B 269 34.86 13.39 2.71
CA LEU B 269 36.20 13.85 3.09
C LEU B 269 37.28 12.79 2.97
N SER B 270 36.93 11.54 3.24
CA SER B 270 37.86 10.41 3.11
C SER B 270 38.08 9.97 1.65
N LYS B 271 37.34 10.54 0.70
CA LYS B 271 37.57 10.28 -0.73
C LYS B 271 37.87 11.55 -1.52
N GLY B 272 38.72 12.41 -0.94
CA GLY B 272 39.34 13.54 -1.62
C GLY B 272 38.61 14.87 -1.60
N ALA B 273 37.41 14.94 -1.03
CA ALA B 273 36.60 16.15 -1.07
C ALA B 273 36.98 17.13 0.03
N ASN B 274 36.53 18.37 -0.14
CA ASN B 274 36.67 19.42 0.86
C ASN B 274 35.34 20.20 0.90
N ASN B 275 34.77 20.32 2.09
CA ASN B 275 33.48 21.01 2.30
C ASN B 275 33.58 22.34 3.04
N PHE B 276 34.78 22.93 3.13
CA PHE B 276 35.01 24.17 3.86
C PHE B 276 34.02 25.23 3.39
N PRO B 277 33.41 26.01 4.29
CA PRO B 277 33.60 26.00 5.75
C PRO B 277 32.60 25.12 6.54
N LEU B 278 31.94 24.18 5.87
CA LEU B 278 30.85 23.43 6.49
C LEU B 278 31.40 22.26 7.28
N LYS B 279 30.66 21.88 8.32
CA LYS B 279 31.03 20.75 9.18
C LYS B 279 30.64 19.44 8.49
N ALA B 280 31.50 18.42 8.62
CA ALA B 280 31.25 17.05 8.16
C ALA B 280 31.09 16.97 6.64
N GLY B 281 30.42 15.93 6.14
CA GLY B 281 30.25 15.73 4.71
C GLY B 281 29.15 14.76 4.34
N LYS B 282 29.35 14.07 3.22
CA LYS B 282 28.37 13.13 2.66
C LYS B 282 27.64 12.29 3.70
N GLY B 283 26.30 12.29 3.61
CA GLY B 283 25.45 11.50 4.48
C GLY B 283 25.01 12.14 5.79
N SER B 284 25.62 13.29 6.13
CA SER B 284 25.37 13.94 7.42
C SER B 284 24.20 14.91 7.34
N THR B 285 23.56 15.17 8.47
CA THR B 285 22.59 16.26 8.57
C THR B 285 23.23 17.56 9.08
N GLN B 286 24.53 17.51 9.36
CA GLN B 286 25.35 18.73 9.42
C GLN B 286 25.30 19.38 8.02
N GLU B 287 25.60 20.66 7.93
CA GLU B 287 25.53 21.38 6.65
C GLU B 287 26.34 20.72 5.53
N GLY B 288 27.47 20.13 5.89
CA GLY B 288 28.34 19.51 4.91
C GLY B 288 27.75 18.38 4.11
N GLY B 289 26.69 17.75 4.62
CA GLY B 289 26.05 16.62 3.95
C GLY B 289 25.02 16.95 2.90
N PHE B 290 24.28 18.03 3.07
CA PHE B 290 23.19 18.37 2.14
C PHE B 290 23.13 19.81 1.64
N ARG B 291 24.08 20.66 2.04
CA ARG B 291 24.26 22.00 1.48
C ARG B 291 25.32 21.88 0.37
N VAL B 292 24.95 22.29 -0.84
CA VAL B 292 25.77 22.03 -2.03
C VAL B 292 26.05 23.28 -2.86
N PRO B 293 27.08 23.23 -3.73
CA PRO B 293 27.25 24.31 -4.69
C PRO B 293 26.11 24.33 -5.70
N MET B 294 25.68 25.51 -6.11
CA MET B 294 24.67 25.63 -7.14
C MET B 294 24.79 26.97 -7.86
N LEU B 295 24.57 26.93 -9.17
CA LEU B 295 24.50 28.14 -9.96
C LEU B 295 23.41 28.02 -10.99
N PHE B 296 22.79 29.16 -11.32
CA PHE B 296 21.85 29.30 -12.45
C PHE B 296 22.56 30.15 -13.50
N HIS B 297 22.36 29.82 -14.77
CA HIS B 297 22.82 30.66 -15.87
C HIS B 297 21.78 30.73 -16.97
N TRP B 298 21.36 31.95 -17.29
CA TRP B 298 20.35 32.23 -18.31
C TRP B 298 20.46 33.72 -18.63
N PRO B 299 21.14 34.07 -19.75
CA PRO B 299 21.38 35.48 -20.08
C PRO B 299 20.11 36.32 -20.23
N LYS B 300 20.13 37.53 -19.66
CA LYS B 300 19.00 38.46 -19.66
C LYS B 300 17.80 38.01 -18.79
N HIS B 301 18.02 37.06 -17.88
CA HIS B 301 16.97 36.53 -17.00
C HIS B 301 17.52 36.26 -15.62
N VAL B 302 18.57 35.44 -15.54
CA VAL B 302 19.35 35.27 -14.32
C VAL B 302 20.37 36.40 -14.33
N PRO B 303 20.35 37.27 -13.30
CA PRO B 303 21.33 38.36 -13.25
C PRO B 303 22.77 37.87 -13.29
N ALA B 304 23.65 38.59 -13.98
CA ALA B 304 25.06 38.22 -14.09
C ALA B 304 25.84 38.73 -12.89
N GLY B 305 26.78 37.91 -12.41
CA GLY B 305 27.71 38.31 -11.34
C GLY B 305 27.17 38.40 -9.93
N LYS B 306 26.04 37.74 -9.66
CA LYS B 306 25.38 37.83 -8.35
C LYS B 306 25.55 36.57 -7.50
N ARG B 307 25.25 36.72 -6.21
CA ARG B 307 25.38 35.68 -5.20
C ARG B 307 24.10 35.73 -4.34
N PHE B 308 23.23 34.74 -4.54
CA PHE B 308 21.92 34.68 -3.89
C PHE B 308 22.02 34.04 -2.50
N SER B 309 21.66 34.79 -1.47
CA SER B 309 21.95 34.43 -0.07
C SER B 309 20.78 33.78 0.69
N HIS B 310 19.61 33.65 0.06
CA HIS B 310 18.46 33.04 0.71
C HIS B 310 18.36 31.52 0.41
N PRO B 311 17.78 30.74 1.34
CA PRO B 311 17.64 29.30 1.16
C PRO B 311 16.91 28.91 -0.11
N VAL B 312 17.40 27.87 -0.78
CA VAL B 312 16.78 27.29 -1.96
C VAL B 312 16.93 25.78 -1.85
N SER B 313 15.88 25.05 -2.24
CA SER B 313 15.85 23.59 -2.16
C SER B 313 15.90 23.00 -3.55
N ALA B 314 16.53 21.83 -3.67
CA ALA B 314 16.49 21.05 -4.92
C ALA B 314 15.05 20.76 -5.35
N LEU B 315 14.15 20.66 -4.39
CA LEU B 315 12.72 20.44 -4.63
C LEU B 315 12.07 21.56 -5.42
N ASP B 316 12.62 22.77 -5.31
CA ASP B 316 12.14 23.94 -6.06
C ASP B 316 12.30 23.85 -7.57
N LEU B 317 13.26 23.06 -8.04
CA LEU B 317 13.55 22.98 -9.48
C LEU B 317 12.39 22.42 -10.30
N TYR B 318 11.62 21.49 -9.73
CA TYR B 318 10.46 20.92 -10.43
C TYR B 318 9.41 21.96 -10.78
N PRO B 319 8.84 22.66 -9.77
CA PRO B 319 7.83 23.69 -10.11
C PRO B 319 8.42 24.95 -10.79
N THR B 320 9.69 25.26 -10.53
CA THR B 320 10.34 26.40 -11.18
C THR B 320 10.55 26.12 -12.67
N PHE B 321 11.08 24.94 -13.00
CA PHE B 321 11.20 24.54 -14.40
C PHE B 321 9.83 24.51 -15.09
N ALA B 322 8.83 23.96 -14.42
CA ALA B 322 7.48 23.84 -14.98
C ALA B 322 6.87 25.21 -15.31
N ALA B 323 7.00 26.16 -14.39
CA ALA B 323 6.46 27.52 -14.61
C ALA B 323 7.12 28.20 -15.84
N LEU B 324 8.44 28.13 -15.91
CA LEU B 324 9.19 28.68 -17.05
C LEU B 324 8.87 28.00 -18.39
N ALA B 325 8.58 26.71 -18.34
CA ALA B 325 8.21 25.94 -19.52
C ALA B 325 6.73 26.08 -19.91
N GLY B 326 5.95 26.77 -19.08
CA GLY B 326 4.52 26.91 -19.30
C GLY B 326 3.74 25.63 -19.12
N ALA B 327 4.28 24.71 -18.31
CA ALA B 327 3.66 23.40 -18.07
C ALA B 327 2.84 23.48 -16.78
N LYS B 328 1.59 23.03 -16.85
CA LYS B 328 0.68 23.10 -15.71
C LYS B 328 1.04 22.02 -14.68
N VAL B 329 0.98 22.40 -13.41
CA VAL B 329 1.16 21.49 -12.29
C VAL B 329 -0.21 21.22 -11.67
N GLU B 330 -0.62 19.95 -11.60
CA GLU B 330 -1.86 19.54 -10.90
C GLU B 330 -1.60 19.41 -9.38
N GLU B 331 -2.60 19.74 -8.56
CA GLU B 331 -2.48 19.68 -7.08
C GLU B 331 -2.31 18.24 -6.54
N ASN B 332 -2.81 17.24 -7.29
CA ASN B 332 -2.64 15.83 -6.89
C ASN B 332 -1.19 15.30 -7.05
N GLN B 333 -0.28 16.10 -7.61
CA GLN B 333 1.16 15.74 -7.65
C GLN B 333 1.91 15.90 -6.31
N HIS B 334 1.34 16.68 -5.37
CA HIS B 334 1.85 16.84 -4.00
C HIS B 334 3.29 17.39 -3.92
N LEU B 335 3.61 18.35 -4.77
CA LEU B 335 4.96 18.92 -4.83
C LEU B 335 5.36 19.55 -3.49
N ASP B 336 6.59 19.29 -3.05
CA ASP B 336 7.06 19.76 -1.73
C ASP B 336 7.93 21.02 -1.76
N GLY B 337 8.35 21.44 -2.96
CA GLY B 337 9.09 22.68 -3.15
C GLY B 337 8.17 23.76 -3.65
N THR B 338 8.78 24.89 -4.04
CA THR B 338 8.05 26.04 -4.54
C THR B 338 8.69 26.57 -5.82
N ASN B 339 7.87 27.21 -6.66
CA ASN B 339 8.37 28.01 -7.78
C ASN B 339 9.10 29.21 -7.18
N MET B 340 10.44 29.16 -7.22
CA MET B 340 11.26 30.17 -6.53
C MET B 340 11.53 31.43 -7.36
N TRP B 341 11.08 31.44 -8.61
CA TRP B 341 11.43 32.50 -9.54
C TRP B 341 10.91 33.89 -9.15
N PRO B 342 9.62 34.02 -8.78
CA PRO B 342 9.15 35.34 -8.34
C PRO B 342 9.99 35.95 -7.22
N ALA B 343 10.19 35.18 -6.15
CA ALA B 343 11.00 35.62 -5.02
C ALA B 343 12.49 35.82 -5.41
N PHE B 344 13.00 34.95 -6.28
CA PHE B 344 14.37 35.06 -6.78
C PHE B 344 14.61 36.41 -7.46
N ILE B 345 13.67 36.79 -8.34
CA ILE B 345 13.78 38.02 -9.09
C ILE B 345 13.74 39.26 -8.20
N LYS B 346 12.95 39.24 -7.14
CA LYS B 346 12.90 40.34 -6.15
C LYS B 346 14.03 40.29 -5.09
N ASN B 347 14.95 39.33 -5.20
CA ASN B 347 15.99 39.06 -4.19
C ASN B 347 15.44 38.80 -2.78
N GLU B 348 14.30 38.10 -2.73
CA GLU B 348 13.66 37.72 -1.47
C GLU B 348 13.79 36.21 -1.20
N ASN B 349 13.55 35.82 0.05
CA ASN B 349 13.61 34.43 0.48
C ASN B 349 12.40 33.64 -0.06
N PRO B 350 12.63 32.67 -0.98
CA PRO B 350 11.50 31.87 -1.46
C PRO B 350 10.92 30.89 -0.42
N HIS B 351 11.62 30.71 0.70
CA HIS B 351 11.15 29.93 1.82
C HIS B 351 11.10 30.79 3.09
N LYS B 352 10.64 32.04 2.96
CA LYS B 352 10.47 32.94 4.11
C LYS B 352 9.49 32.30 5.08
N ASP B 353 9.94 32.11 6.32
CA ASP B 353 9.13 31.49 7.39
C ASP B 353 8.65 30.04 7.08
N GLU B 354 9.40 29.32 6.23
CA GLU B 354 9.06 27.95 5.85
C GLU B 354 10.31 27.08 5.95
N PRO B 355 10.18 25.90 6.59
CA PRO B 355 11.36 25.07 6.81
C PRO B 355 11.81 24.27 5.58
N ILE B 356 13.10 23.95 5.54
CA ILE B 356 13.69 23.01 4.61
C ILE B 356 14.25 21.89 5.49
N TYR B 357 14.05 20.64 5.08
CA TYR B 357 14.32 19.49 5.95
C TYR B 357 15.38 18.55 5.38
N ALA B 358 16.10 17.88 6.28
CA ALA B 358 16.83 16.66 5.93
C ALA B 358 16.56 15.63 7.02
N LEU B 359 16.30 14.40 6.61
CA LEU B 359 16.10 13.28 7.53
C LEU B 359 16.76 12.06 6.95
N ARG B 360 17.87 11.64 7.57
CA ARG B 360 18.65 10.50 7.12
C ARG B 360 18.64 9.42 8.18
N HIS B 361 18.23 8.22 7.80
CA HIS B 361 18.10 7.11 8.75
C HIS B 361 19.41 6.38 9.00
N ARG B 362 19.53 5.83 10.20
CA ARG B 362 20.69 5.07 10.64
C ARG B 362 20.17 3.83 11.41
N LYS B 363 21.06 3.12 12.11
CA LYS B 363 20.70 1.88 12.79
C LYS B 363 19.98 2.16 14.10
N GLY B 364 18.65 2.05 14.06
CA GLY B 364 17.82 2.21 15.25
C GLY B 364 17.48 3.65 15.62
N TYR B 365 17.93 4.61 14.82
CA TYR B 365 17.64 6.03 15.05
C TYR B 365 17.76 6.82 13.75
N SER B 366 17.41 8.10 13.80
CA SER B 366 17.50 8.99 12.63
C SER B 366 18.19 10.28 13.02
N ASP B 367 19.01 10.80 12.09
CA ASP B 367 19.57 12.15 12.18
C ASP B 367 18.69 13.06 11.36
N ALA B 368 18.62 14.33 11.76
CA ALA B 368 17.72 15.30 11.13
C ALA B 368 18.31 16.70 11.09
N ALA B 369 17.75 17.52 10.21
CA ALA B 369 18.14 18.92 10.05
C ALA B 369 16.91 19.76 9.70
N ILE B 370 16.87 20.99 10.23
CA ILE B 370 15.84 21.96 9.84
C ILE B 370 16.52 23.29 9.56
N ARG B 371 16.30 23.84 8.36
CA ARG B 371 16.75 25.17 8.00
C ARG B 371 15.54 26.06 7.81
N MET B 372 15.50 27.17 8.57
CA MET B 372 14.36 28.06 8.62
C MET B 372 14.92 29.46 8.86
N ASN B 373 14.78 30.34 7.88
CA ASN B 373 15.31 31.72 7.96
C ASN B 373 16.80 31.70 8.37
N GLN B 374 17.16 32.27 9.53
CA GLN B 374 18.57 32.29 9.96
C GLN B 374 18.93 31.07 10.80
N TRP B 375 17.96 30.21 11.09
CA TRP B 375 18.11 29.13 12.06
C TRP B 375 18.38 27.77 11.42
N LYS B 376 19.33 27.05 12.01
CA LYS B 376 19.58 25.64 11.68
C LYS B 376 19.37 24.81 12.94
N ALA B 377 18.33 23.99 12.95
CA ALA B 377 18.13 23.01 14.02
C ALA B 377 18.76 21.69 13.60
N LEU B 378 19.47 21.04 14.52
CA LEU B 378 20.28 19.87 14.21
C LEU B 378 20.09 18.75 15.22
N LYS B 379 19.82 17.56 14.71
CA LYS B 379 19.72 16.35 15.51
C LYS B 379 20.72 15.34 14.95
N VAL B 380 21.75 15.02 15.74
CA VAL B 380 22.83 14.14 15.28
C VAL B 380 23.34 13.22 16.38
N ASN B 381 23.73 12.01 16.00
CA ASN B 381 24.41 11.06 16.87
C ASN B 381 23.68 10.76 18.18
N GLN B 382 22.35 10.76 18.11
CA GLN B 382 21.47 10.52 19.28
C GLN B 382 21.62 11.53 20.43
N GLN B 383 22.22 12.69 20.15
CA GLN B 383 22.39 13.74 21.15
C GLN B 383 21.12 14.60 21.11
N PRO B 384 20.90 15.45 22.13
CA PRO B 384 19.75 16.36 22.09
C PRO B 384 19.80 17.36 20.94
N TRP B 385 18.63 17.88 20.55
CA TRP B 385 18.53 18.87 19.47
C TRP B 385 19.42 20.07 19.75
N GLN B 386 20.14 20.52 18.72
CA GLN B 386 21.01 21.70 18.81
C GLN B 386 20.44 22.77 17.89
N LEU B 387 20.73 24.03 18.19
CA LEU B 387 20.28 25.16 17.38
C LEU B 387 21.45 26.09 17.10
N PHE B 388 21.57 26.52 15.84
CA PHE B 388 22.62 27.43 15.42
C PHE B 388 21.99 28.57 14.64
N ASN B 389 22.55 29.76 14.80
CA ASN B 389 22.25 30.85 13.88
C ASN B 389 23.21 30.63 12.72
N ILE B 390 22.73 30.00 11.66
CA ILE B 390 23.61 29.54 10.59
C ILE B 390 24.17 30.68 9.75
N GLU B 391 23.47 31.81 9.72
CA GLU B 391 23.99 33.02 9.08
C GLU B 391 25.24 33.61 9.77
N ASN B 392 25.34 33.49 11.09
CA ASN B 392 26.55 33.93 11.84
C ASN B 392 27.51 32.80 12.18
N ASP B 393 27.08 31.54 11.99
CA ASP B 393 27.76 30.37 12.52
C ASP B 393 27.60 29.22 11.51
N ILE B 394 28.11 29.46 10.31
CA ILE B 394 28.01 28.52 9.18
C ILE B 394 28.66 27.14 9.48
N SER B 395 29.69 27.15 10.31
CA SER B 395 30.39 25.93 10.74
C SER B 395 29.77 25.19 11.93
N GLU B 396 28.60 25.65 12.40
CA GLU B 396 27.84 24.97 13.45
C GLU B 396 28.66 24.74 14.73
N LYS B 397 29.32 25.81 15.18
CA LYS B 397 30.20 25.76 16.36
C LYS B 397 29.52 26.12 17.70
N HIS B 398 28.46 26.92 17.66
CA HIS B 398 27.90 27.53 18.87
C HIS B 398 26.41 27.21 19.05
N ASP B 399 26.14 26.17 19.84
CA ASP B 399 24.77 25.74 20.13
C ASP B 399 24.07 26.74 21.03
N VAL B 400 23.02 27.36 20.51
CA VAL B 400 22.26 28.39 21.25
C VAL B 400 20.84 27.93 21.57
N SER B 401 20.67 26.63 21.77
CA SER B 401 19.35 26.04 22.10
C SER B 401 18.87 26.47 23.48
N LYS B 402 19.80 26.62 24.43
CA LYS B 402 19.47 27.06 25.80
C LYS B 402 18.78 28.44 25.86
N SER B 403 19.16 29.35 24.94
CA SER B 403 18.58 30.70 24.85
C SER B 403 17.33 30.80 23.95
N ASN B 404 16.91 29.71 23.30
CA ASN B 404 15.81 29.75 22.34
C ASN B 404 14.95 28.48 22.44
N LYS B 405 14.65 28.04 23.67
CA LYS B 405 13.97 26.76 23.90
C LYS B 405 12.64 26.63 23.13
N ALA B 406 11.81 27.67 23.21
CA ALA B 406 10.49 27.66 22.59
C ALA B 406 10.55 27.56 21.06
N LEU B 407 11.45 28.33 20.47
CA LEU B 407 11.69 28.33 19.03
C LEU B 407 12.11 26.96 18.48
N LEU B 408 13.07 26.33 19.16
CA LEU B 408 13.57 25.02 18.75
C LEU B 408 12.47 23.98 18.85
N THR B 409 11.83 23.92 20.01
CA THR B 409 10.69 23.03 20.25
C THR B 409 9.63 23.19 19.15
N ASP B 410 9.31 24.44 18.80
CA ASP B 410 8.39 24.74 17.72
C ASP B 410 8.85 24.18 16.36
N MET B 411 10.14 24.37 16.05
CA MET B 411 10.71 23.87 14.80
C MET B 411 10.64 22.34 14.71
N VAL B 412 10.93 21.66 15.81
CA VAL B 412 10.91 20.19 15.88
C VAL B 412 9.46 19.67 15.78
N ARG B 413 8.54 20.31 16.50
CA ARG B 413 7.12 19.92 16.42
C ARG B 413 6.54 20.07 15.02
N GLU B 414 6.96 21.11 14.30
CA GLU B 414 6.57 21.27 12.89
C GLU B 414 7.13 20.14 12.01
N MET B 415 8.36 19.70 12.29
CA MET B 415 8.95 18.56 11.57
C MET B 415 8.24 17.25 11.89
N GLU B 416 7.89 17.07 13.16
CA GLU B 416 7.07 15.94 13.58
C GLU B 416 5.74 15.94 12.83
N LYS B 417 5.12 17.11 12.73
CA LYS B 417 3.87 17.27 11.97
C LYS B 417 4.08 16.88 10.51
N TRP B 418 5.15 17.38 9.92
CA TRP B 418 5.55 17.06 8.54
C TRP B 418 5.82 15.55 8.30
N SER B 419 6.30 14.84 9.32
CA SER B 419 6.70 13.44 9.15
C SER B 419 5.58 12.41 8.95
N TRP B 420 4.34 12.74 9.31
CA TRP B 420 3.25 11.74 9.33
C TRP B 420 2.92 11.10 7.97
N ASP B 421 3.12 11.82 6.88
CA ASP B 421 2.92 11.26 5.52
C ASP B 421 4.21 10.74 4.88
N ASN B 422 5.29 10.58 5.66
CA ASN B 422 6.43 9.79 5.23
C ASN B 422 5.99 8.33 5.13
N GLN B 423 6.27 7.71 4.00
CA GLN B 423 5.90 6.32 3.76
C GLN B 423 6.96 5.40 4.29
N GLN B 424 6.57 4.20 4.66
CA GLN B 424 7.53 3.15 4.98
C GLN B 424 8.41 2.95 3.73
N PRO B 425 9.72 2.75 3.92
CA PRO B 425 10.58 2.54 2.77
C PRO B 425 10.16 1.33 1.93
N SER B 426 10.17 1.48 0.61
CA SER B 426 9.87 0.40 -0.32
C SER B 426 11.06 -0.54 -0.57
N TRP B 427 12.25 -0.12 -0.16
CA TRP B 427 13.45 -0.94 -0.29
C TRP B 427 14.52 -0.37 0.62
N PHE B 428 15.65 -1.07 0.68
CA PHE B 428 16.86 -0.62 1.38
C PHE B 428 18.07 -0.94 0.50
N HIS B 429 19.23 -0.39 0.81
CA HIS B 429 20.44 -0.62 -0.03
C HIS B 429 21.10 -1.98 0.25
N GLU B 430 20.81 -2.56 1.40
CA GLU B 430 21.24 -3.91 1.74
C GLU B 430 20.14 -4.62 2.53
N THR B 431 20.11 -5.95 2.41
CA THR B 431 19.13 -6.78 3.09
C THR B 431 19.13 -6.61 4.61
N THR B 432 20.32 -6.62 5.21
CA THR B 432 20.46 -6.46 6.67
C THR B 432 19.94 -5.11 7.19
N GLU B 433 20.06 -4.07 6.37
CA GLU B 433 19.51 -2.75 6.70
C GLU B 433 17.98 -2.80 6.87
N GLY B 434 17.31 -3.50 5.96
CA GLY B 434 15.87 -3.67 6.02
C GLY B 434 15.42 -4.54 7.16
N VAL B 435 16.19 -5.58 7.45
CA VAL B 435 15.90 -6.44 8.59
C VAL B 435 16.00 -5.64 9.88
N ASN B 436 17.07 -4.84 10.01
CA ASN B 436 17.28 -4.01 11.21
C ASN B 436 16.21 -2.94 11.38
N TRP B 437 15.76 -2.36 10.28
CA TRP B 437 14.63 -1.44 10.28
C TRP B 437 13.40 -2.08 10.96
N ARG B 438 13.05 -3.30 10.54
CA ARG B 438 11.90 -4.00 11.12
C ARG B 438 12.15 -4.43 12.57
N LEU B 439 13.35 -4.94 12.86
CA LEU B 439 13.72 -5.34 14.23
C LEU B 439 13.64 -4.18 15.22
N ASP B 440 14.01 -2.98 14.78
CA ASP B 440 14.07 -1.81 15.65
C ASP B 440 12.79 -0.95 15.64
N ALA B 441 11.73 -1.43 14.97
CA ALA B 441 10.41 -0.77 14.97
C ALA B 441 10.43 0.60 14.31
N MET B 442 11.33 0.77 13.34
CA MET B 442 11.57 2.09 12.74
C MET B 442 10.36 2.57 11.92
N PRO B 443 10.15 3.88 11.84
CA PRO B 443 11.03 4.92 12.38
C PRO B 443 10.86 5.14 13.89
N ARG B 444 11.96 5.30 14.61
CA ARG B 444 11.92 5.64 16.04
C ARG B 444 11.82 7.15 16.21
N PHE B 445 10.71 7.70 15.75
CA PHE B 445 10.47 9.15 15.79
C PHE B 445 10.16 9.64 17.20
N ASP B 446 9.86 8.73 18.13
CA ASP B 446 9.80 9.10 19.54
C ASP B 446 11.15 9.66 20.03
N LYS B 447 12.25 9.13 19.50
CA LYS B 447 13.59 9.63 19.84
C LYS B 447 13.93 10.86 18.99
N THR B 448 13.56 10.83 17.71
CA THR B 448 13.92 11.89 16.77
C THR B 448 13.29 13.24 17.13
N PHE B 449 12.03 13.23 17.57
CA PHE B 449 11.29 14.47 17.84
C PHE B 449 11.03 14.73 19.34
N LYS B 450 11.85 14.15 20.20
CA LYS B 450 11.81 14.41 21.65
C LYS B 450 12.28 15.85 21.95
N THR B 451 11.45 16.58 22.71
CA THR B 451 11.70 17.93 23.25
C THR B 451 11.98 18.97 22.18
N GLN C 1 -9.01 -22.57 -36.76
CA GLN C 1 -9.62 -23.04 -35.49
C GLN C 1 -8.64 -22.90 -34.32
N LYS C 2 -8.93 -21.98 -33.40
CA LYS C 2 -8.20 -21.89 -32.12
C LYS C 2 -8.52 -23.13 -31.26
N PRO C 3 -7.51 -23.69 -30.56
CA PRO C 3 -7.73 -24.92 -29.80
C PRO C 3 -8.48 -24.71 -28.50
N ASN C 4 -9.21 -25.73 -28.07
CA ASN C 4 -9.77 -25.75 -26.72
C ASN C 4 -8.61 -26.09 -25.77
N ILE C 5 -8.75 -25.71 -24.50
CA ILE C 5 -7.71 -25.94 -23.50
C ILE C 5 -8.35 -26.45 -22.23
N ILE C 6 -7.79 -27.51 -21.66
CA ILE C 6 -8.27 -28.06 -20.38
C ILE C 6 -7.09 -28.19 -19.43
N LEU C 7 -7.19 -27.52 -18.29
CA LEU C 7 -6.18 -27.62 -17.24
C LEU C 7 -6.78 -28.43 -16.11
N ILE C 8 -6.30 -29.66 -15.95
CA ILE C 8 -6.74 -30.54 -14.87
C ILE C 8 -5.69 -30.52 -13.77
N VAL C 9 -6.09 -30.11 -12.58
CA VAL C 9 -5.18 -30.02 -11.43
C VAL C 9 -5.72 -30.90 -10.31
N ALA C 10 -4.90 -31.87 -9.90
CA ALA C 10 -5.18 -32.65 -8.71
C ALA C 10 -4.53 -31.95 -7.50
N ASP C 11 -4.96 -32.32 -6.31
CA ASP C 11 -4.63 -31.60 -5.08
C ASP C 11 -3.88 -32.52 -4.11
N ASP C 12 -2.60 -32.21 -3.88
CA ASP C 12 -1.69 -33.04 -3.07
C ASP C 12 -1.35 -34.40 -3.73
N LEU C 13 -1.43 -34.47 -5.05
CA LEU C 13 -1.06 -35.70 -5.75
C LEU C 13 0.46 -35.92 -5.69
N GLY C 14 0.86 -37.04 -5.10
CA GLY C 14 2.27 -37.38 -4.99
C GLY C 14 2.94 -37.70 -6.32
N TYR C 15 4.26 -37.55 -6.35
CA TYR C 15 5.06 -37.66 -7.58
C TYR C 15 5.05 -39.05 -8.20
N ALA C 16 4.90 -40.07 -7.36
CA ALA C 16 4.91 -41.47 -7.81
C ALA C 16 3.51 -42.10 -7.74
N ASP C 17 2.46 -41.31 -7.84
CA ASP C 17 1.10 -41.79 -7.60
C ASP C 17 0.23 -41.84 -8.86
N VAL C 18 0.87 -41.67 -10.01
CA VAL C 18 0.29 -41.94 -11.31
C VAL C 18 1.25 -42.85 -12.06
N GLY C 19 0.71 -43.79 -12.85
CA GLY C 19 1.51 -44.80 -13.53
C GLY C 19 2.58 -44.23 -14.42
N PHE C 20 2.25 -43.21 -15.21
CA PHE C 20 3.20 -42.60 -16.14
C PHE C 20 4.38 -41.90 -15.46
N ASN C 21 4.25 -41.56 -14.17
CA ASN C 21 5.36 -40.97 -13.42
C ASN C 21 6.00 -41.94 -12.40
N GLY C 22 5.80 -43.25 -12.60
CA GLY C 22 6.54 -44.29 -11.87
C GLY C 22 5.80 -45.04 -10.77
N SER C 23 4.47 -44.91 -10.70
CA SER C 23 3.71 -45.64 -9.69
C SER C 23 3.79 -47.15 -9.89
N LYS C 24 4.16 -47.87 -8.84
CA LYS C 24 4.19 -49.34 -8.86
C LYS C 24 2.92 -49.99 -8.27
N ASP C 25 2.08 -49.21 -7.56
CA ASP C 25 0.90 -49.75 -6.88
C ASP C 25 -0.43 -49.11 -7.27
N ILE C 26 -0.46 -47.79 -7.44
CA ILE C 26 -1.68 -47.11 -7.89
C ILE C 26 -1.71 -47.19 -9.42
N ILE C 27 -2.88 -47.49 -9.97
CA ILE C 27 -3.04 -47.78 -11.40
C ILE C 27 -3.95 -46.69 -11.94
N THR C 28 -3.48 -46.00 -12.96
CA THR C 28 -4.16 -44.84 -13.52
C THR C 28 -4.23 -44.96 -15.06
N PRO C 29 -5.07 -45.88 -15.56
CA PRO C 29 -5.04 -46.18 -16.99
C PRO C 29 -5.44 -45.02 -17.92
N ASN C 30 -6.52 -44.30 -17.60
CA ASN C 30 -6.98 -43.19 -18.45
C ASN C 30 -6.05 -41.98 -18.47
N ILE C 31 -5.45 -41.68 -17.33
CA ILE C 31 -4.44 -40.64 -17.24
C ILE C 31 -3.17 -41.09 -17.99
N ASP C 32 -2.78 -42.35 -17.80
CA ASP C 32 -1.66 -42.93 -18.55
C ASP C 32 -1.88 -42.95 -20.07
N ASP C 33 -3.13 -43.13 -20.54
CA ASP C 33 -3.44 -43.05 -21.97
C ASP C 33 -3.02 -41.70 -22.53
N LEU C 34 -3.39 -40.64 -21.82
CA LEU C 34 -3.04 -39.29 -22.23
C LEU C 34 -1.52 -39.10 -22.30
N ALA C 35 -0.80 -39.67 -21.34
CA ALA C 35 0.66 -39.65 -21.36
C ALA C 35 1.24 -40.45 -22.52
N LYS C 36 0.82 -41.70 -22.67
CA LYS C 36 1.33 -42.60 -23.73
C LYS C 36 1.12 -42.02 -25.14
N SER C 37 0.01 -41.31 -25.36
CA SER C 37 -0.25 -40.63 -26.65
C SER C 37 0.02 -39.10 -26.62
N GLY C 38 0.79 -38.65 -25.63
CA GLY C 38 1.22 -37.26 -25.51
C GLY C 38 2.62 -37.19 -24.94
N THR C 39 2.95 -36.06 -24.30
CA THR C 39 4.25 -35.83 -23.70
C THR C 39 4.09 -35.60 -22.21
N SER C 40 4.87 -36.34 -21.41
CA SER C 40 5.00 -36.06 -19.97
C SER C 40 6.27 -35.27 -19.68
N PHE C 41 6.35 -34.72 -18.48
CA PHE C 41 7.38 -33.76 -18.10
C PHE C 41 8.07 -34.22 -16.83
N SER C 42 9.35 -34.55 -16.93
CA SER C 42 10.09 -35.04 -15.78
C SER C 42 10.62 -33.94 -14.88
N ASP C 43 10.61 -32.69 -15.33
CA ASP C 43 11.14 -31.56 -14.58
C ASP C 43 10.11 -30.42 -14.56
N ALA C 44 8.89 -30.74 -14.14
CA ALA C 44 7.79 -29.76 -14.06
C ALA C 44 7.68 -29.24 -12.64
N TYR C 45 7.66 -27.92 -12.49
CA TYR C 45 7.67 -27.26 -11.18
C TYR C 45 6.49 -26.32 -11.01
N VAL C 46 5.83 -26.40 -9.85
CA VAL C 46 4.83 -25.39 -9.48
C VAL C 46 5.53 -24.21 -8.81
N ALA C 47 4.84 -23.08 -8.74
CA ALA C 47 5.42 -21.83 -8.25
C ALA C 47 5.54 -21.75 -6.73
N HIS C 48 4.92 -22.68 -6.01
CA HIS C 48 4.94 -22.73 -4.55
C HIS C 48 4.60 -24.13 -4.07
N PRO C 49 5.21 -24.58 -2.96
CA PRO C 49 4.98 -25.96 -2.54
C PRO C 49 3.66 -26.23 -1.77
N PHE C 50 2.70 -25.32 -1.84
CA PHE C 50 1.33 -25.63 -1.41
C PHE C 50 0.26 -24.79 -2.12
N SER C 51 -1.01 -25.10 -1.83
CA SER C 51 -2.16 -24.84 -2.72
C SER C 51 -2.44 -23.43 -3.20
N GLY C 52 -2.77 -22.54 -2.27
CA GLY C 52 -3.29 -21.21 -2.59
C GLY C 52 -2.34 -20.40 -3.46
N PRO C 53 -1.08 -20.27 -3.04
CA PRO C 53 -0.10 -19.53 -3.83
C PRO C 53 0.22 -20.18 -5.18
N SER C 54 0.28 -21.52 -5.21
CA SER C 54 0.43 -22.26 -6.45
C SER C 54 -0.68 -21.96 -7.43
N ARG C 55 -1.91 -22.02 -6.92
CA ARG C 55 -3.11 -21.77 -7.77
C ARG C 55 -3.18 -20.32 -8.24
N ALA C 56 -2.81 -19.39 -7.37
CA ALA C 56 -2.72 -17.98 -7.75
C ALA C 56 -1.72 -17.79 -8.90
N ALA C 57 -0.60 -18.49 -8.81
CA ALA C 57 0.43 -18.45 -9.85
C ALA C 57 -0.05 -19.01 -11.18
N LEU C 58 -0.75 -20.13 -11.13
CA LEU C 58 -1.36 -20.73 -12.33
C LEU C 58 -2.28 -19.77 -13.05
N MET C 59 -3.18 -19.15 -12.28
CA MET C 59 -4.18 -18.25 -12.83
C MET C 59 -3.60 -16.93 -13.31
N THR C 60 -2.64 -16.36 -12.58
CA THR C 60 -2.09 -15.03 -12.89
C THR C 60 -0.81 -15.04 -13.75
N GLY C 61 -0.12 -16.18 -13.78
CA GLY C 61 1.18 -16.27 -14.42
C GLY C 61 2.27 -15.49 -13.70
N ARG C 62 2.08 -15.26 -12.41
CA ARG C 62 3.03 -14.54 -11.59
C ARG C 62 3.38 -15.29 -10.35
N TYR C 63 4.62 -15.17 -9.92
CA TYR C 63 4.99 -15.71 -8.61
C TYR C 63 4.07 -15.09 -7.57
N PRO C 64 3.48 -15.91 -6.67
CA PRO C 64 2.51 -15.36 -5.70
C PRO C 64 3.08 -14.31 -4.73
N HIS C 65 4.40 -14.29 -4.56
CA HIS C 65 5.08 -13.31 -3.71
C HIS C 65 4.97 -11.90 -4.31
N LYS C 66 4.89 -11.82 -5.64
CA LYS C 66 4.76 -10.53 -6.31
C LYS C 66 3.39 -9.87 -6.09
N ILE C 67 2.39 -10.65 -5.70
CA ILE C 67 1.01 -10.15 -5.58
C ILE C 67 0.44 -10.42 -4.20
N GLY C 68 1.32 -10.45 -3.19
CA GLY C 68 0.94 -10.58 -1.78
C GLY C 68 0.19 -11.85 -1.42
N SER C 69 0.38 -12.92 -2.18
CA SER C 69 -0.40 -14.16 -2.02
C SER C 69 0.49 -15.36 -1.67
N GLN C 70 1.50 -15.15 -0.81
CA GLN C 70 2.47 -16.19 -0.45
C GLN C 70 1.95 -17.19 0.56
N PHE C 71 0.77 -16.93 1.12
CA PHE C 71 0.16 -17.81 2.11
C PHE C 71 -1.21 -18.27 1.65
N ASN C 72 -1.68 -19.39 2.17
CA ASN C 72 -3.07 -19.80 1.98
C ASN C 72 -4.00 -18.79 2.66
N LEU C 73 -5.19 -18.61 2.09
CA LEU C 73 -6.19 -17.73 2.69
C LEU C 73 -6.61 -18.23 4.06
N PRO C 74 -7.10 -17.31 4.93
CA PRO C 74 -7.57 -17.70 6.27
C PRO C 74 -8.51 -18.92 6.24
N THR C 75 -8.19 -19.93 7.07
CA THR C 75 -8.88 -21.21 7.05
C THR C 75 -10.37 -21.10 7.39
N ARG C 76 -10.71 -20.18 8.31
CA ARG C 76 -12.13 -19.95 8.71
C ARG C 76 -12.82 -18.79 7.98
N GLY C 77 -12.29 -18.39 6.83
CA GLY C 77 -12.95 -17.42 5.95
C GLY C 77 -12.41 -16.02 6.09
N SER C 78 -12.62 -15.23 5.03
CA SER C 78 -12.09 -13.87 4.95
C SER C 78 -12.77 -13.13 3.82
N ASN C 79 -12.55 -11.80 3.80
CA ASN C 79 -13.03 -10.92 2.72
C ASN C 79 -11.89 -10.49 1.78
N VAL C 80 -10.84 -11.30 1.67
CA VAL C 80 -9.70 -11.01 0.79
C VAL C 80 -9.49 -12.13 -0.22
N GLY C 81 -8.64 -11.86 -1.20
CA GLY C 81 -8.28 -12.85 -2.22
C GLY C 81 -7.19 -12.37 -3.17
N VAL C 82 -6.87 -13.22 -4.14
CA VAL C 82 -5.84 -12.94 -5.12
C VAL C 82 -6.24 -11.63 -5.80
N PRO C 83 -5.34 -10.63 -5.82
CA PRO C 83 -5.77 -9.28 -6.20
C PRO C 83 -6.44 -9.20 -7.58
N THR C 84 -7.49 -8.37 -7.67
CA THR C 84 -8.28 -8.22 -8.89
C THR C 84 -7.55 -7.57 -10.07
N ASP C 85 -6.50 -6.81 -9.78
CA ASP C 85 -5.71 -6.13 -10.83
C ASP C 85 -4.75 -7.06 -11.61
N ALA C 86 -4.61 -8.32 -11.17
CA ALA C 86 -3.84 -9.33 -11.91
C ALA C 86 -4.80 -10.20 -12.72
N LYS C 87 -4.89 -9.93 -14.02
CA LYS C 87 -5.86 -10.59 -14.89
C LYS C 87 -5.62 -12.11 -14.97
N PHE C 88 -6.64 -12.89 -14.61
CA PHE C 88 -6.59 -14.36 -14.69
C PHE C 88 -6.55 -14.84 -16.15
N ILE C 89 -5.84 -15.94 -16.39
CA ILE C 89 -5.78 -16.57 -17.72
C ILE C 89 -7.18 -16.81 -18.30
N SER C 90 -8.13 -17.16 -17.44
CA SER C 90 -9.52 -17.34 -17.82
C SER C 90 -10.17 -16.08 -18.39
N LYS C 91 -9.94 -14.93 -17.74
CA LYS C 91 -10.48 -13.65 -18.22
C LYS C 91 -9.87 -13.27 -19.56
N LEU C 92 -8.56 -13.46 -19.71
CA LEU C 92 -7.88 -13.15 -20.96
C LEU C 92 -8.47 -13.97 -22.10
N LEU C 93 -8.65 -15.26 -21.88
CA LEU C 93 -9.23 -16.14 -22.89
C LEU C 93 -10.70 -15.76 -23.15
N ASN C 94 -11.46 -15.46 -22.10
CA ASN C 94 -12.86 -15.01 -22.25
C ASN C 94 -12.97 -13.75 -23.13
N GLU C 95 -12.02 -12.82 -22.96
CA GLU C 95 -11.96 -11.60 -23.77
C GLU C 95 -11.55 -11.86 -25.21
N ASN C 96 -10.89 -12.98 -25.47
CA ASN C 96 -10.58 -13.43 -26.83
C ASN C 96 -11.51 -14.58 -27.27
N ASN C 97 -12.79 -14.46 -26.92
CA ASN C 97 -13.88 -15.31 -27.46
C ASN C 97 -14.03 -16.73 -26.88
N TYR C 98 -13.30 -17.09 -25.82
CA TYR C 98 -13.45 -18.44 -25.22
C TYR C 98 -14.65 -18.56 -24.29
N PHE C 99 -15.37 -19.68 -24.41
CA PHE C 99 -16.34 -20.11 -23.41
C PHE C 99 -15.54 -20.72 -22.23
N THR C 100 -15.78 -20.25 -21.01
CA THR C 100 -14.91 -20.57 -19.87
C THR C 100 -15.64 -21.23 -18.71
N GLY C 101 -15.05 -22.30 -18.18
CA GLY C 101 -15.61 -22.99 -17.02
C GLY C 101 -14.54 -23.31 -15.99
N ALA C 102 -14.95 -23.29 -14.71
CA ALA C 102 -14.08 -23.71 -13.62
C ALA C 102 -14.86 -24.65 -12.73
N LEU C 103 -14.23 -25.75 -12.32
CA LEU C 103 -14.90 -26.77 -11.53
C LEU C 103 -14.09 -27.15 -10.31
N GLY C 104 -14.79 -27.29 -9.19
CA GLY C 104 -14.20 -27.80 -7.96
C GLY C 104 -13.58 -26.74 -7.08
N LYS C 105 -12.34 -27.00 -6.67
CA LYS C 105 -11.63 -26.17 -5.70
C LYS C 105 -11.22 -24.82 -6.28
N TRP C 106 -11.48 -23.76 -5.53
CA TRP C 106 -11.08 -22.40 -5.91
C TRP C 106 -9.86 -21.97 -5.08
N HIS C 107 -10.07 -21.67 -3.80
CA HIS C 107 -8.98 -21.30 -2.87
C HIS C 107 -8.26 -20.00 -3.27
N MET C 108 -8.99 -19.08 -3.91
CA MET C 108 -8.44 -17.81 -4.35
C MET C 108 -9.33 -16.58 -4.02
N GLY C 109 -10.34 -16.76 -3.15
CA GLY C 109 -11.16 -15.66 -2.63
C GLY C 109 -12.67 -15.90 -2.70
N ASP C 110 -13.35 -15.70 -1.56
CA ASP C 110 -14.81 -15.94 -1.41
C ASP C 110 -15.69 -14.79 -1.91
N THR C 111 -15.18 -13.55 -1.87
CA THR C 111 -16.05 -12.37 -2.06
C THR C 111 -16.51 -12.17 -3.52
N PRO C 112 -17.56 -11.34 -3.74
CA PRO C 112 -18.08 -11.12 -5.08
C PRO C 112 -17.03 -10.83 -6.16
N GLN C 113 -16.14 -9.88 -5.91
CA GLN C 113 -15.11 -9.50 -6.89
C GLN C 113 -14.00 -10.55 -7.07
N HIS C 114 -13.79 -11.43 -6.07
CA HIS C 114 -12.84 -12.56 -6.18
C HIS C 114 -13.46 -13.88 -6.67
N HIS C 115 -14.79 -13.90 -6.86
CA HIS C 115 -15.53 -15.10 -7.25
C HIS C 115 -15.18 -15.51 -8.69
N PRO C 116 -15.17 -16.83 -9.00
CA PRO C 116 -14.89 -17.30 -10.36
C PRO C 116 -15.60 -16.57 -11.50
N ASN C 117 -16.86 -16.21 -11.30
CA ASN C 117 -17.66 -15.51 -12.31
C ASN C 117 -17.18 -14.08 -12.59
N LYS C 118 -16.48 -13.46 -11.64
CA LYS C 118 -15.86 -12.15 -11.86
CA LYS C 118 -15.86 -12.15 -11.86
C LYS C 118 -14.36 -12.26 -12.21
N ARG C 119 -13.79 -13.47 -12.11
CA ARG C 119 -12.43 -13.75 -12.61
C ARG C 119 -12.44 -14.46 -13.98
N GLY C 120 -13.49 -14.24 -14.78
CA GLY C 120 -13.50 -14.65 -16.18
C GLY C 120 -14.00 -16.05 -16.53
N PHE C 121 -14.73 -16.69 -15.62
CA PHE C 121 -15.32 -18.00 -15.86
C PHE C 121 -16.82 -17.85 -16.05
N ASP C 122 -17.32 -18.21 -17.24
CA ASP C 122 -18.76 -18.19 -17.49
C ASP C 122 -19.49 -19.18 -16.57
N GLU C 123 -18.91 -20.37 -16.40
CA GLU C 123 -19.46 -21.41 -15.54
C GLU C 123 -18.55 -21.69 -14.35
N TYR C 124 -19.16 -21.92 -13.19
CA TYR C 124 -18.45 -22.43 -12.01
C TYR C 124 -19.37 -23.37 -11.27
N TYR C 125 -18.86 -24.56 -10.96
CA TYR C 125 -19.56 -25.51 -10.11
C TYR C 125 -18.54 -26.08 -9.13
N GLY C 126 -18.70 -25.81 -7.84
CA GLY C 126 -17.73 -26.29 -6.87
C GLY C 126 -17.85 -25.68 -5.50
N PHE C 127 -16.71 -25.67 -4.79
CA PHE C 127 -16.61 -25.17 -3.41
C PHE C 127 -15.44 -24.19 -3.40
N LEU C 128 -15.64 -23.06 -2.73
CA LEU C 128 -14.72 -21.93 -2.84
C LEU C 128 -13.47 -21.99 -1.93
N GLY C 129 -13.49 -22.85 -0.90
CA GLY C 129 -12.39 -22.96 0.05
C GLY C 129 -11.21 -23.85 -0.32
N GLY C 130 -10.48 -24.30 0.72
CA GLY C 130 -9.29 -25.12 0.55
C GLY C 130 -9.53 -26.61 0.30
N GLY C 131 -10.78 -27.04 0.46
CA GLY C 131 -11.13 -28.43 0.20
C GLY C 131 -12.56 -28.73 0.56
N HIS C 132 -12.91 -30.01 0.59
CA HIS C 132 -14.28 -30.42 0.91
C HIS C 132 -14.35 -31.89 1.30
N ASN C 133 -15.29 -32.21 2.19
CA ASN C 133 -15.65 -33.60 2.47
C ASN C 133 -16.26 -34.19 1.21
N TYR C 134 -16.02 -35.48 1.00
CA TYR C 134 -16.32 -36.13 -0.29
C TYR C 134 -17.71 -36.77 -0.41
N PHE C 135 -18.36 -37.06 0.72
CA PHE C 135 -19.65 -37.77 0.72
C PHE C 135 -20.80 -36.87 1.19
N PRO C 136 -21.68 -36.44 0.26
CA PRO C 136 -22.87 -35.66 0.61
C PRO C 136 -23.75 -36.23 1.74
N ASP C 137 -23.96 -37.54 1.75
CA ASP C 137 -24.70 -38.18 2.84
C ASP C 137 -24.03 -38.01 4.23
N GLN C 138 -22.72 -37.80 4.26
CA GLN C 138 -21.99 -37.51 5.49
C GLN C 138 -22.05 -36.01 5.83
N TYR C 139 -21.71 -35.13 4.88
CA TYR C 139 -21.54 -33.71 5.21
C TYR C 139 -22.84 -32.88 5.29
N GLN C 140 -23.83 -33.19 4.46
CA GLN C 140 -25.08 -32.42 4.44
C GLN C 140 -25.86 -32.41 5.77
N PRO C 141 -25.97 -33.58 6.46
CA PRO C 141 -26.60 -33.57 7.78
C PRO C 141 -25.86 -32.75 8.83
N GLN C 142 -24.51 -32.81 8.83
CA GLN C 142 -23.69 -31.99 9.73
C GLN C 142 -23.96 -30.48 9.51
N TYR C 143 -24.01 -30.06 8.25
CA TYR C 143 -24.25 -28.67 7.89
C TYR C 143 -25.66 -28.20 8.28
N LYS C 144 -26.65 -29.04 7.99
CA LYS C 144 -28.07 -28.78 8.32
C LYS C 144 -28.23 -28.55 9.82
N LYS C 145 -27.62 -29.43 10.62
CA LYS C 145 -27.64 -29.34 12.10
C LYS C 145 -27.05 -28.01 12.60
N GLN C 146 -25.89 -27.65 12.07
CA GLN C 146 -25.19 -26.43 12.50
C GLN C 146 -25.90 -25.15 12.03
N LYS C 147 -26.42 -25.13 10.79
CA LYS C 147 -27.20 -23.99 10.33
C LYS C 147 -28.45 -23.76 11.19
N ALA C 148 -29.17 -24.84 11.51
CA ALA C 148 -30.37 -24.76 12.37
C ALA C 148 -30.07 -24.29 13.81
N GLN C 149 -28.85 -24.55 14.29
CA GLN C 149 -28.36 -24.03 15.57
C GLN C 149 -27.99 -22.52 15.56
N GLY C 150 -28.03 -21.89 14.38
CA GLY C 150 -27.75 -20.46 14.24
C GLY C 150 -26.28 -20.10 14.00
N LEU C 151 -25.42 -21.11 13.84
CA LEU C 151 -23.99 -20.87 13.61
C LEU C 151 -23.79 -20.32 12.21
N LYS C 152 -22.98 -19.26 12.11
CA LYS C 152 -22.66 -18.60 10.85
C LYS C 152 -21.26 -18.92 10.32
N ASN C 153 -20.33 -19.32 11.19
CA ASN C 153 -18.97 -19.68 10.78
C ASN C 153 -18.83 -21.19 10.78
N ILE C 154 -19.21 -21.79 9.66
CA ILE C 154 -19.22 -23.26 9.56
C ILE C 154 -18.02 -23.70 8.73
N PHE C 155 -17.34 -24.74 9.21
CA PHE C 155 -16.19 -25.33 8.54
C PHE C 155 -16.50 -25.52 7.05
N GLU C 156 -15.70 -24.89 6.19
CA GLU C 156 -16.01 -24.80 4.75
C GLU C 156 -16.07 -26.14 4.02
N TYR C 157 -15.51 -27.19 4.62
CA TYR C 157 -15.53 -28.54 4.05
C TYR C 157 -16.91 -29.24 4.06
N ILE C 158 -17.85 -28.78 4.89
CA ILE C 158 -19.20 -29.33 4.91
C ILE C 158 -20.25 -28.41 4.28
N THR C 159 -19.86 -27.22 3.83
CA THR C 159 -20.82 -26.27 3.29
C THR C 159 -21.27 -26.71 1.89
N PRO C 160 -22.49 -26.31 1.47
CA PRO C 160 -22.99 -26.71 0.16
C PRO C 160 -22.09 -26.24 -0.97
N LEU C 161 -22.00 -27.05 -2.01
CA LEU C 161 -21.38 -26.63 -3.26
C LEU C 161 -22.32 -25.62 -3.92
N GLU C 162 -21.80 -24.91 -4.92
CA GLU C 162 -22.59 -23.91 -5.63
C GLU C 162 -22.39 -24.04 -7.11
N HIS C 163 -23.34 -23.49 -7.86
CA HIS C 163 -23.25 -23.32 -9.30
C HIS C 163 -23.54 -21.85 -9.58
N ASN C 164 -22.55 -21.14 -10.12
CA ASN C 164 -22.67 -19.71 -10.43
C ASN C 164 -23.35 -18.88 -9.33
N GLY C 165 -22.89 -19.04 -8.08
CA GLY C 165 -23.43 -18.30 -6.95
C GLY C 165 -24.71 -18.82 -6.27
N LYS C 166 -25.42 -19.78 -6.90
CA LYS C 166 -26.59 -20.41 -6.29
C LYS C 166 -26.19 -21.75 -5.68
N GLU C 167 -26.53 -21.97 -4.41
CA GLU C 167 -26.26 -23.24 -3.71
C GLU C 167 -26.96 -24.43 -4.36
N VAL C 168 -26.33 -25.59 -4.33
CA VAL C 168 -26.93 -26.83 -4.83
C VAL C 168 -26.95 -27.88 -3.74
N LYS C 169 -27.64 -28.98 -4.01
CA LYS C 169 -27.60 -30.16 -3.15
C LYS C 169 -27.02 -31.31 -3.97
N GLU C 170 -25.72 -31.51 -3.81
CA GLU C 170 -24.99 -32.55 -4.53
C GLU C 170 -25.38 -33.94 -4.02
N THR C 171 -25.45 -34.90 -4.93
CA THR C 171 -25.86 -36.28 -4.59
C THR C 171 -24.73 -37.31 -4.64
N GLN C 172 -23.69 -37.05 -5.43
CA GLN C 172 -22.61 -38.00 -5.67
C GLN C 172 -21.33 -37.70 -4.93
N TYR C 173 -20.48 -38.74 -4.84
CA TYR C 173 -19.08 -38.62 -4.38
C TYR C 173 -18.42 -37.48 -5.17
N ILE C 174 -17.78 -36.56 -4.45
CA ILE C 174 -17.39 -35.26 -5.03
C ILE C 174 -16.51 -35.38 -6.28
N THR C 175 -15.51 -36.25 -6.24
CA THR C 175 -14.71 -36.51 -7.45
C THR C 175 -15.60 -36.86 -8.65
N ASP C 176 -16.58 -37.72 -8.44
CA ASP C 176 -17.51 -38.13 -9.51
C ASP C 176 -18.43 -36.98 -9.91
N ALA C 177 -18.89 -36.21 -8.94
CA ALA C 177 -19.70 -35.03 -9.20
C ALA C 177 -18.99 -34.04 -10.11
N LEU C 178 -17.72 -33.76 -9.80
CA LEU C 178 -16.94 -32.82 -10.59
C LEU C 178 -16.65 -33.35 -11.98
N SER C 179 -16.46 -34.66 -12.08
CA SER C 179 -16.28 -35.31 -13.38
C SER C 179 -17.55 -35.22 -14.26
N ARG C 180 -18.70 -35.38 -13.64
CA ARG C 180 -19.99 -35.27 -14.29
C ARG C 180 -20.21 -33.86 -14.84
N GLU C 181 -19.81 -32.85 -14.08
CA GLU C 181 -19.91 -31.46 -14.51
C GLU C 181 -18.90 -31.09 -15.57
N ALA C 182 -17.76 -31.78 -15.62
CA ALA C 182 -16.80 -31.62 -16.73
C ALA C 182 -17.43 -32.09 -18.04
N VAL C 183 -18.12 -33.22 -18.00
CA VAL C 183 -18.88 -33.73 -19.14
C VAL C 183 -19.98 -32.72 -19.54
N ASN C 184 -20.75 -32.24 -18.55
CA ASN C 184 -21.79 -31.23 -18.80
C ASN C 184 -21.23 -29.98 -19.47
N PHE C 185 -20.06 -29.52 -19.01
CA PHE C 185 -19.46 -28.31 -19.54
C PHE C 185 -19.05 -28.47 -21.01
N VAL C 186 -18.31 -29.52 -21.32
CA VAL C 186 -17.87 -29.75 -22.70
C VAL C 186 -19.05 -30.10 -23.62
N ASP C 187 -20.13 -30.66 -23.06
CA ASP C 187 -21.39 -30.85 -23.79
C ASP C 187 -22.06 -29.52 -24.13
N LYS C 188 -22.13 -28.60 -23.16
CA LYS C 188 -22.64 -27.25 -23.39
C LYS C 188 -21.80 -26.49 -24.43
N ALA C 189 -20.50 -26.76 -24.44
CA ALA C 189 -19.56 -26.09 -25.35
C ALA C 189 -19.76 -26.44 -26.84
N VAL C 190 -20.35 -27.60 -27.13
CA VAL C 190 -20.67 -28.01 -28.50
C VAL C 190 -21.57 -26.99 -29.19
N ASN C 191 -22.62 -26.53 -28.50
CA ASN C 191 -23.59 -25.58 -29.05
C ASN C 191 -23.07 -24.16 -29.26
N LYS C 192 -22.01 -23.78 -28.53
CA LYS C 192 -21.37 -22.47 -28.71
C LYS C 192 -20.46 -22.56 -29.94
N LYS C 193 -20.44 -21.52 -30.76
CA LYS C 193 -19.53 -21.49 -31.91
C LYS C 193 -18.17 -20.90 -31.51
N HIS C 194 -17.62 -21.37 -30.40
CA HIS C 194 -16.43 -20.79 -29.75
C HIS C 194 -15.54 -21.93 -29.22
N PRO C 195 -14.23 -21.71 -29.15
CA PRO C 195 -13.40 -22.63 -28.38
C PRO C 195 -13.66 -22.49 -26.87
N PHE C 196 -13.26 -23.49 -26.08
CA PHE C 196 -13.51 -23.46 -24.64
C PHE C 196 -12.23 -23.65 -23.83
N PHE C 197 -12.25 -23.07 -22.62
CA PHE C 197 -11.22 -23.28 -21.61
C PHE C 197 -11.90 -23.83 -20.37
N LEU C 198 -11.41 -24.98 -19.89
CA LEU C 198 -11.95 -25.61 -18.68
C LEU C 198 -10.84 -25.79 -17.65
N TYR C 199 -11.08 -25.27 -16.44
CA TYR C 199 -10.16 -25.42 -15.31
C TYR C 199 -10.81 -26.43 -14.35
N LEU C 200 -10.32 -27.66 -14.36
CA LEU C 200 -10.90 -28.74 -13.55
C LEU C 200 -9.98 -28.99 -12.35
N ALA C 201 -10.43 -28.50 -11.19
CA ALA C 201 -9.62 -28.49 -9.98
C ALA C 201 -10.19 -29.50 -8.99
N TYR C 202 -9.73 -30.74 -9.08
CA TYR C 202 -10.18 -31.79 -8.16
C TYR C 202 -9.59 -31.56 -6.78
N ASN C 203 -10.38 -31.79 -5.73
CA ASN C 203 -9.81 -31.81 -4.37
C ASN C 203 -9.11 -33.13 -4.02
N ALA C 204 -9.38 -34.20 -4.75
CA ALA C 204 -8.64 -35.47 -4.56
C ALA C 204 -7.19 -35.32 -5.04
N PRO C 205 -6.21 -35.92 -4.37
CA PRO C 205 -6.38 -36.82 -3.20
C PRO C 205 -6.13 -36.14 -1.85
N HIS C 206 -6.52 -34.87 -1.73
CA HIS C 206 -6.33 -34.09 -0.51
C HIS C 206 -7.21 -34.63 0.61
N THR C 207 -6.78 -34.42 1.84
CA THR C 207 -7.56 -34.79 3.02
C THR C 207 -8.98 -34.14 2.99
N PRO C 208 -9.97 -34.75 3.64
CA PRO C 208 -9.87 -36.01 4.40
C PRO C 208 -9.80 -37.21 3.50
N LEU C 209 -9.07 -38.24 3.94
CA LEU C 209 -8.93 -39.46 3.17
C LEU C 209 -10.24 -40.25 3.18
N GLN C 210 -11.04 -40.03 2.13
CA GLN C 210 -12.36 -40.61 1.97
C GLN C 210 -12.51 -41.12 0.53
N ALA C 211 -12.57 -42.43 0.38
CA ALA C 211 -12.76 -43.07 -0.93
C ALA C 211 -14.00 -43.95 -0.94
N LYS C 212 -14.46 -44.24 -2.14
CA LYS C 212 -15.56 -45.19 -2.33
C LYS C 212 -15.02 -46.60 -2.16
N ASP C 213 -15.81 -47.47 -1.50
CA ASP C 213 -15.45 -48.90 -1.36
C ASP C 213 -15.13 -49.56 -2.71
N GLU C 214 -15.84 -49.15 -3.75
CA GLU C 214 -15.69 -49.73 -5.10
C GLU C 214 -14.33 -49.42 -5.73
N ASP C 215 -13.77 -48.24 -5.42
CA ASP C 215 -12.43 -47.86 -5.88
C ASP C 215 -11.33 -48.53 -5.03
N MET C 216 -11.54 -48.60 -3.72
CA MET C 216 -10.60 -49.27 -2.81
C MET C 216 -10.50 -50.78 -3.06
N ALA C 217 -11.60 -51.38 -3.51
CA ALA C 217 -11.62 -52.81 -3.86
C ALA C 217 -10.66 -53.18 -4.99
N MET C 218 -10.31 -52.20 -5.84
CA MET C 218 -9.37 -52.41 -6.93
C MET C 218 -7.90 -52.51 -6.51
N PHE C 219 -7.62 -52.30 -5.23
CA PHE C 219 -6.23 -52.36 -4.72
C PHE C 219 -6.13 -53.30 -3.52
N PRO C 220 -6.45 -54.59 -3.73
CA PRO C 220 -6.46 -55.56 -2.64
C PRO C 220 -5.08 -55.85 -2.08
N ASN C 221 -4.03 -55.70 -2.88
CA ASN C 221 -2.65 -55.94 -2.42
C ASN C 221 -1.99 -54.73 -1.72
N ILE C 222 -2.69 -53.60 -1.61
CA ILE C 222 -2.25 -52.48 -0.78
C ILE C 222 -2.78 -52.67 0.64
N LYS C 223 -1.87 -52.99 1.56
CA LYS C 223 -2.19 -53.36 2.94
C LYS C 223 -2.40 -52.15 3.87
N ASN C 224 -1.60 -51.09 3.69
CA ASN C 224 -1.73 -49.86 4.50
C ASN C 224 -3.05 -49.15 4.24
N LYS C 225 -3.83 -48.91 5.31
CA LYS C 225 -5.20 -48.40 5.22
C LYS C 225 -5.28 -47.05 4.51
N ASP C 226 -4.42 -46.13 4.91
CA ASP C 226 -4.35 -44.79 4.31
C ASP C 226 -3.95 -44.84 2.85
N ARG C 227 -2.97 -45.68 2.54
CA ARG C 227 -2.47 -45.84 1.17
C ARG C 227 -3.53 -46.43 0.24
N LYS C 228 -4.35 -47.35 0.77
CA LYS C 228 -5.44 -47.95 0.02
C LYS C 228 -6.56 -46.94 -0.24
N THR C 229 -6.95 -46.19 0.80
CA THR C 229 -7.93 -45.11 0.67
C THR C 229 -7.44 -44.09 -0.35
N TYR C 230 -6.18 -43.65 -0.18
CA TYR C 230 -5.54 -42.70 -1.11
C TYR C 230 -5.53 -43.23 -2.54
N ALA C 231 -5.16 -44.50 -2.70
CA ALA C 231 -5.15 -45.16 -4.02
C ALA C 231 -6.53 -45.12 -4.67
N GLY C 232 -7.54 -45.47 -3.89
CA GLY C 232 -8.93 -45.36 -4.32
C GLY C 232 -9.31 -43.96 -4.77
N MET C 233 -8.92 -42.95 -3.99
CA MET C 233 -9.23 -41.56 -4.31
C MET C 233 -8.64 -41.15 -5.66
N VAL C 234 -7.39 -41.57 -5.89
CA VAL C 234 -6.69 -41.29 -7.15
C VAL C 234 -7.34 -42.05 -8.29
N TYR C 235 -7.74 -43.30 -8.07
CA TYR C 235 -8.45 -44.07 -9.08
C TYR C 235 -9.74 -43.39 -9.52
N ALA C 236 -10.44 -42.77 -8.56
CA ALA C 236 -11.65 -41.99 -8.88
C ALA C 236 -11.35 -40.85 -9.85
N VAL C 237 -10.21 -40.17 -9.63
CA VAL C 237 -9.77 -39.09 -10.54
C VAL C 237 -9.51 -39.67 -11.93
N ASP C 238 -8.83 -40.81 -11.97
CA ASP C 238 -8.57 -41.49 -13.25
C ASP C 238 -9.87 -41.85 -14.00
N ARG C 239 -10.86 -42.39 -13.29
CA ARG C 239 -12.18 -42.67 -13.89
C ARG C 239 -12.79 -41.40 -14.48
N GLY C 240 -12.71 -40.30 -13.71
CA GLY C 240 -13.19 -38.99 -14.14
C GLY C 240 -12.53 -38.46 -15.39
N VAL C 241 -11.20 -38.61 -15.49
CA VAL C 241 -10.45 -38.21 -16.68
C VAL C 241 -10.93 -39.03 -17.89
N GLY C 242 -11.11 -40.33 -17.70
CA GLY C 242 -11.67 -41.20 -18.73
C GLY C 242 -13.04 -40.74 -19.22
N LYS C 243 -13.92 -40.41 -18.28
CA LYS C 243 -15.27 -39.93 -18.60
C LYS C 243 -15.22 -38.63 -19.42
N LEU C 244 -14.35 -37.70 -19.01
CA LEU C 244 -14.15 -36.45 -19.74
C LEU C 244 -13.61 -36.68 -21.15
N VAL C 245 -12.56 -37.52 -21.25
CA VAL C 245 -11.95 -37.88 -22.53
C VAL C 245 -12.97 -38.50 -23.50
N GLU C 246 -13.77 -39.43 -22.99
CA GLU C 246 -14.86 -40.05 -23.76
C GLU C 246 -15.84 -39.02 -24.30
N ALA C 247 -16.24 -38.07 -23.47
CA ALA C 247 -17.14 -36.98 -23.91
C ALA C 247 -16.48 -36.12 -25.01
N LEU C 248 -15.20 -35.83 -24.86
CA LEU C 248 -14.46 -35.06 -25.87
C LEU C 248 -14.44 -35.77 -27.22
N LYS C 249 -14.28 -37.08 -27.21
CA LYS C 249 -14.28 -37.90 -28.44
C LYS C 249 -15.65 -37.93 -29.11
N LYS C 250 -16.69 -38.20 -28.33
CA LYS C 250 -18.08 -38.19 -28.81
C LYS C 250 -18.45 -36.83 -29.43
N ASN C 251 -17.98 -35.75 -28.82
CA ASN C 251 -18.25 -34.40 -29.30
C ASN C 251 -17.32 -33.92 -30.42
N ASN C 252 -16.35 -34.74 -30.84
CA ASN C 252 -15.33 -34.34 -31.82
C ASN C 252 -14.53 -33.10 -31.37
N GLN C 253 -14.28 -33.01 -30.06
CA GLN C 253 -13.49 -31.94 -29.44
C GLN C 253 -12.06 -32.38 -29.13
N TYR C 254 -11.89 -33.69 -28.91
CA TYR C 254 -10.65 -34.31 -28.44
C TYR C 254 -9.41 -33.94 -29.25
N ASP C 255 -9.51 -34.03 -30.58
CA ASP C 255 -8.34 -33.78 -31.45
C ASP C 255 -7.89 -32.31 -31.48
N ASN C 256 -8.79 -31.38 -31.18
CA ASN C 256 -8.44 -29.96 -31.12
C ASN C 256 -8.49 -29.41 -29.68
N THR C 257 -8.10 -30.25 -28.71
CA THR C 257 -8.05 -29.83 -27.30
C THR C 257 -6.68 -30.18 -26.74
N LEU C 258 -6.01 -29.16 -26.20
CA LEU C 258 -4.80 -29.35 -25.39
C LEU C 258 -5.25 -29.63 -23.98
N ILE C 259 -4.96 -30.84 -23.50
CA ILE C 259 -5.22 -31.22 -22.12
C ILE C 259 -3.90 -31.16 -21.36
N VAL C 260 -3.93 -30.50 -20.21
CA VAL C 260 -2.82 -30.49 -19.27
C VAL C 260 -3.33 -31.18 -18.01
N PHE C 261 -2.55 -32.13 -17.49
CA PHE C 261 -2.86 -32.74 -16.21
C PHE C 261 -1.66 -32.54 -15.27
N MET C 262 -1.92 -32.10 -14.05
CA MET C 262 -0.84 -31.86 -13.07
C MET C 262 -1.35 -31.89 -11.63
N SER C 263 -0.41 -31.76 -10.70
CA SER C 263 -0.72 -31.51 -9.29
C SER C 263 -0.44 -30.06 -8.93
N ASP C 264 -1.12 -29.56 -7.90
CA ASP C 264 -0.87 -28.19 -7.41
C ASP C 264 0.41 -28.11 -6.58
N ASN C 265 0.75 -29.23 -5.94
CA ASN C 265 1.97 -29.33 -5.17
C ASN C 265 2.34 -30.80 -4.94
N GLY C 266 3.45 -31.01 -4.24
CA GLY C 266 3.91 -32.34 -3.91
C GLY C 266 2.99 -33.05 -2.95
N GLY C 267 3.11 -34.37 -2.88
CA GLY C 267 2.24 -35.19 -2.06
C GLY C 267 2.65 -35.11 -0.61
N LYS C 268 1.67 -35.32 0.27
CA LYS C 268 1.91 -35.31 1.70
C LYS C 268 2.09 -36.74 2.19
N LEU C 269 3.29 -37.05 2.66
CA LEU C 269 3.67 -38.45 2.99
C LEU C 269 2.88 -39.03 4.14
N SER C 270 2.51 -38.19 5.11
CA SER C 270 1.69 -38.61 6.24
C SER C 270 0.20 -38.77 5.91
N LYS C 271 -0.22 -38.40 4.70
CA LYS C 271 -1.59 -38.61 4.24
C LYS C 271 -1.68 -39.45 2.96
N GLY C 272 -0.87 -40.52 2.92
CA GLY C 272 -1.00 -41.56 1.91
C GLY C 272 -0.20 -41.41 0.62
N ALA C 273 0.48 -40.28 0.43
CA ALA C 273 1.20 -40.02 -0.82
C ALA C 273 2.56 -40.63 -0.85
N ASN C 274 3.12 -40.73 -2.07
CA ASN C 274 4.48 -41.20 -2.30
C ASN C 274 5.12 -40.30 -3.37
N ASN C 275 6.28 -39.74 -3.06
CA ASN C 275 6.99 -38.82 -3.96
C ASN C 275 8.29 -39.39 -4.56
N PHE C 276 8.47 -40.72 -4.49
CA PHE C 276 9.67 -41.39 -4.99
C PHE C 276 9.96 -40.95 -6.44
N PRO C 277 11.20 -40.65 -6.80
CA PRO C 277 12.42 -40.72 -5.97
C PRO C 277 12.82 -39.40 -5.27
N LEU C 278 11.88 -38.47 -5.14
CA LEU C 278 12.20 -37.13 -4.64
C LEU C 278 12.23 -37.13 -3.11
N LYS C 279 13.03 -36.24 -2.55
CA LYS C 279 13.17 -36.11 -1.11
C LYS C 279 12.00 -35.26 -0.59
N ALA C 280 11.48 -35.63 0.57
CA ALA C 280 10.42 -34.89 1.30
C ALA C 280 9.09 -34.81 0.53
N GLY C 281 8.26 -33.81 0.83
CA GLY C 281 6.95 -33.68 0.20
C GLY C 281 6.31 -32.32 0.35
N LYS C 282 4.98 -32.30 0.38
CA LYS C 282 4.16 -31.07 0.45
C LYS C 282 4.75 -30.01 1.36
N GLY C 283 4.88 -28.79 0.83
CA GLY C 283 5.37 -27.65 1.59
C GLY C 283 6.88 -27.42 1.59
N SER C 284 7.64 -28.39 1.11
CA SER C 284 9.11 -28.34 1.18
C SER C 284 9.70 -27.65 -0.05
N THR C 285 10.88 -27.07 0.10
CA THR C 285 11.67 -26.60 -1.04
C THR C 285 12.66 -27.67 -1.54
N GLN C 286 12.67 -28.84 -0.90
CA GLN C 286 13.23 -30.05 -1.52
C GLN C 286 12.35 -30.34 -2.75
N GLU C 287 12.87 -31.12 -3.70
CA GLU C 287 12.13 -31.41 -4.94
C GLU C 287 10.73 -31.97 -4.69
N GLY C 288 10.57 -32.77 -3.63
CA GLY C 288 9.29 -33.39 -3.33
C GLY C 288 8.13 -32.44 -3.08
N GLY C 289 8.42 -31.19 -2.71
CA GLY C 289 7.39 -30.20 -2.43
C GLY C 289 6.80 -29.45 -3.60
N PHE C 290 7.60 -29.17 -4.62
CA PHE C 290 7.13 -28.36 -5.75
C PHE C 290 7.44 -28.90 -7.16
N ARG C 291 8.06 -30.07 -7.25
CA ARG C 291 8.21 -30.79 -8.52
C ARG C 291 7.06 -31.80 -8.60
N VAL C 292 6.29 -31.70 -9.68
CA VAL C 292 5.02 -32.43 -9.80
C VAL C 292 4.90 -33.23 -11.08
N PRO C 293 3.98 -34.21 -11.12
CA PRO C 293 3.67 -34.86 -12.41
C PRO C 293 3.00 -33.88 -13.35
N MET C 294 3.31 -33.96 -14.63
CA MET C 294 2.64 -33.15 -15.63
C MET C 294 2.68 -33.82 -16.98
N LEU C 295 1.58 -33.71 -17.72
CA LEU C 295 1.53 -34.16 -19.09
C LEU C 295 0.76 -33.17 -19.93
N PHE C 296 1.13 -33.07 -21.20
CA PHE C 296 0.38 -32.34 -22.23
C PHE C 296 -0.17 -33.38 -23.18
N HIS C 297 -1.39 -33.16 -23.66
CA HIS C 297 -1.98 -33.98 -24.71
C HIS C 297 -2.72 -33.14 -25.72
N TRP C 298 -2.32 -33.25 -26.97
CA TRP C 298 -2.90 -32.51 -28.10
C TRP C 298 -2.44 -33.19 -29.38
N PRO C 299 -3.31 -34.04 -29.97
CA PRO C 299 -2.93 -34.82 -31.16
C PRO C 299 -2.46 -33.97 -32.35
N LYS C 300 -1.37 -34.44 -32.98
CA LYS C 300 -0.74 -33.76 -34.11
C LYS C 300 -0.03 -32.43 -33.75
N HIS C 301 0.23 -32.20 -32.46
CA HIS C 301 0.88 -30.96 -31.96
C HIS C 301 1.84 -31.28 -30.84
N VAL C 302 1.34 -31.92 -29.78
CA VAL C 302 2.18 -32.50 -28.75
C VAL C 302 2.59 -33.87 -29.24
N PRO C 303 3.91 -34.12 -29.39
CA PRO C 303 4.35 -35.43 -29.86
C PRO C 303 3.85 -36.57 -28.94
N ALA C 304 3.51 -37.71 -29.54
CA ALA C 304 3.03 -38.87 -28.81
C ALA C 304 4.18 -39.70 -28.28
N GLY C 305 4.03 -40.21 -27.05
CA GLY C 305 4.99 -41.14 -26.47
C GLY C 305 6.32 -40.57 -25.98
N LYS C 306 6.38 -39.25 -25.75
CA LYS C 306 7.65 -38.59 -25.39
C LYS C 306 7.72 -38.19 -23.91
N ARG C 307 8.95 -37.88 -23.49
CA ARG C 307 9.27 -37.52 -22.12
C ARG C 307 10.21 -36.30 -22.16
N PHE C 308 9.66 -35.13 -21.81
CA PHE C 308 10.38 -33.84 -21.90
C PHE C 308 11.22 -33.59 -20.65
N SER C 309 12.53 -33.48 -20.82
CA SER C 309 13.49 -33.50 -19.72
C SER C 309 13.99 -32.13 -19.25
N HIS C 310 13.55 -31.04 -19.90
CA HIS C 310 13.97 -29.69 -19.49
C HIS C 310 12.96 -29.05 -18.52
N PRO C 311 13.46 -28.14 -17.63
CA PRO C 311 12.57 -27.48 -16.67
C PRO C 311 11.41 -26.75 -17.31
N VAL C 312 10.24 -26.85 -16.68
CA VAL C 312 9.04 -26.14 -17.07
C VAL C 312 8.35 -25.69 -15.78
N SER C 313 7.83 -24.47 -15.79
CA SER C 313 7.18 -23.86 -14.64
C SER C 313 5.69 -23.76 -14.88
N ALA C 314 4.91 -23.88 -13.81
CA ALA C 314 3.47 -23.62 -13.86
C ALA C 314 3.17 -22.21 -14.38
N LEU C 315 4.09 -21.29 -14.12
CA LEU C 315 4.00 -19.91 -14.59
C LEU C 315 3.97 -19.80 -16.12
N ASP C 316 4.58 -20.77 -16.80
CA ASP C 316 4.60 -20.83 -18.27
C ASP C 316 3.24 -21.06 -18.92
N LEU C 317 2.30 -21.65 -18.19
CA LEU C 317 0.99 -22.00 -18.78
C LEU C 317 0.19 -20.77 -19.20
N TYR C 318 0.32 -19.66 -18.46
CA TYR C 318 -0.39 -18.41 -18.80
C TYR C 318 0.00 -17.88 -20.19
N PRO C 319 1.29 -17.55 -20.41
CA PRO C 319 1.67 -17.07 -21.75
C PRO C 319 1.63 -18.14 -22.86
N THR C 320 1.83 -19.40 -22.50
CA THR C 320 1.74 -20.50 -23.46
C THR C 320 0.31 -20.67 -23.95
N PHE C 321 -0.65 -20.72 -23.03
CA PHE C 321 -2.06 -20.78 -23.40
C PHE C 321 -2.46 -19.56 -24.24
N ALA C 322 -2.01 -18.38 -23.82
CA ALA C 322 -2.34 -17.14 -24.52
C ALA C 322 -1.85 -17.14 -25.98
N ALA C 323 -0.59 -17.56 -26.19
CA ALA C 323 -0.03 -17.62 -27.54
C ALA C 323 -0.81 -18.57 -28.46
N LEU C 324 -1.11 -19.77 -27.97
CA LEU C 324 -1.91 -20.75 -28.71
C LEU C 324 -3.35 -20.28 -29.00
N ALA C 325 -3.91 -19.49 -28.09
CA ALA C 325 -5.26 -18.93 -28.26
C ALA C 325 -5.27 -17.65 -29.11
N GLY C 326 -4.10 -17.15 -29.49
CA GLY C 326 -4.00 -15.90 -30.23
C GLY C 326 -4.38 -14.68 -29.41
N ALA C 327 -4.23 -14.75 -28.09
CA ALA C 327 -4.56 -13.66 -27.18
C ALA C 327 -3.31 -12.86 -26.87
N LYS C 328 -3.39 -11.54 -27.03
CA LYS C 328 -2.24 -10.66 -26.80
C LYS C 328 -1.99 -10.49 -25.30
N VAL C 329 -0.71 -10.50 -24.92
CA VAL C 329 -0.26 -10.24 -23.56
C VAL C 329 0.35 -8.83 -23.52
N GLU C 330 -0.17 -7.97 -22.64
CA GLU C 330 0.41 -6.64 -22.40
C GLU C 330 1.60 -6.72 -21.42
N GLU C 331 2.62 -5.87 -21.63
CA GLU C 331 3.84 -5.87 -20.79
C GLU C 331 3.58 -5.39 -19.35
N ASN C 332 2.52 -4.60 -19.14
CA ASN C 332 2.11 -4.16 -17.81
C ASN C 332 1.54 -5.26 -16.90
N GLN C 333 1.29 -6.46 -17.46
CA GLN C 333 0.87 -7.62 -16.68
C GLN C 333 1.99 -8.28 -15.81
N HIS C 334 3.25 -8.02 -16.16
CA HIS C 334 4.43 -8.48 -15.42
C HIS C 334 4.56 -10.00 -15.28
N LEU C 335 4.23 -10.72 -16.34
CA LEU C 335 4.25 -12.20 -16.32
C LEU C 335 5.64 -12.73 -15.99
N ASP C 336 5.70 -13.73 -15.11
CA ASP C 336 6.99 -14.27 -14.62
C ASP C 336 7.46 -15.55 -15.31
N GLY C 337 6.58 -16.17 -16.09
CA GLY C 337 6.94 -17.35 -16.87
C GLY C 337 7.15 -16.98 -18.32
N THR C 338 7.28 -17.99 -19.17
CA THR C 338 7.54 -17.80 -20.59
C THR C 338 6.63 -18.69 -21.44
N ASN C 339 6.36 -18.24 -22.66
CA ASN C 339 5.73 -19.09 -23.69
C ASN C 339 6.74 -20.19 -24.03
N MET C 340 6.48 -21.40 -23.53
CA MET C 340 7.44 -22.50 -23.65
C MET C 340 7.33 -23.30 -24.96
N TRP C 341 6.34 -22.97 -25.78
CA TRP C 341 6.03 -23.77 -26.96
C TRP C 341 7.14 -23.81 -28.01
N PRO C 342 7.71 -22.64 -28.39
CA PRO C 342 8.82 -22.68 -29.36
C PRO C 342 9.95 -23.61 -28.93
N ALA C 343 10.44 -23.42 -27.71
CA ALA C 343 11.51 -24.26 -27.16
C ALA C 343 11.07 -25.71 -26.98
N PHE C 344 9.82 -25.92 -26.57
CA PHE C 344 9.25 -27.26 -26.43
C PHE C 344 9.32 -28.05 -27.74
N ILE C 345 8.91 -27.40 -28.83
CA ILE C 345 8.87 -28.03 -30.14
C ILE C 345 10.28 -28.40 -30.64
N LYS C 346 11.28 -27.57 -30.36
CA LYS C 346 12.68 -27.88 -30.71
C LYS C 346 13.40 -28.82 -29.71
N ASN C 347 12.69 -29.30 -28.69
CA ASN C 347 13.26 -30.09 -27.58
C ASN C 347 14.40 -29.37 -26.84
N GLU C 348 14.24 -28.05 -26.68
CA GLU C 348 15.20 -27.22 -25.97
C GLU C 348 14.65 -26.75 -24.61
N ASN C 349 15.55 -26.28 -23.75
CA ASN C 349 15.20 -25.77 -22.43
C ASN C 349 14.53 -24.39 -22.55
N PRO C 350 13.22 -24.30 -22.20
CA PRO C 350 12.57 -22.97 -22.24
C PRO C 350 13.04 -21.99 -21.15
N HIS C 351 13.81 -22.49 -20.18
CA HIS C 351 14.45 -21.67 -19.16
C HIS C 351 15.96 -21.85 -19.18
N LYS C 352 16.54 -21.93 -20.39
CA LYS C 352 17.99 -22.01 -20.58
C LYS C 352 18.65 -20.79 -19.94
N ASP C 353 19.55 -21.03 -18.99
CA ASP C 353 20.28 -19.98 -18.25
C ASP C 353 19.36 -19.01 -17.46
N GLU C 354 18.18 -19.48 -17.07
CA GLU C 354 17.22 -18.66 -16.31
C GLU C 354 16.71 -19.46 -15.11
N PRO C 355 16.67 -18.84 -13.92
CA PRO C 355 16.28 -19.60 -12.74
C PRO C 355 14.75 -19.79 -12.61
N ILE C 356 14.37 -20.85 -11.92
CA ILE C 356 13.01 -21.09 -11.44
C ILE C 356 13.14 -21.11 -9.93
N TYR C 357 12.22 -20.45 -9.24
CA TYR C 357 12.33 -20.24 -7.80
C TYR C 357 11.21 -20.89 -6.99
N ALA C 358 11.53 -21.26 -5.76
CA ALA C 358 10.50 -21.54 -4.75
C ALA C 358 10.95 -20.86 -3.46
N LEU C 359 10.01 -20.19 -2.79
CA LEU C 359 10.28 -19.50 -1.53
C LEU C 359 9.06 -19.68 -0.64
N ARG C 360 9.22 -20.51 0.40
CA ARG C 360 8.13 -20.85 1.32
C ARG C 360 8.50 -20.38 2.70
N HIS C 361 7.64 -19.57 3.30
CA HIS C 361 7.91 -18.97 4.60
C HIS C 361 7.53 -19.90 5.76
N ARG C 362 8.26 -19.74 6.86
CA ARG C 362 8.08 -20.53 8.07
C ARG C 362 8.20 -19.56 9.28
N LYS C 363 8.30 -20.10 10.49
CA LYS C 363 8.31 -19.27 11.70
C LYS C 363 9.71 -18.67 11.90
N GLY C 364 9.85 -17.41 11.52
CA GLY C 364 11.07 -16.66 11.76
C GLY C 364 12.15 -16.86 10.71
N TYR C 365 11.86 -17.65 9.67
CA TYR C 365 12.81 -17.89 8.58
C TYR C 365 12.06 -18.34 7.33
N SER C 366 12.79 -18.50 6.23
CA SER C 366 12.24 -18.96 4.97
C SER C 366 13.11 -20.07 4.38
N ASP C 367 12.47 -21.08 3.79
CA ASP C 367 13.13 -22.08 2.96
C ASP C 367 13.03 -21.64 1.51
N ALA C 368 14.02 -22.04 0.72
CA ALA C 368 14.11 -21.59 -0.67
C ALA C 368 14.70 -22.66 -1.58
N ALA C 369 14.43 -22.49 -2.87
CA ALA C 369 14.93 -23.39 -3.92
C ALA C 369 15.25 -22.57 -5.18
N ILE C 370 16.32 -22.95 -5.88
CA ILE C 370 16.64 -22.38 -7.19
C ILE C 370 16.95 -23.54 -8.15
N ARG C 371 16.22 -23.60 -9.25
CA ARG C 371 16.49 -24.56 -10.32
C ARG C 371 16.95 -23.81 -11.55
N MET C 372 18.13 -24.14 -12.04
CA MET C 372 18.81 -23.41 -13.10
C MET C 372 19.62 -24.43 -13.89
N ASN C 373 19.25 -24.69 -15.13
CA ASN C 373 19.90 -25.70 -15.98
C ASN C 373 20.00 -27.06 -15.23
N GLN C 374 21.21 -27.55 -14.96
CA GLN C 374 21.39 -28.82 -14.25
C GLN C 374 21.45 -28.66 -12.74
N TRP C 375 21.43 -27.40 -12.28
CA TRP C 375 21.72 -27.07 -10.88
C TRP C 375 20.46 -26.85 -10.05
N LYS C 376 20.46 -27.43 -8.85
CA LYS C 376 19.44 -27.17 -7.83
C LYS C 376 20.15 -26.59 -6.60
N ALA C 377 19.90 -25.31 -6.32
CA ALA C 377 20.36 -24.71 -5.06
C ALA C 377 19.25 -24.84 -4.03
N LEU C 378 19.61 -25.20 -2.81
CA LEU C 378 18.64 -25.54 -1.77
C LEU C 378 18.98 -24.88 -0.44
N LYS C 379 17.98 -24.21 0.13
CA LYS C 379 18.08 -23.62 1.46
C LYS C 379 16.93 -24.20 2.30
N VAL C 380 17.28 -24.99 3.31
CA VAL C 380 16.29 -25.69 4.12
C VAL C 380 16.69 -25.78 5.59
N ASN C 381 15.68 -25.71 6.46
CA ASN C 381 15.85 -25.93 7.92
C ASN C 381 16.93 -25.04 8.56
N GLN C 382 17.07 -23.82 8.05
CA GLN C 382 18.07 -22.85 8.53
C GLN C 382 19.54 -23.30 8.40
N GLN C 383 19.80 -24.33 7.58
CA GLN C 383 21.15 -24.83 7.35
C GLN C 383 21.74 -24.01 6.20
N PRO C 384 23.07 -24.09 5.98
CA PRO C 384 23.67 -23.34 4.86
C PRO C 384 23.20 -23.80 3.49
N TRP C 385 23.32 -22.92 2.49
CA TRP C 385 22.92 -23.24 1.11
C TRP C 385 23.63 -24.48 0.61
N GLN C 386 22.86 -25.37 -0.02
CA GLN C 386 23.39 -26.58 -0.61
C GLN C 386 23.22 -26.49 -2.12
N LEU C 387 24.08 -27.20 -2.86
CA LEU C 387 23.99 -27.27 -4.32
C LEU C 387 24.03 -28.72 -4.77
N PHE C 388 23.17 -29.07 -5.69
CA PHE C 388 23.10 -30.41 -6.26
C PHE C 388 23.09 -30.30 -7.77
N ASN C 389 23.73 -31.26 -8.43
CA ASN C 389 23.52 -31.45 -9.86
C ASN C 389 22.27 -32.34 -9.94
N ILE C 390 21.11 -31.72 -10.13
CA ILE C 390 19.84 -32.42 -9.99
C ILE C 390 19.59 -33.42 -11.12
N GLU C 391 20.22 -33.19 -12.27
CA GLU C 391 20.17 -34.15 -13.37
C GLU C 391 20.86 -35.49 -13.06
N ASN C 392 21.94 -35.47 -12.27
CA ASN C 392 22.63 -36.69 -11.82
C ASN C 392 22.25 -37.14 -10.41
N ASP C 393 21.53 -36.30 -9.67
CA ASP C 393 21.30 -36.47 -8.24
C ASP C 393 19.90 -35.97 -7.90
N ILE C 394 18.90 -36.60 -8.52
CA ILE C 394 17.48 -36.23 -8.37
C ILE C 394 16.99 -36.30 -6.91
N SER C 395 17.57 -37.20 -6.11
CA SER C 395 17.20 -37.35 -4.69
C SER C 395 17.98 -36.44 -3.73
N GLU C 396 18.77 -35.51 -4.28
CA GLU C 396 19.44 -34.46 -3.48
C GLU C 396 20.34 -35.05 -2.37
N LYS C 397 21.15 -36.03 -2.74
CA LYS C 397 22.04 -36.75 -1.82
C LYS C 397 23.45 -36.16 -1.67
N HIS C 398 23.96 -35.48 -2.69
CA HIS C 398 25.38 -35.11 -2.76
C HIS C 398 25.57 -33.60 -2.94
N ASP C 399 25.78 -32.90 -1.82
CA ASP C 399 26.00 -31.47 -1.80
C ASP C 399 27.37 -31.14 -2.39
N VAL C 400 27.38 -30.41 -3.51
CA VAL C 400 28.62 -30.07 -4.20
C VAL C 400 28.88 -28.54 -4.18
N SER C 401 28.42 -27.89 -3.11
CA SER C 401 28.60 -26.44 -2.95
C SER C 401 30.08 -26.07 -2.75
N LYS C 402 30.84 -26.93 -2.07
CA LYS C 402 32.28 -26.67 -1.84
C LYS C 402 33.11 -26.56 -3.14
N SER C 403 32.71 -27.31 -4.18
CA SER C 403 33.38 -27.28 -5.49
C SER C 403 32.84 -26.23 -6.48
N ASN C 404 31.81 -25.49 -6.09
CA ASN C 404 31.15 -24.53 -6.99
C ASN C 404 30.75 -23.25 -6.23
N LYS C 405 31.64 -22.74 -5.36
CA LYS C 405 31.30 -21.62 -4.47
C LYS C 405 30.77 -20.39 -5.21
N ALA C 406 31.46 -20.00 -6.27
CA ALA C 406 31.11 -18.79 -7.04
C ALA C 406 29.74 -18.90 -7.70
N LEU C 407 29.49 -20.05 -8.32
CA LEU C 407 28.21 -20.35 -8.97
C LEU C 407 27.01 -20.27 -8.00
N LEU C 408 27.15 -20.89 -6.83
CA LEU C 408 26.08 -20.92 -5.84
C LEU C 408 25.81 -19.51 -5.33
N THR C 409 26.88 -18.83 -4.91
CA THR C 409 26.81 -17.44 -4.46
C THR C 409 26.10 -16.55 -5.49
N ASP C 410 26.47 -16.73 -6.75
CA ASP C 410 25.82 -16.03 -7.86
C ASP C 410 24.32 -16.32 -7.97
N MET C 411 23.95 -17.60 -7.86
CA MET C 411 22.55 -18.01 -7.91
C MET C 411 21.73 -17.38 -6.77
N VAL C 412 22.31 -17.38 -5.56
CA VAL C 412 21.64 -16.82 -4.38
C VAL C 412 21.51 -15.29 -4.49
N ARG C 413 22.58 -14.63 -4.93
CA ARG C 413 22.53 -13.17 -5.13
C ARG C 413 21.49 -12.74 -6.16
N GLU C 414 21.33 -13.54 -7.22
CA GLU C 414 20.27 -13.29 -8.20
C GLU C 414 18.87 -13.44 -7.58
N MET C 415 18.71 -14.42 -6.69
CA MET C 415 17.44 -14.60 -5.97
C MET C 415 17.17 -13.45 -5.00
N GLU C 416 18.22 -13.00 -4.30
CA GLU C 416 18.14 -11.80 -3.46
C GLU C 416 17.70 -10.61 -4.29
N LYS C 417 18.31 -10.46 -5.47
CA LYS C 417 17.92 -9.38 -6.39
C LYS C 417 16.46 -9.48 -6.78
N TRP C 418 16.04 -10.69 -7.14
CA TRP C 418 14.64 -11.01 -7.47
C TRP C 418 13.64 -10.72 -6.34
N SER C 419 14.07 -10.87 -5.09
CA SER C 419 13.16 -10.75 -3.94
C SER C 419 12.66 -9.35 -3.60
N TRP C 420 13.32 -8.29 -4.07
CA TRP C 420 13.00 -6.93 -3.62
C TRP C 420 11.60 -6.44 -3.99
N ASP C 421 11.02 -6.94 -5.10
CA ASP C 421 9.64 -6.60 -5.46
C ASP C 421 8.60 -7.63 -4.99
N ASN C 422 9.01 -8.54 -4.10
CA ASN C 422 8.04 -9.35 -3.35
C ASN C 422 7.29 -8.40 -2.43
N GLN C 423 5.95 -8.49 -2.46
CA GLN C 423 5.10 -7.62 -1.66
C GLN C 423 4.95 -8.25 -0.29
N GLN C 424 4.71 -7.40 0.72
CA GLN C 424 4.36 -7.88 2.04
C GLN C 424 3.08 -8.69 1.87
N PRO C 425 2.94 -9.83 2.58
CA PRO C 425 1.72 -10.62 2.43
C PRO C 425 0.47 -9.82 2.77
N SER C 426 -0.58 -9.96 1.95
CA SER C 426 -1.86 -9.28 2.18
C SER C 426 -2.75 -10.01 3.21
N TRP C 427 -2.40 -11.26 3.53
CA TRP C 427 -3.10 -12.05 4.51
C TRP C 427 -2.19 -13.21 4.91
N PHE C 428 -2.66 -13.99 5.87
CA PHE C 428 -2.02 -15.24 6.31
C PHE C 428 -3.13 -16.27 6.51
N HIS C 429 -2.78 -17.55 6.63
CA HIS C 429 -3.82 -18.61 6.80
C HIS C 429 -4.38 -18.69 8.22
N GLU C 430 -3.64 -18.14 9.18
CA GLU C 430 -4.10 -18.01 10.56
C GLU C 430 -3.63 -16.68 11.13
N THR C 431 -4.39 -16.15 12.08
CA THR C 431 -4.07 -14.91 12.76
C THR C 431 -2.69 -14.94 13.45
N THR C 432 -2.39 -16.02 14.15
CA THR C 432 -1.10 -16.20 14.84
C THR C 432 0.11 -16.17 13.88
N GLU C 433 -0.08 -16.68 12.67
CA GLU C 433 0.94 -16.64 11.64
C GLU C 433 1.32 -15.21 11.26
N GLY C 434 0.31 -14.36 11.11
CA GLY C 434 0.51 -12.94 10.79
C GLY C 434 1.15 -12.18 11.95
N VAL C 435 0.74 -12.52 13.17
CA VAL C 435 1.35 -11.91 14.35
C VAL C 435 2.82 -12.27 14.43
N ASN C 436 3.13 -13.56 14.22
CA ASN C 436 4.53 -14.04 14.26
C ASN C 436 5.40 -13.41 13.16
N TRP C 437 4.81 -13.23 11.97
CA TRP C 437 5.47 -12.51 10.89
C TRP C 437 5.96 -11.13 11.35
N ARG C 438 5.06 -10.37 11.98
CA ARG C 438 5.41 -9.02 12.48
C ARG C 438 6.39 -9.08 13.67
N LEU C 439 6.16 -10.00 14.60
CA LEU C 439 7.06 -10.17 15.76
C LEU C 439 8.49 -10.50 15.35
N ASP C 440 8.65 -11.29 14.29
CA ASP C 440 9.96 -11.76 13.86
C ASP C 440 10.61 -10.89 12.79
N ALA C 441 10.00 -9.75 12.46
CA ALA C 441 10.56 -8.77 11.51
C ALA C 441 10.69 -9.32 10.09
N MET C 442 9.78 -10.23 9.74
CA MET C 442 9.87 -10.94 8.47
C MET C 442 9.63 -10.01 7.27
N PRO C 443 10.25 -10.30 6.12
CA PRO C 443 11.09 -11.47 5.89
C PRO C 443 12.51 -11.36 6.44
N ARG C 444 13.02 -12.41 7.07
CA ARG C 444 14.41 -12.45 7.54
C ARG C 444 15.34 -12.92 6.41
N PHE C 445 15.40 -12.10 5.37
CA PHE C 445 16.17 -12.41 4.18
C PHE C 445 17.67 -12.26 4.41
N ASP C 446 18.08 -11.63 5.52
CA ASP C 446 19.48 -11.67 5.94
C ASP C 446 19.95 -13.10 6.18
N LYS C 447 19.06 -13.96 6.69
CA LYS C 447 19.37 -15.37 6.89
C LYS C 447 19.19 -16.16 5.61
N THR C 448 18.14 -15.84 4.84
CA THR C 448 17.79 -16.59 3.64
C THR C 448 18.86 -16.48 2.55
N PHE C 449 19.42 -15.30 2.36
CA PHE C 449 20.40 -15.05 1.28
C PHE C 449 21.84 -14.87 1.76
N LYS C 450 22.17 -15.40 2.93
CA LYS C 450 23.54 -15.39 3.45
C LYS C 450 24.46 -16.30 2.62
N THR C 451 25.59 -15.72 2.17
CA THR C 451 26.70 -16.39 1.44
C THR C 451 26.23 -17.05 0.15
C1 G4S D . -8.93 15.54 23.92
C2 G4S D . -9.52 14.17 24.21
C3 G4S D . -9.22 13.25 23.03
C4 G4S D . -9.81 13.84 21.75
C5 G4S D . -9.17 15.22 21.58
C6 G4S D . -9.64 15.95 20.33
O2 G4S D . -8.94 13.65 25.41
O3 G4S D . -9.73 11.93 23.28
O4 G4S D . -11.25 13.87 21.78
O5 G4S D . -9.46 16.04 22.71
O6 G4S D . -8.85 17.12 20.24
S G4S D . -12.04 13.21 20.64
O7 G4S D . -13.65 13.22 20.87
O8 G4S D . -11.68 11.84 20.54
O9 G4S D . -11.70 13.90 19.45
C1 DGS D . -8.84 10.91 22.79
C2 DGS D . -9.49 9.54 22.94
C3 DGS D . -8.44 8.43 22.72
C4 DGS D . -7.28 8.60 23.70
C5 DGS D . -6.68 9.83 23.08
C6 DGS D . -6.71 9.46 21.60
O2 DGS D . -10.08 9.50 24.23
O3 DGS D . -7.87 8.62 21.43
O4 DGS D . -6.34 7.52 23.67
O5 DGS D . -7.54 10.92 23.43
O7 DGS D . -11.79 8.76 25.83
O8 DGS D . -10.08 7.28 25.25
O9 DGS D . -11.82 7.73 23.54
S DGS D . -10.95 8.32 24.75
C1 G4S D . -5.43 7.55 24.79
C2 G4S D . -5.76 6.39 25.73
C3 G4S D . -4.70 6.21 26.81
C4 G4S D . -3.30 6.18 26.16
C5 G4S D . -3.07 7.43 25.30
C6 G4S D . -1.68 7.45 24.64
O2 G4S D . -7.04 6.59 26.36
O3 G4S D . -5.03 5.04 27.58
O4 G4S D . -3.13 5.03 25.32
O5 G4S D . -4.09 7.45 24.29
O6 G4S D . -1.36 8.78 24.24
S G4S D . -2.02 3.96 25.51
O7 G4S D . -1.57 3.43 24.03
O8 G4S D . -2.54 2.85 26.28
O9 G4S D . -0.87 4.52 26.15
C1 G4S E . -7.79 23.35 33.45
C2 G4S E . -7.45 21.87 33.63
C3 G4S E . -6.92 21.28 32.32
C4 G4S E . -7.89 21.55 31.16
C5 G4S E . -8.23 23.06 31.09
C6 G4S E . -9.26 23.39 30.01
O1 G4S E . -8.39 23.89 34.64
O2 G4S E . -6.47 21.72 34.66
O3 G4S E . -6.67 19.87 32.49
O4 G4S E . -9.07 20.72 31.27
O5 G4S E . -8.71 23.53 32.36
O6 G4S E . -9.52 24.79 29.93
S G4S E . -9.74 19.92 30.11
O7 G4S E . -8.99 18.71 29.86
O8 G4S E . -11.06 19.57 30.52
O9 G4S E . -9.86 20.78 28.73
C1 DGS E . -5.67 19.35 31.57
C2 DGS E . -5.80 17.81 31.47
C3 DGS E . -4.48 17.15 31.05
C4 DGS E . -3.40 17.61 32.01
C5 DGS E . -3.23 19.00 31.41
C6 DGS E . -3.31 18.78 29.90
O2 DGS E . -6.27 17.24 32.71
O3 DGS E . -4.12 17.61 29.75
O4 DGS E . -2.21 16.79 32.01
O5 DGS E . -4.33 19.82 31.87
O7 DGS E . -7.78 15.61 31.70
O8 DGS E . -7.57 15.66 34.04
O9 DGS E . -5.68 14.69 32.75
S DGS E . -6.87 15.82 32.80
C1 G4S F . 29.47 3.70 -2.64
C2 G4S F . 29.12 4.70 -1.55
C3 G4S F . 27.60 4.71 -1.36
C4 G4S F . 26.88 5.03 -2.67
C5 G4S F . 27.37 3.99 -3.71
C6 G4S F . 26.70 4.07 -5.09
O2 G4S F . 29.78 4.30 -0.37
O3 G4S F . 27.29 5.65 -0.34
O4 G4S F . 27.15 6.38 -3.02
O5 G4S F . 28.79 4.05 -3.85
O6 G4S F . 27.07 2.89 -5.82
S G4S F . 26.05 7.36 -3.40
O7 G4S F . 25.07 7.42 -2.34
O8 G4S F . 25.32 6.70 -4.70
O9 G4S F . 26.58 8.70 -3.73
C1 DGS F . 26.27 5.12 0.52
C2 DGS F . 25.79 6.19 1.50
C3 DGS F . 24.84 5.53 2.50
C4 DGS F . 25.62 4.47 3.28
C5 DGS F . 25.71 3.45 2.17
C6 DGS F . 24.28 3.46 1.65
O2 DGS F . 26.92 6.72 2.17
O3 DGS F . 23.86 4.82 1.76
O4 DGS F . 24.90 3.95 4.40
O5 DGS F . 26.67 3.94 1.22
O7 DGS F . 25.84 9.03 2.45
O8 DGS F . 26.47 7.68 4.42
O9 DGS F . 28.23 8.51 3.08
S DGS F . 26.89 7.97 3.08
C1 G4S F . 25.71 3.11 5.24
C2 G4S F . 25.90 3.82 6.57
C3 G4S F . 26.65 2.93 7.54
C4 G4S F . 25.91 1.60 7.66
C5 G4S F . 25.75 0.94 6.30
C6 G4S F . 24.99 -0.38 6.38
O2 G4S F . 26.65 5.01 6.36
O3 G4S F . 26.84 3.60 8.82
O4 G4S F . 24.61 1.85 8.22
O5 G4S F . 25.08 1.84 5.40
O6 G4S F . 25.35 -1.25 5.29
S G4S F . 24.19 1.20 9.56
O7 G4S F . 24.54 -0.21 9.53
O8 G4S F . 22.57 1.31 9.72
O9 G4S F . 24.85 1.89 10.65
C1 G4S G . 41.18 0.27 -3.60
C2 G4S G . 40.51 0.53 -2.26
C3 G4S G . 39.01 0.18 -2.30
C4 G4S G . 38.34 0.92 -3.45
C5 G4S G . 39.12 0.61 -4.75
C6 G4S G . 38.54 1.29 -5.98
O2 G4S G . 41.13 -0.25 -1.22
O3 G4S G . 38.38 0.48 -1.03
O4 G4S G . 38.31 2.32 -3.18
O5 G4S G . 40.49 0.99 -4.61
O6 G4S G . 39.21 0.85 -7.15
S G4S G . 37.01 3.16 -3.26
O7 G4S G . 36.37 2.90 -4.52
O8 G4S G . 36.15 2.85 -2.16
O9 G4S G . 37.36 4.75 -3.17
C1 DGS G . 37.25 -0.39 -0.78
C2 DGS G . 36.36 0.19 0.34
C3 DGS G . 35.40 -0.89 0.88
C4 DGS G . 36.12 -2.13 1.40
C5 DGS G . 36.59 -2.61 0.03
C6 DGS G . 35.29 -2.51 -0.76
O2 DGS G . 37.16 0.70 1.40
O3 DGS G . 34.62 -1.36 -0.22
O4 DGS G . 35.21 -3.03 2.07
O5 DGS G . 37.63 -1.75 -0.49
O7 DGS G . 36.86 3.12 1.38
O8 DGS G . 37.60 2.06 3.35
O9 DGS G . 35.17 1.85 2.68
S DGS G . 36.74 1.95 2.20
C1 G4S G . 35.77 -4.07 2.93
C2 G4S G . 34.60 -4.65 3.74
C3 G4S G . 34.98 -5.89 4.56
C4 G4S G . 35.68 -6.91 3.67
C5 G4S G . 36.88 -6.22 3.02
C6 G4S G . 37.68 -7.20 2.16
O2 G4S G . 34.10 -3.64 4.63
O3 G4S G . 33.81 -6.46 5.18
O4 G4S G . 34.79 -7.39 2.67
O5 G4S G . 36.45 -5.12 2.22
O6 G4S G . 39.00 -6.68 1.98
S G4S G . 33.73 -8.46 2.99
O7 G4S G . 34.34 -9.53 3.75
O8 G4S G . 33.13 -9.08 1.59
O9 G4S G . 32.65 -7.89 3.75
C1 G4S H . -5.37 -28.71 5.41
C2 G4S H . -3.91 -28.75 4.98
C3 G4S H . -3.48 -27.37 4.56
C4 G4S H . -4.34 -26.88 3.40
C5 G4S H . -5.81 -26.95 3.87
C6 G4S H . -6.80 -26.54 2.81
O2 G4S H . -3.09 -29.20 6.05
O3 G4S H . -2.09 -27.38 4.23
O4 G4S H . -4.07 -27.68 2.24
O5 G4S H . -6.15 -28.27 4.31
O6 G4S H . -8.09 -26.54 3.43
S G4S H . -3.63 -27.05 0.91
O7 G4S H . -2.51 -26.18 1.14
O8 G4S H . -3.33 -28.09 -0.06
O9 G4S H . -4.91 -26.17 0.42
C1 DGS H . -1.44 -26.19 4.63
C2 DGS H . 0.02 -26.14 4.15
C3 DGS H . 0.77 -25.01 4.85
C4 DGS H . 0.72 -25.22 6.35
C5 DGS H . -0.74 -24.91 6.56
C6 DGS H . -0.87 -23.63 5.73
O2 DGS H . 0.64 -27.40 4.45
O3 DGS H . 0.06 -23.81 4.65
O4 DGS H . 1.57 -24.29 7.00
O5 DGS H . -1.50 -26.02 6.06
O7 DGS H . 2.36 -27.21 2.53
O8 DGS H . 3.08 -27.12 4.88
O9 DGS H . 2.21 -29.19 4.04
S DGS H . 2.09 -27.74 4.03
C1 G4S H . 1.66 -24.52 8.40
C2 G4S H . 3.03 -25.04 8.69
C3 G4S H . 3.24 -25.20 10.17
C4 G4S H . 2.93 -23.88 10.88
C5 G4S H . 1.49 -23.55 10.55
C6 G4S H . 0.92 -22.42 11.42
O2 G4S H . 3.22 -26.32 8.09
O3 G4S H . 4.58 -25.62 10.30
O4 G4S H . 3.80 -22.82 10.45
O5 G4S H . 1.49 -23.32 9.14
O6 G4S H . 1.55 -21.18 11.13
S G4S H . 5.00 -22.28 11.28
O7 G4S H . 6.38 -23.10 10.90
O8 G4S H . 4.76 -22.35 12.69
O9 G4S H . 5.21 -20.89 10.96
CA CA I . -15.97 12.99 20.64
C1 G4S J . -1.64 20.36 25.25
C2 G4S J . -2.75 19.54 25.91
C3 G4S J . -4.11 20.23 25.84
C4 G4S J . -4.01 21.72 26.23
C5 G4S J . -2.85 22.39 25.48
C6 G4S J . -2.67 23.85 25.83
O1 G4S J . -0.39 19.74 25.56
O2 G4S J . -2.90 18.28 25.26
O3 G4S J . -5.01 19.50 26.69
O4 G4S J . -3.85 21.85 27.64
O5 G4S J . -1.63 21.70 25.73
O6 G4S J . -1.71 24.41 24.93
S G4S J . -5.01 22.36 28.54
O7 G4S J . -6.26 21.75 28.20
O8 G4S J . -4.70 22.07 29.91
O9 G4S J . -5.18 23.95 28.28
C2 9RN K . -7.24 18.68 27.18
C4 9RN K . -8.12 17.19 25.42
C5 9RN K . -7.72 18.29 24.46
C6 9RN K . -8.81 19.33 24.66
O4 9RN K . -9.25 16.42 25.00
O5 9RN K . -6.43 18.75 24.86
O3 9RN K . -9.26 19.13 26.00
C3 9RN K . -8.49 18.08 26.57
O2 9RN K . -6.51 17.63 27.79
C1 9RN K . -6.35 19.40 26.15
C2 9RN L . -4.48 3.74 29.62
C4 9RN L . -5.35 4.64 31.77
C5 9RN L . -5.03 6.01 31.22
C6 9RN L . -3.52 6.10 31.47
O4 9RN L . -5.26 4.56 33.19
O5 9RN L . -5.38 6.01 29.81
O3 9RN L . -3.06 4.73 31.37
C3 9RN L . -4.20 3.88 31.12
O2 9RN L . -5.67 2.99 29.41
C1 9RN L . -4.58 5.13 28.96
C1 EDO M . -7.41 -17.39 17.47
O1 EDO M . -6.40 -16.50 17.96
C2 EDO M . -6.97 -18.10 16.21
O2 EDO M . -6.82 -19.50 16.46
C TRS N . -42.60 11.50 -0.42
C1 TRS N . -43.91 11.08 0.32
C2 TRS N . -41.46 10.49 -0.17
C3 TRS N . -42.13 12.93 -0.16
N TRS N . -42.92 11.46 -1.88
O1 TRS N . -44.73 12.19 0.72
O2 TRS N . -41.91 9.14 0.01
O3 TRS N . -40.71 13.04 -0.15
N ARG O . -33.57 -9.17 18.89
CA ARG O . -34.31 -10.13 18.01
C ARG O . -34.20 -11.62 18.43
O ARG O . -34.58 -11.98 19.55
CB ARG O . -33.96 -9.91 16.53
CG ARG O . -35.04 -9.17 15.75
CD ARG O . -36.28 -10.05 15.53
NE ARG O . -37.51 -9.26 15.51
CZ ARG O . -37.96 -8.55 14.48
NH1 ARG O . -39.11 -7.87 14.60
NH2 ARG O . -37.31 -8.50 13.31
OXT ARG O . -33.74 -12.53 17.71
CA CA P . 26.52 10.97 -4.35
C1 G4S Q . 31.59 -4.72 -3.73
C2 G4S Q . 31.95 -3.42 -3.01
C3 G4S Q . 32.46 -2.38 -4.00
C4 G4S Q . 33.54 -2.93 -4.93
C5 G4S Q . 33.09 -4.27 -5.55
C6 G4S Q . 34.13 -4.92 -6.47
O1 G4S Q . 31.22 -5.72 -2.77
O2 G4S Q . 30.78 -2.90 -2.33
O3 G4S Q . 32.99 -1.29 -3.23
O4 G4S Q . 34.77 -3.07 -4.23
O5 G4S Q . 32.73 -5.17 -4.49
O6 G4S Q . 33.58 -6.12 -7.02
S G4S Q . 36.01 -2.30 -4.72
O7 G4S Q . 36.31 -2.75 -6.05
O8 G4S Q . 37.26 -2.58 -3.73
O9 G4S Q . 35.76 -0.89 -4.74
C2 9RN R . 33.48 1.07 -2.92
C4 9RN R . 31.43 2.41 -2.93
C5 9RN R . 31.08 1.71 -4.23
C6 9RN R . 31.99 2.43 -5.24
O4 9RN R . 30.89 3.71 -2.80
O5 9RN R . 31.39 0.32 -4.06
O3 9RN R . 33.12 2.90 -4.48
C3 9RN R . 32.93 2.48 -3.12
O2 9RN R . 33.34 0.75 -1.54
C1 9RN R . 32.78 0.02 -3.81
C2 9RN S . 28.17 3.77 10.90
C4 9RN S . 30.58 4.28 10.48
C5 9RN S . 30.52 3.24 9.37
C6 9RN S . 30.62 1.94 10.15
O4 9RN S . 31.89 4.39 11.03
O5 9RN S . 29.25 3.36 8.70
O3 9RN S . 29.99 2.23 11.41
C3 9RN S . 29.60 3.61 11.43
O2 9RN S . 27.77 5.15 10.88
C1 9RN S . 28.05 3.15 9.48
C2 9RN T . 45.81 -0.93 -4.79
C4 9RN T . 43.45 -0.11 -4.45
C5 9RN T . 43.61 0.53 -5.82
C6 9RN T . 44.47 1.76 -5.53
O4 9RN T . 42.58 0.63 -3.56
O5 9RN T . 44.28 -0.39 -6.71
O3 9RN T . 45.20 1.39 -4.35
C3 9RN T . 44.90 0.04 -4.01
O2 9RN T . 45.62 -2.27 -4.33
C1 9RN T . 45.61 -0.83 -6.33
O1 9RN T . 45.86 -2.10 -6.95
C TRS U . 11.95 35.60 -22.27
C1 TRS U . 12.50 37.06 -22.29
C2 TRS U . 11.66 35.15 -20.81
C3 TRS U . 12.86 34.60 -23.00
N TRS U . 10.69 35.59 -23.07
O1 TRS U . 13.84 37.19 -22.75
O2 TRS U . 10.34 34.63 -20.63
O3 TRS U . 12.25 33.31 -23.15
CA CA V . -2.64 -29.00 -2.12
C1 G4S W . -11.30 -27.96 12.01
C2 G4S W . -9.95 -28.57 11.63
C3 G4S W . -10.14 -29.61 10.52
C4 G4S W . -11.25 -30.61 10.86
C5 G4S W . -12.50 -29.90 11.39
C6 G4S W . -13.59 -30.83 11.88
O1 G4S W . -11.18 -27.01 13.08
O2 G4S W . -9.05 -27.59 11.12
O3 G4S W . -8.88 -30.27 10.29
O4 G4S W . -10.74 -31.56 11.79
O5 G4S W . -12.19 -28.98 12.44
O6 G4S W . -14.66 -30.02 12.36
S G4S W . -10.68 -33.04 11.39
O7 G4S W . -12.24 -33.49 11.14
O8 G4S W . -10.04 -33.82 12.42
O9 G4S W . -9.96 -33.29 10.18
C2 9RN X . -7.44 -31.53 8.81
C4 9RN X . -6.55 -30.05 7.02
C5 9RN X . -7.99 -29.66 6.78
C6 9RN X . -8.53 -30.87 6.03
O4 9RN X . -5.78 -30.02 5.83
O5 9RN X . -8.61 -29.48 8.05
O3 9RN X . -7.71 -31.98 6.46
C3 9RN X . -6.79 -31.48 7.43
O2 9RN X . -6.45 -31.16 9.77
C1 9RN X . -8.68 -30.63 8.91
C2 9RN Y . 6.30 -26.25 11.83
C4 9RN Y . 6.03 -28.60 12.48
C5 9RN Y . 4.56 -28.34 12.77
C6 9RN Y . 4.62 -27.59 14.11
O4 9RN Y . 6.60 -29.64 13.23
O5 9RN Y . 4.09 -27.54 11.68
O3 9RN Y . 5.92 -26.93 14.13
C3 9RN Y . 6.61 -27.27 12.92
O2 9RN Y . 7.05 -26.50 10.64
C1 9RN Y . 4.77 -26.26 11.57
C1 EDO Z . -19.01 -44.62 -12.00
O1 EDO Z . -19.41 -45.51 -13.05
C2 EDO Z . -19.77 -44.96 -10.73
O2 EDO Z . -20.69 -43.92 -10.35
N ARG AA . 18.85 -28.81 -19.09
CA ARG AA . 20.28 -28.33 -19.11
C ARG AA . 20.45 -27.13 -20.02
O ARG AA . 21.55 -26.57 -20.12
CB ARG AA . 21.23 -29.45 -19.56
CG ARG AA . 22.63 -29.34 -18.98
CD ARG AA . 23.68 -29.99 -19.87
NE ARG AA . 25.04 -29.81 -19.36
CZ ARG AA . 25.73 -28.65 -19.37
NH1 ARG AA . 25.21 -27.51 -19.84
NH2 ARG AA . 26.98 -28.64 -18.89
OXT ARG AA . 19.52 -26.70 -20.70
#